data_2IC1
# 
_entry.id   2IC1 
# 
_audit_conform.dict_name       mmcif_pdbx.dic 
_audit_conform.dict_version    5.398 
_audit_conform.dict_location   http://mmcif.pdb.org/dictionaries/ascii/mmcif_pdbx.dic 
# 
loop_
_database_2.database_id 
_database_2.database_code 
_database_2.pdbx_database_accession 
_database_2.pdbx_DOI 
PDB   2IC1         pdb_00002ic1 10.2210/pdb2ic1/pdb 
RCSB  RCSB039396   ?            ?                   
WWPDB D_1000039396 ?            ?                   
# 
loop_
_pdbx_audit_revision_history.ordinal 
_pdbx_audit_revision_history.data_content_type 
_pdbx_audit_revision_history.major_revision 
_pdbx_audit_revision_history.minor_revision 
_pdbx_audit_revision_history.revision_date 
1 'Structure model' 1 0 2006-12-05 
2 'Structure model' 1 1 2008-05-01 
3 'Structure model' 1 2 2011-07-13 
4 'Structure model' 1 3 2023-08-30 
5 'Structure model' 1 4 2024-11-13 
# 
_pdbx_audit_revision_details.ordinal             1 
_pdbx_audit_revision_details.revision_ordinal    1 
_pdbx_audit_revision_details.data_content_type   'Structure model' 
_pdbx_audit_revision_details.provider            repository 
_pdbx_audit_revision_details.type                'Initial release' 
_pdbx_audit_revision_details.description         ? 
_pdbx_audit_revision_details.details             ? 
# 
loop_
_pdbx_audit_revision_group.ordinal 
_pdbx_audit_revision_group.revision_ordinal 
_pdbx_audit_revision_group.data_content_type 
_pdbx_audit_revision_group.group 
1 2 'Structure model' 'Version format compliance' 
2 3 'Structure model' 'Version format compliance' 
3 4 'Structure model' 'Data collection'           
4 4 'Structure model' 'Database references'       
5 4 'Structure model' 'Derived calculations'      
6 4 'Structure model' 'Refinement description'    
7 5 'Structure model' 'Structure summary'         
# 
loop_
_pdbx_audit_revision_category.ordinal 
_pdbx_audit_revision_category.revision_ordinal 
_pdbx_audit_revision_category.data_content_type 
_pdbx_audit_revision_category.category 
1  4 'Structure model' chem_comp_atom                
2  4 'Structure model' chem_comp_bond                
3  4 'Structure model' database_2                    
4  4 'Structure model' pdbx_initial_refinement_model 
5  4 'Structure model' pdbx_struct_conn_angle        
6  4 'Structure model' struct_conn                   
7  4 'Structure model' struct_ref_seq_dif            
8  4 'Structure model' struct_site                   
9  5 'Structure model' pdbx_entry_details            
10 5 'Structure model' pdbx_modification_feature     
# 
loop_
_pdbx_audit_revision_item.ordinal 
_pdbx_audit_revision_item.revision_ordinal 
_pdbx_audit_revision_item.data_content_type 
_pdbx_audit_revision_item.item 
1  4 'Structure model' '_database_2.pdbx_DOI'                        
2  4 'Structure model' '_database_2.pdbx_database_accession'         
3  4 'Structure model' '_pdbx_struct_conn_angle.ptnr1_auth_comp_id'  
4  4 'Structure model' '_pdbx_struct_conn_angle.ptnr1_auth_seq_id'   
5  4 'Structure model' '_pdbx_struct_conn_angle.ptnr1_label_asym_id' 
6  4 'Structure model' '_pdbx_struct_conn_angle.ptnr1_label_atom_id' 
7  4 'Structure model' '_pdbx_struct_conn_angle.ptnr1_label_comp_id' 
8  4 'Structure model' '_pdbx_struct_conn_angle.ptnr1_label_seq_id'  
9  4 'Structure model' '_pdbx_struct_conn_angle.ptnr3_auth_comp_id'  
10 4 'Structure model' '_pdbx_struct_conn_angle.ptnr3_auth_seq_id'   
11 4 'Structure model' '_pdbx_struct_conn_angle.ptnr3_label_asym_id' 
12 4 'Structure model' '_pdbx_struct_conn_angle.ptnr3_label_atom_id' 
13 4 'Structure model' '_pdbx_struct_conn_angle.ptnr3_label_comp_id' 
14 4 'Structure model' '_pdbx_struct_conn_angle.ptnr3_label_seq_id'  
15 4 'Structure model' '_pdbx_struct_conn_angle.value'               
16 4 'Structure model' '_struct_conn.pdbx_dist_value'                
17 4 'Structure model' '_struct_conn.pdbx_leaving_atom_flag'         
18 4 'Structure model' '_struct_conn.ptnr1_auth_comp_id'             
19 4 'Structure model' '_struct_conn.ptnr1_auth_seq_id'              
20 4 'Structure model' '_struct_conn.ptnr1_label_asym_id'            
21 4 'Structure model' '_struct_conn.ptnr1_label_atom_id'            
22 4 'Structure model' '_struct_conn.ptnr1_label_comp_id'            
23 4 'Structure model' '_struct_conn.ptnr1_label_seq_id'             
24 4 'Structure model' '_struct_conn.ptnr2_auth_comp_id'             
25 4 'Structure model' '_struct_conn.ptnr2_auth_seq_id'              
26 4 'Structure model' '_struct_conn.ptnr2_label_asym_id'            
27 4 'Structure model' '_struct_conn.ptnr2_label_atom_id'            
28 4 'Structure model' '_struct_conn.ptnr2_label_comp_id'            
29 4 'Structure model' '_struct_conn.ptnr2_label_seq_id'             
30 4 'Structure model' '_struct_ref_seq_dif.details'                 
31 4 'Structure model' '_struct_site.pdbx_auth_asym_id'              
32 4 'Structure model' '_struct_site.pdbx_auth_comp_id'              
33 4 'Structure model' '_struct_site.pdbx_auth_seq_id'               
# 
_pdbx_database_status.status_code                     REL 
_pdbx_database_status.entry_id                        2IC1 
_pdbx_database_status.recvd_initial_deposition_date   2006-09-12 
_pdbx_database_status.deposit_site                    RCSB 
_pdbx_database_status.process_site                    RCSB 
_pdbx_database_status.status_code_sf                  REL 
_pdbx_database_status.status_code_mr                  ? 
_pdbx_database_status.SG_entry                        ? 
_pdbx_database_status.pdb_format_compatible           Y 
_pdbx_database_status.status_code_cs                  ? 
_pdbx_database_status.status_code_nmr_data            ? 
_pdbx_database_status.methods_development_category    ? 
# 
loop_
_audit_author.name 
_audit_author.pdbx_ordinal 
'Ye, S.'   1 
'Wu, X.'   2 
'Wei, L.'  3 
'Tang, D.' 4 
'Sun, P.'  5 
'Rao, Z.'  6 
# 
_citation.id                        primary 
_citation.title                     
'An Insight into the Mechanism of Human Cysteine Dioxygenase: KEY ROLES OF THE THIOETHER-BONDED TYROSINE-CYSTEINE COFACTOR.' 
_citation.journal_abbrev            J.Biol.Chem. 
_citation.journal_volume            282 
_citation.page_first                3391 
_citation.page_last                 3402 
_citation.year                      2007 
_citation.journal_id_ASTM           JBCHA3 
_citation.country                   US 
_citation.journal_id_ISSN           0021-9258 
_citation.journal_id_CSD            0071 
_citation.book_publisher            ? 
_citation.pdbx_database_id_PubMed   17135237 
_citation.pdbx_database_id_DOI      10.1074/jbc.M609337200 
# 
loop_
_citation_author.citation_id 
_citation_author.name 
_citation_author.ordinal 
_citation_author.identifier_ORCID 
primary 'Ye, S.'      1 ? 
primary 'Wu, X.'      2 ? 
primary 'Wei, L.'     3 ? 
primary 'Tang, D.'    4 ? 
primary 'Sun, P.'     5 ? 
primary 'Bartlam, M.' 6 ? 
primary 'Rao, Z.'     7 ? 
# 
loop_
_entity.id 
_entity.type 
_entity.src_method 
_entity.pdbx_description 
_entity.formula_weight 
_entity.pdbx_number_of_molecules 
_entity.pdbx_ec 
_entity.pdbx_mutation 
_entity.pdbx_fragment 
_entity.details 
1 polymer     man 'Cysteine dioxygenase type 1' 23415.355 1   1.13.11.20 ? ? ? 
2 non-polymer syn 'FE (II) ION'                 55.845    1   ?          ? ? ? 
3 non-polymer syn CYSTEINE                      121.158   2   ?          ? ? ? 
4 water       nat water                         18.015    131 ?          ? ? ? 
# 
_entity_name_com.entity_id   1 
_entity_name_com.name        'Cysteine dioxygenase type I, CDO, CDO-I' 
# 
_entity_poly.entity_id                      1 
_entity_poly.type                           'polypeptide(L)' 
_entity_poly.nstd_linkage                   no 
_entity_poly.nstd_monomer                   no 
_entity_poly.pdbx_seq_one_letter_code       
;GPLGSMEQTEVLKPRTLADLIRILHQLFAGDEVNVEEVQAIMEAYESDPTEWAMYAKFDQYRYTRNLVDQGNGKFNLMIL
CWGEGHGSSIHDHTNSHCFLKMLQGNLKETLFAWPDKKSNEMVKKSERVLRENQCAYINDSIGLHRVENISHTEPAVSLH
LYSPPFDTCHAFDQRTGHKNKVTMTFHSKFGIRTPNATSGSLENN
;
_entity_poly.pdbx_seq_one_letter_code_can   
;GPLGSMEQTEVLKPRTLADLIRILHQLFAGDEVNVEEVQAIMEAYESDPTEWAMYAKFDQYRYTRNLVDQGNGKFNLMIL
CWGEGHGSSIHDHTNSHCFLKMLQGNLKETLFAWPDKKSNEMVKKSERVLRENQCAYINDSIGLHRVENISHTEPAVSLH
LYSPPFDTCHAFDQRTGHKNKVTMTFHSKFGIRTPNATSGSLENN
;
_entity_poly.pdbx_strand_id                 A 
_entity_poly.pdbx_target_identifier         ? 
# 
loop_
_pdbx_entity_nonpoly.entity_id 
_pdbx_entity_nonpoly.name 
_pdbx_entity_nonpoly.comp_id 
2 'FE (II) ION' FE2 
3 CYSTEINE      CYS 
4 water         HOH 
# 
loop_
_entity_poly_seq.entity_id 
_entity_poly_seq.num 
_entity_poly_seq.mon_id 
_entity_poly_seq.hetero 
1 1   GLY n 
1 2   PRO n 
1 3   LEU n 
1 4   GLY n 
1 5   SER n 
1 6   MET n 
1 7   GLU n 
1 8   GLN n 
1 9   THR n 
1 10  GLU n 
1 11  VAL n 
1 12  LEU n 
1 13  LYS n 
1 14  PRO n 
1 15  ARG n 
1 16  THR n 
1 17  LEU n 
1 18  ALA n 
1 19  ASP n 
1 20  LEU n 
1 21  ILE n 
1 22  ARG n 
1 23  ILE n 
1 24  LEU n 
1 25  HIS n 
1 26  GLN n 
1 27  LEU n 
1 28  PHE n 
1 29  ALA n 
1 30  GLY n 
1 31  ASP n 
1 32  GLU n 
1 33  VAL n 
1 34  ASN n 
1 35  VAL n 
1 36  GLU n 
1 37  GLU n 
1 38  VAL n 
1 39  GLN n 
1 40  ALA n 
1 41  ILE n 
1 42  MET n 
1 43  GLU n 
1 44  ALA n 
1 45  TYR n 
1 46  GLU n 
1 47  SER n 
1 48  ASP n 
1 49  PRO n 
1 50  THR n 
1 51  GLU n 
1 52  TRP n 
1 53  ALA n 
1 54  MET n 
1 55  TYR n 
1 56  ALA n 
1 57  LYS n 
1 58  PHE n 
1 59  ASP n 
1 60  GLN n 
1 61  TYR n 
1 62  ARG n 
1 63  TYR n 
1 64  THR n 
1 65  ARG n 
1 66  ASN n 
1 67  LEU n 
1 68  VAL n 
1 69  ASP n 
1 70  GLN n 
1 71  GLY n 
1 72  ASN n 
1 73  GLY n 
1 74  LYS n 
1 75  PHE n 
1 76  ASN n 
1 77  LEU n 
1 78  MET n 
1 79  ILE n 
1 80  LEU n 
1 81  CYS n 
1 82  TRP n 
1 83  GLY n 
1 84  GLU n 
1 85  GLY n 
1 86  HIS n 
1 87  GLY n 
1 88  SER n 
1 89  SER n 
1 90  ILE n 
1 91  HIS n 
1 92  ASP n 
1 93  HIS n 
1 94  THR n 
1 95  ASN n 
1 96  SER n 
1 97  HIS n 
1 98  CYS n 
1 99  PHE n 
1 100 LEU n 
1 101 LYS n 
1 102 MET n 
1 103 LEU n 
1 104 GLN n 
1 105 GLY n 
1 106 ASN n 
1 107 LEU n 
1 108 LYS n 
1 109 GLU n 
1 110 THR n 
1 111 LEU n 
1 112 PHE n 
1 113 ALA n 
1 114 TRP n 
1 115 PRO n 
1 116 ASP n 
1 117 LYS n 
1 118 LYS n 
1 119 SER n 
1 120 ASN n 
1 121 GLU n 
1 122 MET n 
1 123 VAL n 
1 124 LYS n 
1 125 LYS n 
1 126 SER n 
1 127 GLU n 
1 128 ARG n 
1 129 VAL n 
1 130 LEU n 
1 131 ARG n 
1 132 GLU n 
1 133 ASN n 
1 134 GLN n 
1 135 CYS n 
1 136 ALA n 
1 137 TYR n 
1 138 ILE n 
1 139 ASN n 
1 140 ASP n 
1 141 SER n 
1 142 ILE n 
1 143 GLY n 
1 144 LEU n 
1 145 HIS n 
1 146 ARG n 
1 147 VAL n 
1 148 GLU n 
1 149 ASN n 
1 150 ILE n 
1 151 SER n 
1 152 HIS n 
1 153 THR n 
1 154 GLU n 
1 155 PRO n 
1 156 ALA n 
1 157 VAL n 
1 158 SER n 
1 159 LEU n 
1 160 HIS n 
1 161 LEU n 
1 162 TYR n 
1 163 SER n 
1 164 PRO n 
1 165 PRO n 
1 166 PHE n 
1 167 ASP n 
1 168 THR n 
1 169 CYS n 
1 170 HIS n 
1 171 ALA n 
1 172 PHE n 
1 173 ASP n 
1 174 GLN n 
1 175 ARG n 
1 176 THR n 
1 177 GLY n 
1 178 HIS n 
1 179 LYS n 
1 180 ASN n 
1 181 LYS n 
1 182 VAL n 
1 183 THR n 
1 184 MET n 
1 185 THR n 
1 186 PHE n 
1 187 HIS n 
1 188 SER n 
1 189 LYS n 
1 190 PHE n 
1 191 GLY n 
1 192 ILE n 
1 193 ARG n 
1 194 THR n 
1 195 PRO n 
1 196 ASN n 
1 197 ALA n 
1 198 THR n 
1 199 SER n 
1 200 GLY n 
1 201 SER n 
1 202 LEU n 
1 203 GLU n 
1 204 ASN n 
1 205 ASN n 
# 
_entity_src_gen.entity_id                          1 
_entity_src_gen.pdbx_src_id                        1 
_entity_src_gen.pdbx_alt_source_flag               sample 
_entity_src_gen.pdbx_seq_type                      ? 
_entity_src_gen.pdbx_beg_seq_num                   ? 
_entity_src_gen.pdbx_end_seq_num                   ? 
_entity_src_gen.gene_src_common_name               human 
_entity_src_gen.gene_src_genus                     Homo 
_entity_src_gen.pdbx_gene_src_gene                 CDO1 
_entity_src_gen.gene_src_species                   ? 
_entity_src_gen.gene_src_strain                    ? 
_entity_src_gen.gene_src_tissue                    ? 
_entity_src_gen.gene_src_tissue_fraction           ? 
_entity_src_gen.gene_src_details                   ? 
_entity_src_gen.pdbx_gene_src_fragment             ? 
_entity_src_gen.pdbx_gene_src_scientific_name      'Homo sapiens' 
_entity_src_gen.pdbx_gene_src_ncbi_taxonomy_id     9606 
_entity_src_gen.pdbx_gene_src_variant              ? 
_entity_src_gen.pdbx_gene_src_cell_line            ? 
_entity_src_gen.pdbx_gene_src_atcc                 ? 
_entity_src_gen.pdbx_gene_src_organ                ? 
_entity_src_gen.pdbx_gene_src_organelle            ? 
_entity_src_gen.pdbx_gene_src_cell                 ? 
_entity_src_gen.pdbx_gene_src_cellular_location    ? 
_entity_src_gen.host_org_common_name               ? 
_entity_src_gen.pdbx_host_org_scientific_name      'Escherichia coli BL21(DE3)' 
_entity_src_gen.pdbx_host_org_ncbi_taxonomy_id     469008 
_entity_src_gen.host_org_genus                     Escherichia 
_entity_src_gen.pdbx_host_org_gene                 ? 
_entity_src_gen.pdbx_host_org_organ                ? 
_entity_src_gen.host_org_species                   'Escherichia coli' 
_entity_src_gen.pdbx_host_org_tissue               ? 
_entity_src_gen.pdbx_host_org_tissue_fraction      ? 
_entity_src_gen.pdbx_host_org_strain               'BL21(DE3)' 
_entity_src_gen.pdbx_host_org_variant              ? 
_entity_src_gen.pdbx_host_org_cell_line            ? 
_entity_src_gen.pdbx_host_org_atcc                 ? 
_entity_src_gen.pdbx_host_org_culture_collection   ? 
_entity_src_gen.pdbx_host_org_cell                 ? 
_entity_src_gen.pdbx_host_org_organelle            ? 
_entity_src_gen.pdbx_host_org_cellular_location    ? 
_entity_src_gen.pdbx_host_org_vector_type          PLASMID 
_entity_src_gen.pdbx_host_org_vector               ? 
_entity_src_gen.host_org_details                   ? 
_entity_src_gen.expression_system_id               ? 
_entity_src_gen.plasmid_name                       pGEX-6p-1 
_entity_src_gen.plasmid_details                    ? 
_entity_src_gen.pdbx_description                   ? 
# 
loop_
_chem_comp.id 
_chem_comp.type 
_chem_comp.mon_nstd_flag 
_chem_comp.name 
_chem_comp.pdbx_synonyms 
_chem_comp.formula 
_chem_comp.formula_weight 
ALA 'L-peptide linking' y ALANINE         ? 'C3 H7 N O2'     89.093  
ARG 'L-peptide linking' y ARGININE        ? 'C6 H15 N4 O2 1' 175.209 
ASN 'L-peptide linking' y ASPARAGINE      ? 'C4 H8 N2 O3'    132.118 
ASP 'L-peptide linking' y 'ASPARTIC ACID' ? 'C4 H7 N O4'     133.103 
CYS 'L-peptide linking' y CYSTEINE        ? 'C3 H7 N O2 S'   121.158 
FE2 non-polymer         . 'FE (II) ION'   ? 'Fe 2'           55.845  
GLN 'L-peptide linking' y GLUTAMINE       ? 'C5 H10 N2 O3'   146.144 
GLU 'L-peptide linking' y 'GLUTAMIC ACID' ? 'C5 H9 N O4'     147.129 
GLY 'peptide linking'   y GLYCINE         ? 'C2 H5 N O2'     75.067  
HIS 'L-peptide linking' y HISTIDINE       ? 'C6 H10 N3 O2 1' 156.162 
HOH non-polymer         . WATER           ? 'H2 O'           18.015  
ILE 'L-peptide linking' y ISOLEUCINE      ? 'C6 H13 N O2'    131.173 
LEU 'L-peptide linking' y LEUCINE         ? 'C6 H13 N O2'    131.173 
LYS 'L-peptide linking' y LYSINE          ? 'C6 H15 N2 O2 1' 147.195 
MET 'L-peptide linking' y METHIONINE      ? 'C5 H11 N O2 S'  149.211 
PHE 'L-peptide linking' y PHENYLALANINE   ? 'C9 H11 N O2'    165.189 
PRO 'L-peptide linking' y PROLINE         ? 'C5 H9 N O2'     115.130 
SER 'L-peptide linking' y SERINE          ? 'C3 H7 N O3'     105.093 
THR 'L-peptide linking' y THREONINE       ? 'C4 H9 N O3'     119.119 
TRP 'L-peptide linking' y TRYPTOPHAN      ? 'C11 H12 N2 O2'  204.225 
TYR 'L-peptide linking' y TYROSINE        ? 'C9 H11 N O3'    181.189 
VAL 'L-peptide linking' y VALINE          ? 'C5 H11 N O2'    117.146 
# 
loop_
_pdbx_poly_seq_scheme.asym_id 
_pdbx_poly_seq_scheme.entity_id 
_pdbx_poly_seq_scheme.seq_id 
_pdbx_poly_seq_scheme.mon_id 
_pdbx_poly_seq_scheme.ndb_seq_num 
_pdbx_poly_seq_scheme.pdb_seq_num 
_pdbx_poly_seq_scheme.auth_seq_num 
_pdbx_poly_seq_scheme.pdb_mon_id 
_pdbx_poly_seq_scheme.auth_mon_id 
_pdbx_poly_seq_scheme.pdb_strand_id 
_pdbx_poly_seq_scheme.pdb_ins_code 
_pdbx_poly_seq_scheme.hetero 
A 1 1   GLY 1   -4  ?   ?   ?   A . n 
A 1 2   PRO 2   -3  ?   ?   ?   A . n 
A 1 3   LEU 3   -2  ?   ?   ?   A . n 
A 1 4   GLY 4   -1  ?   ?   ?   A . n 
A 1 5   SER 5   0   ?   ?   ?   A . n 
A 1 6   MET 6   1   ?   ?   ?   A . n 
A 1 7   GLU 7   2   ?   ?   ?   A . n 
A 1 8   GLN 8   3   ?   ?   ?   A . n 
A 1 9   THR 9   4   ?   ?   ?   A . n 
A 1 10  GLU 10  5   ?   ?   ?   A . n 
A 1 11  VAL 11  6   6   VAL VAL A . n 
A 1 12  LEU 12  7   7   LEU LEU A . n 
A 1 13  LYS 13  8   8   LYS LYS A . n 
A 1 14  PRO 14  9   9   PRO PRO A . n 
A 1 15  ARG 15  10  10  ARG ARG A . n 
A 1 16  THR 16  11  11  THR THR A . n 
A 1 17  LEU 17  12  12  LEU LEU A . n 
A 1 18  ALA 18  13  13  ALA ALA A . n 
A 1 19  ASP 19  14  14  ASP ASP A . n 
A 1 20  LEU 20  15  15  LEU LEU A . n 
A 1 21  ILE 21  16  16  ILE ILE A . n 
A 1 22  ARG 22  17  17  ARG ARG A . n 
A 1 23  ILE 23  18  18  ILE ILE A . n 
A 1 24  LEU 24  19  19  LEU LEU A . n 
A 1 25  HIS 25  20  20  HIS HIS A . n 
A 1 26  GLN 26  21  21  GLN GLU A . n 
A 1 27  LEU 27  22  22  LEU LEU A . n 
A 1 28  PHE 28  23  23  PHE PHE A . n 
A 1 29  ALA 29  24  24  ALA ALA A . n 
A 1 30  GLY 30  25  25  GLY GLY A . n 
A 1 31  ASP 31  26  26  ASP ASP A . n 
A 1 32  GLU 32  27  27  GLU GLU A . n 
A 1 33  VAL 33  28  28  VAL VAL A . n 
A 1 34  ASN 34  29  29  ASN ASN A . n 
A 1 35  VAL 35  30  30  VAL VAL A . n 
A 1 36  GLU 36  31  31  GLU GLU A . n 
A 1 37  GLU 37  32  32  GLU GLU A . n 
A 1 38  VAL 38  33  33  VAL VAL A . n 
A 1 39  GLN 39  34  34  GLN GLN A . n 
A 1 40  ALA 40  35  35  ALA ALA A . n 
A 1 41  ILE 41  36  36  ILE ILE A . n 
A 1 42  MET 42  37  37  MET MET A . n 
A 1 43  GLU 43  38  38  GLU GLU A . n 
A 1 44  ALA 44  39  39  ALA ALA A . n 
A 1 45  TYR 45  40  40  TYR TYR A . n 
A 1 46  GLU 46  41  41  GLU GLU A . n 
A 1 47  SER 47  42  42  SER SER A . n 
A 1 48  ASP 48  43  43  ASP ASP A . n 
A 1 49  PRO 49  44  44  PRO PRO A . n 
A 1 50  THR 50  45  45  THR THR A . n 
A 1 51  GLU 51  46  46  GLU GLU A . n 
A 1 52  TRP 52  47  47  TRP TRP A . n 
A 1 53  ALA 53  48  48  ALA ALA A . n 
A 1 54  MET 54  49  49  MET MET A . n 
A 1 55  TYR 55  50  50  TYR TYR A . n 
A 1 56  ALA 56  51  51  ALA ALA A . n 
A 1 57  LYS 57  52  52  LYS LYS A . n 
A 1 58  PHE 58  53  53  PHE PHE A . n 
A 1 59  ASP 59  54  54  ASP ASP A . n 
A 1 60  GLN 60  55  55  GLN GLN A . n 
A 1 61  TYR 61  56  56  TYR TYR A . n 
A 1 62  ARG 62  57  57  ARG ARG A . n 
A 1 63  TYR 63  58  58  TYR TYR A . n 
A 1 64  THR 64  59  59  THR THR A . n 
A 1 65  ARG 65  60  60  ARG ARG A . n 
A 1 66  ASN 66  61  61  ASN ASN A . n 
A 1 67  LEU 67  62  62  LEU LEU A . n 
A 1 68  VAL 68  63  63  VAL VAL A . n 
A 1 69  ASP 69  64  64  ASP ASP A . n 
A 1 70  GLN 70  65  65  GLN GLN A . n 
A 1 71  GLY 71  66  66  GLY GLY A . n 
A 1 72  ASN 72  67  67  ASN ASN A . n 
A 1 73  GLY 73  68  68  GLY GLY A . n 
A 1 74  LYS 74  69  69  LYS LYS A . n 
A 1 75  PHE 75  70  70  PHE PHE A . n 
A 1 76  ASN 76  71  71  ASN ASN A . n 
A 1 77  LEU 77  72  72  LEU LEU A . n 
A 1 78  MET 78  73  73  MET MET A . n 
A 1 79  ILE 79  74  74  ILE ILE A . n 
A 1 80  LEU 80  75  75  LEU LEU A . n 
A 1 81  CYS 81  76  76  CYS CYS A . n 
A 1 82  TRP 82  77  77  TRP TRP A . n 
A 1 83  GLY 83  78  78  GLY GLY A . n 
A 1 84  GLU 84  79  79  GLU GLU A . n 
A 1 85  GLY 85  80  80  GLY GLY A . n 
A 1 86  HIS 86  81  81  HIS HIS A . n 
A 1 87  GLY 87  82  82  GLY GLY A . n 
A 1 88  SER 88  83  83  SER SER A . n 
A 1 89  SER 89  84  84  SER SER A . n 
A 1 90  ILE 90  85  85  ILE ILE A . n 
A 1 91  HIS 91  86  86  HIS HIS A . n 
A 1 92  ASP 92  87  87  ASP ASP A . n 
A 1 93  HIS 93  88  88  HIS HIS A . n 
A 1 94  THR 94  89  89  THR THR A . n 
A 1 95  ASN 95  90  90  ASN ASN A . n 
A 1 96  SER 96  91  91  SER SER A . n 
A 1 97  HIS 97  92  92  HIS HIS A . n 
A 1 98  CYS 98  93  93  CYS CYS A . n 
A 1 99  PHE 99  94  94  PHE PHE A . n 
A 1 100 LEU 100 95  95  LEU LEU A . n 
A 1 101 LYS 101 96  96  LYS LYS A . n 
A 1 102 MET 102 97  97  MET MET A . n 
A 1 103 LEU 103 98  98  LEU LEU A . n 
A 1 104 GLN 104 99  99  GLN GLN A . n 
A 1 105 GLY 105 100 100 GLY GLY A . n 
A 1 106 ASN 106 101 101 ASN ASN A . n 
A 1 107 LEU 107 102 102 LEU LEU A . n 
A 1 108 LYS 108 103 103 LYS LYS A . n 
A 1 109 GLU 109 104 104 GLU GLU A . n 
A 1 110 THR 110 105 105 THR THR A . n 
A 1 111 LEU 111 106 106 LEU LEU A . n 
A 1 112 PHE 112 107 107 PHE PHE A . n 
A 1 113 ALA 113 108 108 ALA ALA A . n 
A 1 114 TRP 114 109 109 TRP TRP A . n 
A 1 115 PRO 115 110 110 PRO PRO A . n 
A 1 116 ASP 116 111 111 ASP ASP A . n 
A 1 117 LYS 117 112 112 LYS LYS A . n 
A 1 118 LYS 118 113 113 LYS LYS A . n 
A 1 119 SER 119 114 114 SER SER A . n 
A 1 120 ASN 120 115 115 ASN ASN A . n 
A 1 121 GLU 121 116 116 GLU GLU A . n 
A 1 122 MET 122 117 117 MET MET A . n 
A 1 123 VAL 123 118 118 VAL VAL A . n 
A 1 124 LYS 124 119 119 LYS LYS A . n 
A 1 125 LYS 125 120 120 LYS LYS A . n 
A 1 126 SER 126 121 121 SER SER A . n 
A 1 127 GLU 127 122 122 GLU GLU A . n 
A 1 128 ARG 128 123 123 ARG ARG A . n 
A 1 129 VAL 129 124 124 VAL VAL A . n 
A 1 130 LEU 130 125 125 LEU LEU A . n 
A 1 131 ARG 131 126 126 ARG ARG A . n 
A 1 132 GLU 132 127 127 GLU GLU A . n 
A 1 133 ASN 133 128 128 ASN ASN A . n 
A 1 134 GLN 134 129 129 GLN GLN A . n 
A 1 135 CYS 135 130 130 CYS CYS A . n 
A 1 136 ALA 136 131 131 ALA ALA A . n 
A 1 137 TYR 137 132 132 TYR TYR A . n 
A 1 138 ILE 138 133 133 ILE ILE A . n 
A 1 139 ASN 139 134 134 ASN ASN A . n 
A 1 140 ASP 140 135 135 ASP ASP A . n 
A 1 141 SER 141 136 136 SER SER A . n 
A 1 142 ILE 142 137 137 ILE ILE A . n 
A 1 143 GLY 143 138 138 GLY GLY A . n 
A 1 144 LEU 144 139 139 LEU LEU A . n 
A 1 145 HIS 145 140 140 HIS HIS A . n 
A 1 146 ARG 146 141 141 ARG ARG A . n 
A 1 147 VAL 147 142 142 VAL VAL A . n 
A 1 148 GLU 148 143 143 GLU GLU A . n 
A 1 149 ASN 149 144 144 ASN ASN A . n 
A 1 150 ILE 150 145 145 ILE ILE A . n 
A 1 151 SER 151 146 146 SER SER A . n 
A 1 152 HIS 152 147 147 HIS HIS A . n 
A 1 153 THR 153 148 148 THR THR A . n 
A 1 154 GLU 154 149 149 GLU GLU A . n 
A 1 155 PRO 155 150 150 PRO PRO A . n 
A 1 156 ALA 156 151 151 ALA ALA A . n 
A 1 157 VAL 157 152 152 VAL VAL A . n 
A 1 158 SER 158 153 153 SER SER A . n 
A 1 159 LEU 159 154 154 LEU LEU A . n 
A 1 160 HIS 160 155 155 HIS HIS A . n 
A 1 161 LEU 161 156 156 LEU LEU A . n 
A 1 162 TYR 162 157 157 TYR TYR A . n 
A 1 163 SER 163 158 158 SER SER A . n 
A 1 164 PRO 164 159 159 PRO CPR A . n 
A 1 165 PRO 165 160 160 PRO PRO A . n 
A 1 166 PHE 166 161 161 PHE PHE A . n 
A 1 167 ASP 167 162 162 ASP ASP A . n 
A 1 168 THR 168 163 163 THR THR A . n 
A 1 169 CYS 169 164 164 CYS CYS A . n 
A 1 170 HIS 170 165 165 HIS HIS A . n 
A 1 171 ALA 171 166 166 ALA ALA A . n 
A 1 172 PHE 172 167 167 PHE PHE A . n 
A 1 173 ASP 173 168 168 ASP ASP A . n 
A 1 174 GLN 174 169 169 GLN GLN A . n 
A 1 175 ARG 175 170 170 ARG ARG A . n 
A 1 176 THR 176 171 171 THR THR A . n 
A 1 177 GLY 177 172 172 GLY GLY A . n 
A 1 178 HIS 178 173 173 HIS HIS A . n 
A 1 179 LYS 179 174 174 LYS LYS A . n 
A 1 180 ASN 180 175 175 ASN ASN A . n 
A 1 181 LYS 181 176 176 LYS LYS A . n 
A 1 182 VAL 182 177 177 VAL VAL A . n 
A 1 183 THR 183 178 178 THR THR A . n 
A 1 184 MET 184 179 179 MET MET A . n 
A 1 185 THR 185 180 180 THR THR A . n 
A 1 186 PHE 186 181 181 PHE PHE A . n 
A 1 187 HIS 187 182 182 HIS HIS A . n 
A 1 188 SER 188 183 183 SER SER A . n 
A 1 189 LYS 189 184 184 LYS LYS A . n 
A 1 190 PHE 190 185 185 PHE PHE A . n 
A 1 191 GLY 191 186 186 GLY GLY A . n 
A 1 192 ILE 192 187 187 ILE ILE A . n 
A 1 193 ARG 193 188 188 ARG ARG A . n 
A 1 194 THR 194 189 189 THR THR A . n 
A 1 195 PRO 195 190 190 PRO PRO A . n 
A 1 196 ASN 196 191 ?   ?   ?   A . n 
A 1 197 ALA 197 192 ?   ?   ?   A . n 
A 1 198 THR 198 193 ?   ?   ?   A . n 
A 1 199 SER 199 194 ?   ?   ?   A . n 
A 1 200 GLY 200 195 ?   ?   ?   A . n 
A 1 201 SER 201 196 ?   ?   ?   A . n 
A 1 202 LEU 202 197 ?   ?   ?   A . n 
A 1 203 GLU 203 198 ?   ?   ?   A . n 
A 1 204 ASN 204 199 ?   ?   ?   A . n 
A 1 205 ASN 205 200 ?   ?   ?   A . n 
# 
loop_
_pdbx_nonpoly_scheme.asym_id 
_pdbx_nonpoly_scheme.entity_id 
_pdbx_nonpoly_scheme.mon_id 
_pdbx_nonpoly_scheme.ndb_seq_num 
_pdbx_nonpoly_scheme.pdb_seq_num 
_pdbx_nonpoly_scheme.auth_seq_num 
_pdbx_nonpoly_scheme.pdb_mon_id 
_pdbx_nonpoly_scheme.auth_mon_id 
_pdbx_nonpoly_scheme.pdb_strand_id 
_pdbx_nonpoly_scheme.pdb_ins_code 
B 2 FE2 1   201 201 FE2 FE2 A . 
C 3 CYS 1   202 202 CYS CYS A . 
D 3 CYS 1   203 203 CYS CYS A . 
E 4 HOH 1   301 301 HOH HOH A . 
E 4 HOH 2   302 302 HOH HOH A . 
E 4 HOH 3   303 303 HOH HOH A . 
E 4 HOH 4   304 304 HOH HOH A . 
E 4 HOH 5   305 305 HOH HOH A . 
E 4 HOH 6   306 306 HOH HOH A . 
E 4 HOH 7   307 307 HOH HOH A . 
E 4 HOH 8   308 308 HOH HOH A . 
E 4 HOH 9   309 309 HOH HOH A . 
E 4 HOH 10  310 310 HOH HOH A . 
E 4 HOH 11  311 311 HOH HOH A . 
E 4 HOH 12  312 312 HOH HOH A . 
E 4 HOH 13  313 313 HOH HOH A . 
E 4 HOH 14  314 314 HOH HOH A . 
E 4 HOH 15  315 315 HOH HOH A . 
E 4 HOH 16  316 316 HOH HOH A . 
E 4 HOH 17  317 317 HOH HOH A . 
E 4 HOH 18  318 318 HOH HOH A . 
E 4 HOH 19  319 319 HOH HOH A . 
E 4 HOH 20  320 320 HOH HOH A . 
E 4 HOH 21  321 321 HOH HOH A . 
E 4 HOH 22  322 322 HOH HOH A . 
E 4 HOH 23  323 323 HOH HOH A . 
E 4 HOH 24  324 324 HOH HOH A . 
E 4 HOH 25  325 325 HOH HOH A . 
E 4 HOH 26  326 326 HOH HOH A . 
E 4 HOH 27  327 327 HOH HOH A . 
E 4 HOH 28  328 328 HOH HOH A . 
E 4 HOH 29  329 329 HOH HOH A . 
E 4 HOH 30  330 330 HOH HOH A . 
E 4 HOH 31  331 331 HOH HOH A . 
E 4 HOH 32  332 332 HOH HOH A . 
E 4 HOH 33  333 333 HOH HOH A . 
E 4 HOH 34  334 334 HOH HOH A . 
E 4 HOH 35  335 335 HOH HOH A . 
E 4 HOH 36  336 336 HOH HOH A . 
E 4 HOH 37  337 337 HOH HOH A . 
E 4 HOH 38  338 338 HOH HOH A . 
E 4 HOH 39  339 339 HOH HOH A . 
E 4 HOH 40  340 340 HOH HOH A . 
E 4 HOH 41  341 341 HOH HOH A . 
E 4 HOH 42  342 342 HOH HOH A . 
E 4 HOH 43  343 343 HOH HOH A . 
E 4 HOH 44  344 344 HOH HOH A . 
E 4 HOH 45  345 345 HOH HOH A . 
E 4 HOH 46  346 346 HOH HOH A . 
E 4 HOH 47  347 347 HOH HOH A . 
E 4 HOH 48  348 348 HOH HOH A . 
E 4 HOH 49  349 349 HOH HOH A . 
E 4 HOH 50  350 350 HOH HOH A . 
E 4 HOH 51  351 351 HOH HOH A . 
E 4 HOH 52  352 352 HOH HOH A . 
E 4 HOH 53  353 353 HOH HOH A . 
E 4 HOH 54  354 354 HOH HOH A . 
E 4 HOH 55  355 355 HOH HOH A . 
E 4 HOH 56  356 356 HOH HOH A . 
E 4 HOH 57  357 357 HOH HOH A . 
E 4 HOH 58  358 358 HOH HOH A . 
E 4 HOH 59  359 359 HOH HOH A . 
E 4 HOH 60  360 360 HOH HOH A . 
E 4 HOH 61  361 361 HOH HOH A . 
E 4 HOH 62  362 362 HOH HOH A . 
E 4 HOH 63  363 363 HOH HOH A . 
E 4 HOH 64  364 364 HOH HOH A . 
E 4 HOH 65  365 365 HOH HOH A . 
E 4 HOH 66  366 366 HOH HOH A . 
E 4 HOH 67  367 367 HOH HOH A . 
E 4 HOH 68  368 368 HOH HOH A . 
E 4 HOH 69  369 369 HOH HOH A . 
E 4 HOH 70  370 370 HOH HOH A . 
E 4 HOH 71  371 371 HOH HOH A . 
E 4 HOH 72  372 372 HOH HOH A . 
E 4 HOH 73  373 373 HOH HOH A . 
E 4 HOH 74  374 374 HOH HOH A . 
E 4 HOH 75  375 375 HOH HOH A . 
E 4 HOH 76  376 376 HOH HOH A . 
E 4 HOH 77  377 377 HOH HOH A . 
E 4 HOH 78  378 378 HOH HOH A . 
E 4 HOH 79  379 379 HOH HOH A . 
E 4 HOH 80  380 380 HOH HOH A . 
E 4 HOH 81  381 381 HOH HOH A . 
E 4 HOH 82  382 382 HOH HOH A . 
E 4 HOH 83  383 383 HOH HOH A . 
E 4 HOH 84  384 384 HOH HOH A . 
E 4 HOH 85  385 385 HOH HOH A . 
E 4 HOH 86  386 386 HOH HOH A . 
E 4 HOH 87  387 387 HOH HOH A . 
E 4 HOH 88  388 388 HOH HOH A . 
E 4 HOH 89  389 389 HOH HOH A . 
E 4 HOH 90  390 390 HOH HOH A . 
E 4 HOH 91  391 391 HOH HOH A . 
E 4 HOH 92  392 392 HOH HOH A . 
E 4 HOH 93  393 393 HOH HOH A . 
E 4 HOH 94  394 394 HOH HOH A . 
E 4 HOH 95  395 395 HOH HOH A . 
E 4 HOH 96  396 396 HOH HOH A . 
E 4 HOH 97  397 397 HOH HOH A . 
E 4 HOH 98  398 398 HOH HOH A . 
E 4 HOH 99  399 399 HOH HOH A . 
E 4 HOH 100 400 400 HOH HOH A . 
E 4 HOH 101 401 401 HOH HOH A . 
E 4 HOH 102 402 402 HOH HOH A . 
E 4 HOH 103 403 403 HOH HOH A . 
E 4 HOH 104 404 404 HOH HOH A . 
E 4 HOH 105 405 405 HOH HOH A . 
E 4 HOH 106 406 406 HOH HOH A . 
E 4 HOH 107 407 407 HOH HOH A . 
E 4 HOH 108 408 408 HOH HOH A . 
E 4 HOH 109 409 409 HOH HOH A . 
E 4 HOH 110 410 410 HOH HOH A . 
E 4 HOH 111 411 411 HOH HOH A . 
E 4 HOH 112 412 412 HOH HOH A . 
E 4 HOH 113 413 413 HOH HOH A . 
E 4 HOH 114 414 414 HOH HOH A . 
E 4 HOH 115 415 415 HOH HOH A . 
E 4 HOH 116 416 416 HOH HOH A . 
E 4 HOH 117 417 417 HOH HOH A . 
E 4 HOH 118 418 418 HOH HOH A . 
E 4 HOH 119 419 419 HOH HOH A . 
E 4 HOH 120 420 420 HOH HOH A . 
E 4 HOH 121 421 421 HOH HOH A . 
E 4 HOH 122 422 422 HOH HOH A . 
E 4 HOH 123 423 423 HOH HOH A . 
E 4 HOH 124 424 424 HOH HOH A . 
E 4 HOH 125 425 425 HOH HOH A . 
E 4 HOH 126 426 426 HOH HOH A . 
E 4 HOH 127 427 427 HOH HOH A . 
E 4 HOH 128 428 428 HOH HOH A . 
E 4 HOH 129 429 429 HOH HOH A . 
E 4 HOH 130 430 430 HOH HOH A . 
E 4 HOH 131 431 431 HOH HOH A . 
# 
loop_
_software.name 
_software.classification 
_software.version 
_software.citation_id 
_software.pdbx_ordinal 
HKL-2000 'data collection' . ? 1 
CNS      refinement        . ? 2 
HKL-2000 'data reduction'  . ? 3 
HKL-2000 'data scaling'    . ? 4 
CNS      phasing           . ? 5 
# 
_cell.entry_id           2IC1 
_cell.length_a           131.1 
_cell.length_b           131.1 
_cell.length_c           34.3 
_cell.angle_alpha        90 
_cell.angle_beta         90 
_cell.angle_gamma        120 
_cell.pdbx_unique_axis   ? 
_cell.Z_PDB              6 
_cell.length_a_esd       ? 
_cell.length_b_esd       ? 
_cell.length_c_esd       ? 
_cell.angle_alpha_esd    ? 
_cell.angle_beta_esd     ? 
_cell.angle_gamma_esd    ? 
# 
_symmetry.entry_id                         2IC1 
_symmetry.space_group_name_H-M             'P 65' 
_symmetry.pdbx_full_space_group_name_H-M   ? 
_symmetry.Int_Tables_number                170 
_symmetry.cell_setting                     ? 
_symmetry.space_group_name_Hall            ? 
# 
_exptl.entry_id          2IC1 
_exptl.method            'X-RAY DIFFRACTION' 
_exptl.crystals_number   1 
# 
_exptl_crystal.id                    1 
_exptl_crystal.density_meas          ? 
_exptl_crystal.density_Matthews      3.63 
_exptl_crystal.density_percent_sol   66.14 
_exptl_crystal.description           ? 
_exptl_crystal.F_000                 ? 
_exptl_crystal.preparation           ? 
# 
_exptl_crystal_grow.crystal_id      1 
_exptl_crystal_grow.method          'VAPOR DIFFUSION, HANGING DROP' 
_exptl_crystal_grow.temp            289 
_exptl_crystal_grow.temp_details    ? 
_exptl_crystal_grow.pH              6.5 
_exptl_crystal_grow.pdbx_details    
'0.1 M Sodium cacodylate, 0.2 M Magnesium chloride, 17.6% PEG 8000, pH 6.5, VAPOR DIFFUSION, HANGING DROP, temperature 289K' 
_exptl_crystal_grow.pdbx_pH_range   . 
# 
_diffrn.id                     1 
_diffrn.ambient_temp           100 
_diffrn.ambient_temp_details   ? 
_diffrn.crystal_id             1 
# 
_diffrn_detector.diffrn_id              1 
_diffrn_detector.detector               CCD 
_diffrn_detector.type                   SBC-2 
_diffrn_detector.pdbx_collection_date   2006-02-16 
_diffrn_detector.details                ? 
# 
_diffrn_radiation.diffrn_id                        1 
_diffrn_radiation.wavelength_id                    1 
_diffrn_radiation.pdbx_monochromatic_or_laue_m_l   M 
_diffrn_radiation.monochromator                    'Rosenbaum-Rock high-resolution double-crystal' 
_diffrn_radiation.pdbx_diffrn_protocol             'SINGLE WAVELENGTH' 
_diffrn_radiation.pdbx_scattering_type             x-ray 
# 
_diffrn_radiation_wavelength.id           1 
_diffrn_radiation_wavelength.wavelength   0.97932 
_diffrn_radiation_wavelength.wt           1.0 
# 
_diffrn_source.diffrn_id                   1 
_diffrn_source.source                      SYNCHROTRON 
_diffrn_source.type                        'APS BEAMLINE 19-ID' 
_diffrn_source.pdbx_synchrotron_site       APS 
_diffrn_source.pdbx_synchrotron_beamline   19-ID 
_diffrn_source.pdbx_wavelength             ? 
_diffrn_source.pdbx_wavelength_list        0.97932 
# 
_reflns.entry_id                     2IC1 
_reflns.observed_criterion_sigma_F   1 
_reflns.observed_criterion_sigma_I   1 
_reflns.d_resolution_high            2.70 
_reflns.d_resolution_low             50 
_reflns.number_all                   9575 
_reflns.number_obs                   9527 
_reflns.percent_possible_obs         99.5 
_reflns.pdbx_Rmerge_I_obs            0.15 
_reflns.pdbx_Rsym_value              0.15 
_reflns.pdbx_netI_over_sigmaI        11.7 
_reflns.B_iso_Wilson_estimate        46.5 
_reflns.pdbx_redundancy              5.3 
_reflns.R_free_details               ? 
_reflns.limit_h_max                  ? 
_reflns.limit_h_min                  ? 
_reflns.limit_k_max                  ? 
_reflns.limit_k_min                  ? 
_reflns.limit_l_max                  ? 
_reflns.limit_l_min                  ? 
_reflns.observed_criterion_F_max     ? 
_reflns.observed_criterion_F_min     ? 
_reflns.pdbx_chi_squared             ? 
_reflns.pdbx_scaling_rejects         ? 
_reflns.pdbx_diffrn_id               1 
_reflns.pdbx_ordinal                 1 
# 
_reflns_shell.d_res_high             2.70 
_reflns_shell.d_res_low              2.76 
_reflns_shell.percent_possible_all   96.0 
_reflns_shell.Rmerge_I_obs           0.355 
_reflns_shell.pdbx_Rsym_value        0.355 
_reflns_shell.meanI_over_sigI_obs    2.7 
_reflns_shell.pdbx_redundancy        3.0 
_reflns_shell.percent_possible_obs   ? 
_reflns_shell.number_unique_all      603 
_reflns_shell.number_measured_all    ? 
_reflns_shell.number_measured_obs    ? 
_reflns_shell.number_unique_obs      ? 
_reflns_shell.pdbx_chi_squared       ? 
_reflns_shell.pdbx_diffrn_id         ? 
_reflns_shell.pdbx_ordinal           1 
# 
_refine.entry_id                                 2IC1 
_refine.ls_d_res_high                            2.7 
_refine.ls_d_res_low                             42.91 
_refine.pdbx_ls_sigma_F                          1 
_refine.pdbx_ls_sigma_I                          1 
_refine.ls_number_reflns_all                     9575 
_refine.ls_number_reflns_obs                     9527 
_refine.ls_number_reflns_R_free                  901 
_refine.ls_percent_reflns_obs                    99.5 
_refine.ls_R_factor_all                          0.182 
_refine.ls_R_factor_obs                          0.181 
_refine.ls_R_factor_R_work                       0.178 
_refine.ls_R_factor_R_free                       0.215 
_refine.ls_redundancy_reflns_obs                 ? 
_refine.pdbx_data_cutoff_high_absF               ? 
_refine.pdbx_data_cutoff_low_absF                ? 
_refine.ls_number_parameters                     ? 
_refine.ls_number_restraints                     ? 
_refine.ls_percent_reflns_R_free                 ? 
_refine.ls_R_factor_R_free_error                 ? 
_refine.ls_R_factor_R_free_error_details         ? 
_refine.pdbx_method_to_determine_struct          'MOLECULAR REPLACEMENT' 
_refine.pdbx_starting_model                      'PDB ENTRY 2ATF' 
_refine.pdbx_ls_cross_valid_method               THROUGHOUT 
_refine.pdbx_R_Free_selection_details            random 
_refine.pdbx_stereochem_target_val_spec_case     ? 
_refine.pdbx_stereochemistry_target_values       'Engh & Huber' 
_refine.solvent_model_details                    ? 
_refine.solvent_model_param_bsol                 ? 
_refine.solvent_model_param_ksol                 ? 
_refine.occupancy_max                            ? 
_refine.occupancy_min                            ? 
_refine.pdbx_isotropic_thermal_model             anisotropic 
_refine.B_iso_mean                               29.9 
_refine.aniso_B[1][1]                            ? 
_refine.aniso_B[1][2]                            ? 
_refine.aniso_B[1][3]                            ? 
_refine.aniso_B[2][2]                            ? 
_refine.aniso_B[2][3]                            ? 
_refine.aniso_B[3][3]                            ? 
_refine.details                                  ? 
_refine.B_iso_min                                ? 
_refine.B_iso_max                                ? 
_refine.correlation_coeff_Fo_to_Fc               ? 
_refine.correlation_coeff_Fo_to_Fc_free          ? 
_refine.pdbx_solvent_vdw_probe_radii             ? 
_refine.pdbx_solvent_ion_probe_radii             ? 
_refine.pdbx_solvent_shrinkage_radii             ? 
_refine.overall_SU_R_Cruickshank_DPI             ? 
_refine.overall_SU_R_free                        ? 
_refine.overall_SU_ML                            ? 
_refine.overall_SU_B                             ? 
_refine.pdbx_overall_ESU_R_Free                  ? 
_refine.pdbx_data_cutoff_high_rms_absF           ? 
_refine.pdbx_overall_ESU_R                       ? 
_refine.ls_wR_factor_R_free                      ? 
_refine.ls_wR_factor_R_work                      ? 
_refine.overall_FOM_free_R_set                   ? 
_refine.overall_FOM_work_R_set                   ? 
_refine.pdbx_refine_id                           'X-RAY DIFFRACTION' 
_refine.pdbx_diffrn_id                           1 
_refine.pdbx_TLS_residual_ADP_flag               ? 
_refine.pdbx_overall_phase_error                 ? 
_refine.pdbx_overall_SU_R_free_Cruickshank_DPI   ? 
_refine.pdbx_overall_SU_R_Blow_DPI               ? 
_refine.pdbx_overall_SU_R_free_Blow_DPI          ? 
# 
_refine_hist.pdbx_refine_id                   'X-RAY DIFFRACTION' 
_refine_hist.cycle_id                         LAST 
_refine_hist.pdbx_number_atoms_protein        1502 
_refine_hist.pdbx_number_atoms_nucleic_acid   0 
_refine_hist.pdbx_number_atoms_ligand         15 
_refine_hist.number_atoms_solvent             131 
_refine_hist.number_atoms_total               1648 
_refine_hist.d_res_high                       2.7 
_refine_hist.d_res_low                        42.91 
# 
loop_
_refine_ls_restr.type 
_refine_ls_restr.dev_ideal 
_refine_ls_restr.dev_ideal_target 
_refine_ls_restr.weight 
_refine_ls_restr.number 
_refine_ls_restr.pdbx_refine_id 
_refine_ls_restr.pdbx_restraint_function 
c_bond_d    0.017 ? ? ? 'X-RAY DIFFRACTION' ? 
c_angle_deg 1.9   ? ? ? 'X-RAY DIFFRACTION' ? 
# 
_refine_ls_shell.pdbx_total_number_of_bins_used   ? 
_refine_ls_shell.d_res_high                       2.7 
_refine_ls_shell.d_res_low                        2.8 
_refine_ls_shell.number_reflns_R_work             ? 
_refine_ls_shell.R_factor_R_work                  0.245 
_refine_ls_shell.percent_reflns_obs               ? 
_refine_ls_shell.R_factor_R_free                  0.251 
_refine_ls_shell.R_factor_R_free_error            ? 
_refine_ls_shell.percent_reflns_R_free            ? 
_refine_ls_shell.number_reflns_R_free             ? 
_refine_ls_shell.number_reflns_all                ? 
_refine_ls_shell.R_factor_all                     ? 
_refine_ls_shell.number_reflns_obs                ? 
_refine_ls_shell.redundancy_reflns_obs            ? 
_refine_ls_shell.pdbx_refine_id                   'X-RAY DIFFRACTION' 
# 
_struct.entry_id                  2IC1 
_struct.title                     'Crystal Structure of Human Cysteine Dioxygenase in Complex with Substrate Cysteine' 
_struct.pdbx_model_details        ? 
_struct.pdbx_CASP_flag            ? 
_struct.pdbx_model_type_details   ? 
# 
_struct_keywords.entry_id        2IC1 
_struct_keywords.pdbx_keywords   OXIDOREDUCTASE 
_struct_keywords.text            'cupin, enzyme-substrate complex, OXIDOREDUCTASE' 
# 
loop_
_struct_asym.id 
_struct_asym.pdbx_blank_PDB_chainid_flag 
_struct_asym.pdbx_modified 
_struct_asym.entity_id 
_struct_asym.details 
A N N 1 ? 
B N N 2 ? 
C N N 3 ? 
D N N 3 ? 
E N N 4 ? 
# 
_struct_ref.id                         1 
_struct_ref.db_name                    UNP 
_struct_ref.db_code                    CDO1_HUMAN 
_struct_ref.pdbx_db_accession          Q16878 
_struct_ref.entity_id                  1 
_struct_ref.pdbx_seq_one_letter_code   
;MEQTEVLKPRTLADLIRILHQLFAGDEVNVEEVQAIMEAYESDPTEWAMYAKFDQYRYTRNLVDQGNGKFNLMILCWGEG
HGSSIHDHTNSHCFLKMLQGNLKETLFAWPDKKSNEMVKKSERVLRENQCAYINDSIGLHRVENISHTEPAVSLHLYSPP
FDTCHAFDQRTGHKNKVTMTFHSKFGIRTPNATSGSLENN
;
_struct_ref.pdbx_align_begin           1 
_struct_ref.pdbx_db_isoform            ? 
# 
_struct_ref_seq.align_id                      1 
_struct_ref_seq.ref_id                        1 
_struct_ref_seq.pdbx_PDB_id_code              2IC1 
_struct_ref_seq.pdbx_strand_id                A 
_struct_ref_seq.seq_align_beg                 6 
_struct_ref_seq.pdbx_seq_align_beg_ins_code   ? 
_struct_ref_seq.seq_align_end                 205 
_struct_ref_seq.pdbx_seq_align_end_ins_code   ? 
_struct_ref_seq.pdbx_db_accession             Q16878 
_struct_ref_seq.db_align_beg                  1 
_struct_ref_seq.pdbx_db_align_beg_ins_code    ? 
_struct_ref_seq.db_align_end                  200 
_struct_ref_seq.pdbx_db_align_end_ins_code    ? 
_struct_ref_seq.pdbx_auth_seq_align_beg       1 
_struct_ref_seq.pdbx_auth_seq_align_end       200 
# 
loop_
_struct_ref_seq_dif.align_id 
_struct_ref_seq_dif.pdbx_pdb_id_code 
_struct_ref_seq_dif.mon_id 
_struct_ref_seq_dif.pdbx_pdb_strand_id 
_struct_ref_seq_dif.seq_num 
_struct_ref_seq_dif.pdbx_pdb_ins_code 
_struct_ref_seq_dif.pdbx_seq_db_name 
_struct_ref_seq_dif.pdbx_seq_db_accession_code 
_struct_ref_seq_dif.db_mon_id 
_struct_ref_seq_dif.pdbx_seq_db_seq_num 
_struct_ref_seq_dif.details 
_struct_ref_seq_dif.pdbx_auth_seq_num 
_struct_ref_seq_dif.pdbx_ordinal 
1 2IC1 GLY A 1 ? UNP Q16878 ? ? 'cloning artifact' -4 1 
1 2IC1 PRO A 2 ? UNP Q16878 ? ? 'cloning artifact' -3 2 
1 2IC1 LEU A 3 ? UNP Q16878 ? ? 'cloning artifact' -2 3 
1 2IC1 GLY A 4 ? UNP Q16878 ? ? 'cloning artifact' -1 4 
1 2IC1 SER A 5 ? UNP Q16878 ? ? 'cloning artifact' 0  5 
# 
_pdbx_struct_assembly.id                   1 
_pdbx_struct_assembly.details              author_and_software_defined_assembly 
_pdbx_struct_assembly.method_details       PISA 
_pdbx_struct_assembly.oligomeric_details   monomeric 
_pdbx_struct_assembly.oligomeric_count     1 
# 
_pdbx_struct_assembly_gen.assembly_id       1 
_pdbx_struct_assembly_gen.oper_expression   1 
_pdbx_struct_assembly_gen.asym_id_list      A,B,C,D,E 
# 
_pdbx_struct_oper_list.id                   1 
_pdbx_struct_oper_list.type                 'identity operation' 
_pdbx_struct_oper_list.name                 1_555 
_pdbx_struct_oper_list.symmetry_operation   x,y,z 
_pdbx_struct_oper_list.matrix[1][1]         1.0000000000 
_pdbx_struct_oper_list.matrix[1][2]         0.0000000000 
_pdbx_struct_oper_list.matrix[1][3]         0.0000000000 
_pdbx_struct_oper_list.vector[1]            0.0000000000 
_pdbx_struct_oper_list.matrix[2][1]         0.0000000000 
_pdbx_struct_oper_list.matrix[2][2]         1.0000000000 
_pdbx_struct_oper_list.matrix[2][3]         0.0000000000 
_pdbx_struct_oper_list.vector[2]            0.0000000000 
_pdbx_struct_oper_list.matrix[3][1]         0.0000000000 
_pdbx_struct_oper_list.matrix[3][2]         0.0000000000 
_pdbx_struct_oper_list.matrix[3][3]         1.0000000000 
_pdbx_struct_oper_list.vector[3]            0.0000000000 
# 
loop_
_struct_conf.conf_type_id 
_struct_conf.id 
_struct_conf.pdbx_PDB_helix_id 
_struct_conf.beg_label_comp_id 
_struct_conf.beg_label_asym_id 
_struct_conf.beg_label_seq_id 
_struct_conf.pdbx_beg_PDB_ins_code 
_struct_conf.end_label_comp_id 
_struct_conf.end_label_asym_id 
_struct_conf.end_label_seq_id 
_struct_conf.pdbx_end_PDB_ins_code 
_struct_conf.beg_auth_comp_id 
_struct_conf.beg_auth_asym_id 
_struct_conf.beg_auth_seq_id 
_struct_conf.end_auth_comp_id 
_struct_conf.end_auth_asym_id 
_struct_conf.end_auth_seq_id 
_struct_conf.pdbx_PDB_helix_class 
_struct_conf.details 
_struct_conf.pdbx_PDB_helix_length 
HELX_P HELX_P1 1 THR A 16 ? PHE A 28 ? THR A 11 PHE A 23 1 ? 13 
HELX_P HELX_P2 2 ASN A 34 ? TYR A 45 ? ASN A 29 TYR A 40 1 ? 12 
HELX_P HELX_P3 3 ASP A 48 ? ALA A 53 ? ASP A 43 ALA A 48 1 ? 6  
HELX_P HELX_P4 4 MET A 54 ? ALA A 56 ? MET A 49 ALA A 51 5 ? 3  
HELX_P HELX_P5 5 GLN A 70 ? LYS A 74 ? GLN A 65 LYS A 69 5 ? 5  
# 
_struct_conf_type.id          HELX_P 
_struct_conf_type.criteria    ? 
_struct_conf_type.reference   ? 
# 
loop_
_struct_conn.id 
_struct_conn.conn_type_id 
_struct_conn.pdbx_leaving_atom_flag 
_struct_conn.pdbx_PDB_id 
_struct_conn.ptnr1_label_asym_id 
_struct_conn.ptnr1_label_comp_id 
_struct_conn.ptnr1_label_seq_id 
_struct_conn.ptnr1_label_atom_id 
_struct_conn.pdbx_ptnr1_label_alt_id 
_struct_conn.pdbx_ptnr1_PDB_ins_code 
_struct_conn.pdbx_ptnr1_standard_comp_id 
_struct_conn.ptnr1_symmetry 
_struct_conn.ptnr2_label_asym_id 
_struct_conn.ptnr2_label_comp_id 
_struct_conn.ptnr2_label_seq_id 
_struct_conn.ptnr2_label_atom_id 
_struct_conn.pdbx_ptnr2_label_alt_id 
_struct_conn.pdbx_ptnr2_PDB_ins_code 
_struct_conn.ptnr1_auth_asym_id 
_struct_conn.ptnr1_auth_comp_id 
_struct_conn.ptnr1_auth_seq_id 
_struct_conn.ptnr2_auth_asym_id 
_struct_conn.ptnr2_auth_comp_id 
_struct_conn.ptnr2_auth_seq_id 
_struct_conn.ptnr2_symmetry 
_struct_conn.pdbx_ptnr3_label_atom_id 
_struct_conn.pdbx_ptnr3_label_seq_id 
_struct_conn.pdbx_ptnr3_label_comp_id 
_struct_conn.pdbx_ptnr3_label_asym_id 
_struct_conn.pdbx_ptnr3_label_alt_id 
_struct_conn.pdbx_ptnr3_PDB_ins_code 
_struct_conn.details 
_struct_conn.pdbx_dist_value 
_struct_conn.pdbx_value_order 
_struct_conn.pdbx_role 
covale1 covale none ? A CYS 98  SG  ? ? ? 1_555 A TYR 162 CE1 ? ? A CYS 93  A TYR 157 1_555 ? ? ? ? ? ? ? 1.806 ? ? 
metalc1 metalc ?    ? A HIS 91  NE2 ? ? ? 1_555 B FE2 .   FE  ? ? A HIS 86  A FE2 201 1_555 ? ? ? ? ? ? ? 2.036 ? ? 
metalc2 metalc ?    ? A HIS 93  NE2 ? ? ? 1_555 B FE2 .   FE  ? ? A HIS 88  A FE2 201 1_555 ? ? ? ? ? ? ? 2.071 ? ? 
metalc3 metalc ?    ? A HIS 145 NE2 ? ? ? 1_555 B FE2 .   FE  ? ? A HIS 140 A FE2 201 1_555 ? ? ? ? ? ? ? 2.019 ? ? 
metalc4 metalc ?    ? B FE2 .   FE  ? ? ? 1_555 C CYS .   SG  ? ? A FE2 201 A CYS 202 1_555 ? ? ? ? ? ? ? 2.020 ? ? 
metalc5 metalc ?    ? B FE2 .   FE  ? ? ? 1_555 C CYS .   N   ? ? A FE2 201 A CYS 202 1_555 ? ? ? ? ? ? ? 2.030 ? ? 
# 
loop_
_struct_conn_type.id 
_struct_conn_type.criteria 
_struct_conn_type.reference 
covale ? ? 
metalc ? ? 
# 
loop_
_pdbx_struct_conn_angle.id 
_pdbx_struct_conn_angle.ptnr1_label_atom_id 
_pdbx_struct_conn_angle.ptnr1_label_alt_id 
_pdbx_struct_conn_angle.ptnr1_label_asym_id 
_pdbx_struct_conn_angle.ptnr1_label_comp_id 
_pdbx_struct_conn_angle.ptnr1_label_seq_id 
_pdbx_struct_conn_angle.ptnr1_auth_atom_id 
_pdbx_struct_conn_angle.ptnr1_auth_asym_id 
_pdbx_struct_conn_angle.ptnr1_auth_comp_id 
_pdbx_struct_conn_angle.ptnr1_auth_seq_id 
_pdbx_struct_conn_angle.ptnr1_PDB_ins_code 
_pdbx_struct_conn_angle.ptnr1_symmetry 
_pdbx_struct_conn_angle.ptnr2_label_atom_id 
_pdbx_struct_conn_angle.ptnr2_label_alt_id 
_pdbx_struct_conn_angle.ptnr2_label_asym_id 
_pdbx_struct_conn_angle.ptnr2_label_comp_id 
_pdbx_struct_conn_angle.ptnr2_label_seq_id 
_pdbx_struct_conn_angle.ptnr2_auth_atom_id 
_pdbx_struct_conn_angle.ptnr2_auth_asym_id 
_pdbx_struct_conn_angle.ptnr2_auth_comp_id 
_pdbx_struct_conn_angle.ptnr2_auth_seq_id 
_pdbx_struct_conn_angle.ptnr2_PDB_ins_code 
_pdbx_struct_conn_angle.ptnr2_symmetry 
_pdbx_struct_conn_angle.ptnr3_label_atom_id 
_pdbx_struct_conn_angle.ptnr3_label_alt_id 
_pdbx_struct_conn_angle.ptnr3_label_asym_id 
_pdbx_struct_conn_angle.ptnr3_label_comp_id 
_pdbx_struct_conn_angle.ptnr3_label_seq_id 
_pdbx_struct_conn_angle.ptnr3_auth_atom_id 
_pdbx_struct_conn_angle.ptnr3_auth_asym_id 
_pdbx_struct_conn_angle.ptnr3_auth_comp_id 
_pdbx_struct_conn_angle.ptnr3_auth_seq_id 
_pdbx_struct_conn_angle.ptnr3_PDB_ins_code 
_pdbx_struct_conn_angle.ptnr3_symmetry 
_pdbx_struct_conn_angle.value 
_pdbx_struct_conn_angle.value_esd 
1  NE2 ? A HIS 91  ? A HIS 86  ? 1_555 FE ? B FE2 . ? A FE2 201 ? 1_555 NE2 ? A HIS 93  ? A HIS 88  ? 1_555 96.8  ? 
2  NE2 ? A HIS 91  ? A HIS 86  ? 1_555 FE ? B FE2 . ? A FE2 201 ? 1_555 NE2 ? A HIS 145 ? A HIS 140 ? 1_555 106.4 ? 
3  NE2 ? A HIS 93  ? A HIS 88  ? 1_555 FE ? B FE2 . ? A FE2 201 ? 1_555 NE2 ? A HIS 145 ? A HIS 140 ? 1_555 109.3 ? 
4  NE2 ? A HIS 91  ? A HIS 86  ? 1_555 FE ? B FE2 . ? A FE2 201 ? 1_555 SG  ? C CYS .   ? A CYS 202 ? 1_555 124.9 ? 
5  NE2 ? A HIS 93  ? A HIS 88  ? 1_555 FE ? B FE2 . ? A FE2 201 ? 1_555 SG  ? C CYS .   ? A CYS 202 ? 1_555 128.9 ? 
6  NE2 ? A HIS 145 ? A HIS 140 ? 1_555 FE ? B FE2 . ? A FE2 201 ? 1_555 SG  ? C CYS .   ? A CYS 202 ? 1_555 87.7  ? 
7  NE2 ? A HIS 91  ? A HIS 86  ? 1_555 FE ? B FE2 . ? A FE2 201 ? 1_555 N   ? C CYS .   ? A CYS 202 ? 1_555 79.0  ? 
8  NE2 ? A HIS 93  ? A HIS 88  ? 1_555 FE ? B FE2 . ? A FE2 201 ? 1_555 N   ? C CYS .   ? A CYS 202 ? 1_555 75.8  ? 
9  NE2 ? A HIS 145 ? A HIS 140 ? 1_555 FE ? B FE2 . ? A FE2 201 ? 1_555 N   ? C CYS .   ? A CYS 202 ? 1_555 171.6 ? 
10 SG  ? C CYS .   ? A CYS 202 ? 1_555 FE ? B FE2 . ? A FE2 201 ? 1_555 N   ? C CYS .   ? A CYS 202 ? 1_555 83.9  ? 
# 
_pdbx_modification_feature.ordinal                            1 
_pdbx_modification_feature.label_comp_id                      CYS 
_pdbx_modification_feature.label_asym_id                      A 
_pdbx_modification_feature.label_seq_id                       98 
_pdbx_modification_feature.label_alt_id                       ? 
_pdbx_modification_feature.modified_residue_label_comp_id     TYR 
_pdbx_modification_feature.modified_residue_label_asym_id     A 
_pdbx_modification_feature.modified_residue_label_seq_id      162 
_pdbx_modification_feature.modified_residue_label_alt_id      ? 
_pdbx_modification_feature.auth_comp_id                       CYS 
_pdbx_modification_feature.auth_asym_id                       A 
_pdbx_modification_feature.auth_seq_id                        93 
_pdbx_modification_feature.PDB_ins_code                       ? 
_pdbx_modification_feature.symmetry                           1_555 
_pdbx_modification_feature.modified_residue_auth_comp_id      TYR 
_pdbx_modification_feature.modified_residue_auth_asym_id      A 
_pdbx_modification_feature.modified_residue_auth_seq_id       157 
_pdbx_modification_feature.modified_residue_PDB_ins_code      ? 
_pdbx_modification_feature.modified_residue_symmetry          1_555 
_pdbx_modification_feature.comp_id_linking_atom               SG 
_pdbx_modification_feature.modified_residue_id_linking_atom   CE1 
_pdbx_modification_feature.modified_residue_id                . 
_pdbx_modification_feature.ref_pcm_id                         . 
_pdbx_modification_feature.ref_comp_id                        . 
_pdbx_modification_feature.type                               None 
_pdbx_modification_feature.category                           'Non-standard linkage' 
# 
_struct_mon_prot_cis.pdbx_id                1 
_struct_mon_prot_cis.label_comp_id          SER 
_struct_mon_prot_cis.label_seq_id           163 
_struct_mon_prot_cis.label_asym_id          A 
_struct_mon_prot_cis.label_alt_id           . 
_struct_mon_prot_cis.pdbx_PDB_ins_code      ? 
_struct_mon_prot_cis.auth_comp_id           SER 
_struct_mon_prot_cis.auth_seq_id            158 
_struct_mon_prot_cis.auth_asym_id           A 
_struct_mon_prot_cis.pdbx_label_comp_id_2   PRO 
_struct_mon_prot_cis.pdbx_label_seq_id_2    164 
_struct_mon_prot_cis.pdbx_label_asym_id_2   A 
_struct_mon_prot_cis.pdbx_PDB_ins_code_2    ? 
_struct_mon_prot_cis.pdbx_auth_comp_id_2    PRO 
_struct_mon_prot_cis.pdbx_auth_seq_id_2     159 
_struct_mon_prot_cis.pdbx_auth_asym_id_2    A 
_struct_mon_prot_cis.pdbx_PDB_model_num     1 
_struct_mon_prot_cis.pdbx_omega_angle       -0.09 
# 
loop_
_struct_sheet.id 
_struct_sheet.type 
_struct_sheet.number_strands 
_struct_sheet.details 
A ? 7 ? 
B ? 3 ? 
C ? 3 ? 
# 
loop_
_struct_sheet_order.sheet_id 
_struct_sheet_order.range_id_1 
_struct_sheet_order.range_id_2 
_struct_sheet_order.offset 
_struct_sheet_order.sense 
A 1 2 ? anti-parallel 
A 2 3 ? anti-parallel 
A 3 4 ? anti-parallel 
A 4 5 ? anti-parallel 
A 5 6 ? parallel      
A 6 7 ? anti-parallel 
B 1 2 ? anti-parallel 
B 2 3 ? anti-parallel 
C 1 2 ? anti-parallel 
C 2 3 ? anti-parallel 
# 
loop_
_struct_sheet_range.sheet_id 
_struct_sheet_range.id 
_struct_sheet_range.beg_label_comp_id 
_struct_sheet_range.beg_label_asym_id 
_struct_sheet_range.beg_label_seq_id 
_struct_sheet_range.pdbx_beg_PDB_ins_code 
_struct_sheet_range.end_label_comp_id 
_struct_sheet_range.end_label_asym_id 
_struct_sheet_range.end_label_seq_id 
_struct_sheet_range.pdbx_end_PDB_ins_code 
_struct_sheet_range.beg_auth_comp_id 
_struct_sheet_range.beg_auth_asym_id 
_struct_sheet_range.beg_auth_seq_id 
_struct_sheet_range.end_auth_comp_id 
_struct_sheet_range.end_auth_asym_id 
_struct_sheet_range.end_auth_seq_id 
A 1 CYS A 135 ? ILE A 138 ? CYS A 130 ILE A 133 
A 2 HIS A 97  ? GLN A 104 ? HIS A 92  GLN A 99  
A 3 ALA A 156 ? SER A 163 ? ALA A 151 SER A 158 
A 4 ASN A 76  ? TRP A 82  ? ASN A 71  TRP A 77  
A 5 THR A 64  ? ASP A 69  ? THR A 59  ASP A 64  
A 6 SER A 188 ? LYS A 189 ? SER A 183 LYS A 184 
A 7 ILE A 192 ? ARG A 193 ? ILE A 187 ARG A 188 
B 1 ILE A 90  ? HIS A 91  ? ILE A 85  HIS A 86  
B 2 THR A 168 ? PHE A 172 ? THR A 163 PHE A 167 
B 3 LYS A 179 ? THR A 183 ? LYS A 174 THR A 178 
C 1 LYS A 124 ? VAL A 129 ? LYS A 119 VAL A 124 
C 2 LEU A 107 ? PHE A 112 ? LEU A 102 PHE A 107 
C 3 LEU A 144 ? ASN A 149 ? LEU A 139 ASN A 144 
# 
loop_
_pdbx_struct_sheet_hbond.sheet_id 
_pdbx_struct_sheet_hbond.range_id_1 
_pdbx_struct_sheet_hbond.range_id_2 
_pdbx_struct_sheet_hbond.range_1_label_atom_id 
_pdbx_struct_sheet_hbond.range_1_label_comp_id 
_pdbx_struct_sheet_hbond.range_1_label_asym_id 
_pdbx_struct_sheet_hbond.range_1_label_seq_id 
_pdbx_struct_sheet_hbond.range_1_PDB_ins_code 
_pdbx_struct_sheet_hbond.range_1_auth_atom_id 
_pdbx_struct_sheet_hbond.range_1_auth_comp_id 
_pdbx_struct_sheet_hbond.range_1_auth_asym_id 
_pdbx_struct_sheet_hbond.range_1_auth_seq_id 
_pdbx_struct_sheet_hbond.range_2_label_atom_id 
_pdbx_struct_sheet_hbond.range_2_label_comp_id 
_pdbx_struct_sheet_hbond.range_2_label_asym_id 
_pdbx_struct_sheet_hbond.range_2_label_seq_id 
_pdbx_struct_sheet_hbond.range_2_PDB_ins_code 
_pdbx_struct_sheet_hbond.range_2_auth_atom_id 
_pdbx_struct_sheet_hbond.range_2_auth_comp_id 
_pdbx_struct_sheet_hbond.range_2_auth_asym_id 
_pdbx_struct_sheet_hbond.range_2_auth_seq_id 
A 1 2 O ALA A 136 ? O ALA A 131 N LEU A 100 ? N LEU A 95  
A 2 3 N LEU A 103 ? N LEU A 98  O VAL A 157 ? O VAL A 152 
A 3 4 O HIS A 160 ? O HIS A 155 N MET A 78  ? N MET A 73  
A 4 5 O LEU A 77  ? O LEU A 72  N VAL A 68  ? N VAL A 63  
A 5 6 N LEU A 67  ? N LEU A 62  O SER A 188 ? O SER A 183 
A 6 7 N LYS A 189 ? N LYS A 184 O ILE A 192 ? O ILE A 187 
B 1 2 N ILE A 90  ? N ILE A 85  O PHE A 172 ? O PHE A 167 
B 2 3 N ALA A 171 ? N ALA A 166 O ASN A 180 ? O ASN A 175 
C 1 2 O ARG A 128 ? O ARG A 123 N GLU A 109 ? N GLU A 104 
C 2 3 N PHE A 112 ? N PHE A 107 O LEU A 144 ? O LEU A 139 
# 
loop_
_struct_site.id 
_struct_site.pdbx_evidence_code 
_struct_site.pdbx_auth_asym_id 
_struct_site.pdbx_auth_comp_id 
_struct_site.pdbx_auth_seq_id 
_struct_site.pdbx_auth_ins_code 
_struct_site.pdbx_num_residues 
_struct_site.details 
AC1 Software A FE2 201 ? 4 'BINDING SITE FOR RESIDUE FE2 A 201' 
AC2 Software A CYS 202 ? 8 'BINDING SITE FOR RESIDUE CYS A 202' 
AC3 Software A CYS 203 ? 8 'BINDING SITE FOR RESIDUE CYS A 203' 
# 
loop_
_struct_site_gen.id 
_struct_site_gen.site_id 
_struct_site_gen.pdbx_num_res 
_struct_site_gen.label_comp_id 
_struct_site_gen.label_asym_id 
_struct_site_gen.label_seq_id 
_struct_site_gen.pdbx_auth_ins_code 
_struct_site_gen.auth_comp_id 
_struct_site_gen.auth_asym_id 
_struct_site_gen.auth_seq_id 
_struct_site_gen.label_atom_id 
_struct_site_gen.label_alt_id 
_struct_site_gen.symmetry 
_struct_site_gen.details 
1  AC1 4 HIS A 91  ? HIS A 86  . ? 1_555 ? 
2  AC1 4 HIS A 93  ? HIS A 88  . ? 1_555 ? 
3  AC1 4 HIS A 145 ? HIS A 140 . ? 1_555 ? 
4  AC1 4 CYS C .   ? CYS A 202 . ? 1_555 ? 
5  AC2 8 TYR A 63  ? TYR A 58  . ? 1_555 ? 
6  AC2 8 ARG A 65  ? ARG A 60  . ? 1_555 ? 
7  AC2 8 HIS A 91  ? HIS A 86  . ? 1_555 ? 
8  AC2 8 HIS A 93  ? HIS A 88  . ? 1_555 ? 
9  AC2 8 HIS A 145 ? HIS A 140 . ? 1_555 ? 
10 AC2 8 HIS A 160 ? HIS A 155 . ? 1_555 ? 
11 AC2 8 TYR A 162 ? TYR A 157 . ? 1_555 ? 
12 AC2 8 FE2 B .   ? FE2 A 201 . ? 1_555 ? 
13 AC3 8 GLN A 39  ? GLN A 34  . ? 1_555 ? 
14 AC3 8 ARG A 128 ? ARG A 123 . ? 1_555 ? 
15 AC3 8 GLN A 134 ? GLN A 129 . ? 1_555 ? 
16 AC3 8 CYS A 135 ? CYS A 130 . ? 1_555 ? 
17 AC3 8 ALA A 136 ? ALA A 131 . ? 1_555 ? 
18 AC3 8 TYR A 137 ? TYR A 132 . ? 1_555 ? 
19 AC3 8 HOH E .   ? HOH A 381 . ? 1_555 ? 
20 AC3 8 HOH E .   ? HOH A 399 . ? 1_555 ? 
# 
_pdbx_entry_details.entry_id                   2IC1 
_pdbx_entry_details.compound_details           ? 
_pdbx_entry_details.source_details             ? 
_pdbx_entry_details.nonpolymer_details         ? 
_pdbx_entry_details.sequence_details           ? 
_pdbx_entry_details.has_ligand_of_interest     ? 
_pdbx_entry_details.has_protein_modification   Y 
# 
loop_
_pdbx_validate_torsion.id 
_pdbx_validate_torsion.PDB_model_num 
_pdbx_validate_torsion.auth_comp_id 
_pdbx_validate_torsion.auth_asym_id 
_pdbx_validate_torsion.auth_seq_id 
_pdbx_validate_torsion.PDB_ins_code 
_pdbx_validate_torsion.label_alt_id 
_pdbx_validate_torsion.phi 
_pdbx_validate_torsion.psi 
1 1 THR A 89  ? ? 33.49   56.79   
2 1 ASP A 111 ? ? -101.62 -169.46 
3 1 ASN A 115 ? ? 175.61  154.04  
4 1 GLU A 116 ? ? -28.49  128.98  
# 
loop_
_pdbx_unobs_or_zero_occ_residues.id 
_pdbx_unobs_or_zero_occ_residues.PDB_model_num 
_pdbx_unobs_or_zero_occ_residues.polymer_flag 
_pdbx_unobs_or_zero_occ_residues.occupancy_flag 
_pdbx_unobs_or_zero_occ_residues.auth_asym_id 
_pdbx_unobs_or_zero_occ_residues.auth_comp_id 
_pdbx_unobs_or_zero_occ_residues.auth_seq_id 
_pdbx_unobs_or_zero_occ_residues.PDB_ins_code 
_pdbx_unobs_or_zero_occ_residues.label_asym_id 
_pdbx_unobs_or_zero_occ_residues.label_comp_id 
_pdbx_unobs_or_zero_occ_residues.label_seq_id 
1  1 Y 1 A GLY -4  ? A GLY 1   
2  1 Y 1 A PRO -3  ? A PRO 2   
3  1 Y 1 A LEU -2  ? A LEU 3   
4  1 Y 1 A GLY -1  ? A GLY 4   
5  1 Y 1 A SER 0   ? A SER 5   
6  1 Y 1 A MET 1   ? A MET 6   
7  1 Y 1 A GLU 2   ? A GLU 7   
8  1 Y 1 A GLN 3   ? A GLN 8   
9  1 Y 1 A THR 4   ? A THR 9   
10 1 Y 1 A GLU 5   ? A GLU 10  
11 1 Y 1 A ASN 191 ? A ASN 196 
12 1 Y 1 A ALA 192 ? A ALA 197 
13 1 Y 1 A THR 193 ? A THR 198 
14 1 Y 1 A SER 194 ? A SER 199 
15 1 Y 1 A GLY 195 ? A GLY 200 
16 1 Y 1 A SER 196 ? A SER 201 
17 1 Y 1 A LEU 197 ? A LEU 202 
18 1 Y 1 A GLU 198 ? A GLU 203 
19 1 Y 1 A ASN 199 ? A ASN 204 
20 1 Y 1 A ASN 200 ? A ASN 205 
# 
loop_
_chem_comp_atom.comp_id 
_chem_comp_atom.atom_id 
_chem_comp_atom.type_symbol 
_chem_comp_atom.pdbx_aromatic_flag 
_chem_comp_atom.pdbx_stereo_config 
_chem_comp_atom.pdbx_ordinal 
ALA N    N  N N 1   
ALA CA   C  N S 2   
ALA C    C  N N 3   
ALA O    O  N N 4   
ALA CB   C  N N 5   
ALA OXT  O  N N 6   
ALA H    H  N N 7   
ALA H2   H  N N 8   
ALA HA   H  N N 9   
ALA HB1  H  N N 10  
ALA HB2  H  N N 11  
ALA HB3  H  N N 12  
ALA HXT  H  N N 13  
ARG N    N  N N 14  
ARG CA   C  N S 15  
ARG C    C  N N 16  
ARG O    O  N N 17  
ARG CB   C  N N 18  
ARG CG   C  N N 19  
ARG CD   C  N N 20  
ARG NE   N  N N 21  
ARG CZ   C  N N 22  
ARG NH1  N  N N 23  
ARG NH2  N  N N 24  
ARG OXT  O  N N 25  
ARG H    H  N N 26  
ARG H2   H  N N 27  
ARG HA   H  N N 28  
ARG HB2  H  N N 29  
ARG HB3  H  N N 30  
ARG HG2  H  N N 31  
ARG HG3  H  N N 32  
ARG HD2  H  N N 33  
ARG HD3  H  N N 34  
ARG HE   H  N N 35  
ARG HH11 H  N N 36  
ARG HH12 H  N N 37  
ARG HH21 H  N N 38  
ARG HH22 H  N N 39  
ARG HXT  H  N N 40  
ASN N    N  N N 41  
ASN CA   C  N S 42  
ASN C    C  N N 43  
ASN O    O  N N 44  
ASN CB   C  N N 45  
ASN CG   C  N N 46  
ASN OD1  O  N N 47  
ASN ND2  N  N N 48  
ASN OXT  O  N N 49  
ASN H    H  N N 50  
ASN H2   H  N N 51  
ASN HA   H  N N 52  
ASN HB2  H  N N 53  
ASN HB3  H  N N 54  
ASN HD21 H  N N 55  
ASN HD22 H  N N 56  
ASN HXT  H  N N 57  
ASP N    N  N N 58  
ASP CA   C  N S 59  
ASP C    C  N N 60  
ASP O    O  N N 61  
ASP CB   C  N N 62  
ASP CG   C  N N 63  
ASP OD1  O  N N 64  
ASP OD2  O  N N 65  
ASP OXT  O  N N 66  
ASP H    H  N N 67  
ASP H2   H  N N 68  
ASP HA   H  N N 69  
ASP HB2  H  N N 70  
ASP HB3  H  N N 71  
ASP HD2  H  N N 72  
ASP HXT  H  N N 73  
CYS N    N  N N 74  
CYS CA   C  N R 75  
CYS C    C  N N 76  
CYS O    O  N N 77  
CYS CB   C  N N 78  
CYS SG   S  N N 79  
CYS OXT  O  N N 80  
CYS H    H  N N 81  
CYS H2   H  N N 82  
CYS HA   H  N N 83  
CYS HB2  H  N N 84  
CYS HB3  H  N N 85  
CYS HG   H  N N 86  
CYS HXT  H  N N 87  
FE2 FE   FE N N 88  
GLN N    N  N N 89  
GLN CA   C  N S 90  
GLN C    C  N N 91  
GLN O    O  N N 92  
GLN CB   C  N N 93  
GLN CG   C  N N 94  
GLN CD   C  N N 95  
GLN OE1  O  N N 96  
GLN NE2  N  N N 97  
GLN OXT  O  N N 98  
GLN H    H  N N 99  
GLN H2   H  N N 100 
GLN HA   H  N N 101 
GLN HB2  H  N N 102 
GLN HB3  H  N N 103 
GLN HG2  H  N N 104 
GLN HG3  H  N N 105 
GLN HE21 H  N N 106 
GLN HE22 H  N N 107 
GLN HXT  H  N N 108 
GLU N    N  N N 109 
GLU CA   C  N S 110 
GLU C    C  N N 111 
GLU O    O  N N 112 
GLU CB   C  N N 113 
GLU CG   C  N N 114 
GLU CD   C  N N 115 
GLU OE1  O  N N 116 
GLU OE2  O  N N 117 
GLU OXT  O  N N 118 
GLU H    H  N N 119 
GLU H2   H  N N 120 
GLU HA   H  N N 121 
GLU HB2  H  N N 122 
GLU HB3  H  N N 123 
GLU HG2  H  N N 124 
GLU HG3  H  N N 125 
GLU HE2  H  N N 126 
GLU HXT  H  N N 127 
GLY N    N  N N 128 
GLY CA   C  N N 129 
GLY C    C  N N 130 
GLY O    O  N N 131 
GLY OXT  O  N N 132 
GLY H    H  N N 133 
GLY H2   H  N N 134 
GLY HA2  H  N N 135 
GLY HA3  H  N N 136 
GLY HXT  H  N N 137 
HIS N    N  N N 138 
HIS CA   C  N S 139 
HIS C    C  N N 140 
HIS O    O  N N 141 
HIS CB   C  N N 142 
HIS CG   C  Y N 143 
HIS ND1  N  Y N 144 
HIS CD2  C  Y N 145 
HIS CE1  C  Y N 146 
HIS NE2  N  Y N 147 
HIS OXT  O  N N 148 
HIS H    H  N N 149 
HIS H2   H  N N 150 
HIS HA   H  N N 151 
HIS HB2  H  N N 152 
HIS HB3  H  N N 153 
HIS HD1  H  N N 154 
HIS HD2  H  N N 155 
HIS HE1  H  N N 156 
HIS HE2  H  N N 157 
HIS HXT  H  N N 158 
HOH O    O  N N 159 
HOH H1   H  N N 160 
HOH H2   H  N N 161 
ILE N    N  N N 162 
ILE CA   C  N S 163 
ILE C    C  N N 164 
ILE O    O  N N 165 
ILE CB   C  N S 166 
ILE CG1  C  N N 167 
ILE CG2  C  N N 168 
ILE CD1  C  N N 169 
ILE OXT  O  N N 170 
ILE H    H  N N 171 
ILE H2   H  N N 172 
ILE HA   H  N N 173 
ILE HB   H  N N 174 
ILE HG12 H  N N 175 
ILE HG13 H  N N 176 
ILE HG21 H  N N 177 
ILE HG22 H  N N 178 
ILE HG23 H  N N 179 
ILE HD11 H  N N 180 
ILE HD12 H  N N 181 
ILE HD13 H  N N 182 
ILE HXT  H  N N 183 
LEU N    N  N N 184 
LEU CA   C  N S 185 
LEU C    C  N N 186 
LEU O    O  N N 187 
LEU CB   C  N N 188 
LEU CG   C  N N 189 
LEU CD1  C  N N 190 
LEU CD2  C  N N 191 
LEU OXT  O  N N 192 
LEU H    H  N N 193 
LEU H2   H  N N 194 
LEU HA   H  N N 195 
LEU HB2  H  N N 196 
LEU HB3  H  N N 197 
LEU HG   H  N N 198 
LEU HD11 H  N N 199 
LEU HD12 H  N N 200 
LEU HD13 H  N N 201 
LEU HD21 H  N N 202 
LEU HD22 H  N N 203 
LEU HD23 H  N N 204 
LEU HXT  H  N N 205 
LYS N    N  N N 206 
LYS CA   C  N S 207 
LYS C    C  N N 208 
LYS O    O  N N 209 
LYS CB   C  N N 210 
LYS CG   C  N N 211 
LYS CD   C  N N 212 
LYS CE   C  N N 213 
LYS NZ   N  N N 214 
LYS OXT  O  N N 215 
LYS H    H  N N 216 
LYS H2   H  N N 217 
LYS HA   H  N N 218 
LYS HB2  H  N N 219 
LYS HB3  H  N N 220 
LYS HG2  H  N N 221 
LYS HG3  H  N N 222 
LYS HD2  H  N N 223 
LYS HD3  H  N N 224 
LYS HE2  H  N N 225 
LYS HE3  H  N N 226 
LYS HZ1  H  N N 227 
LYS HZ2  H  N N 228 
LYS HZ3  H  N N 229 
LYS HXT  H  N N 230 
MET N    N  N N 231 
MET CA   C  N S 232 
MET C    C  N N 233 
MET O    O  N N 234 
MET CB   C  N N 235 
MET CG   C  N N 236 
MET SD   S  N N 237 
MET CE   C  N N 238 
MET OXT  O  N N 239 
MET H    H  N N 240 
MET H2   H  N N 241 
MET HA   H  N N 242 
MET HB2  H  N N 243 
MET HB3  H  N N 244 
MET HG2  H  N N 245 
MET HG3  H  N N 246 
MET HE1  H  N N 247 
MET HE2  H  N N 248 
MET HE3  H  N N 249 
MET HXT  H  N N 250 
PHE N    N  N N 251 
PHE CA   C  N S 252 
PHE C    C  N N 253 
PHE O    O  N N 254 
PHE CB   C  N N 255 
PHE CG   C  Y N 256 
PHE CD1  C  Y N 257 
PHE CD2  C  Y N 258 
PHE CE1  C  Y N 259 
PHE CE2  C  Y N 260 
PHE CZ   C  Y N 261 
PHE OXT  O  N N 262 
PHE H    H  N N 263 
PHE H2   H  N N 264 
PHE HA   H  N N 265 
PHE HB2  H  N N 266 
PHE HB3  H  N N 267 
PHE HD1  H  N N 268 
PHE HD2  H  N N 269 
PHE HE1  H  N N 270 
PHE HE2  H  N N 271 
PHE HZ   H  N N 272 
PHE HXT  H  N N 273 
PRO N    N  N N 274 
PRO CA   C  N S 275 
PRO C    C  N N 276 
PRO O    O  N N 277 
PRO CB   C  N N 278 
PRO CG   C  N N 279 
PRO CD   C  N N 280 
PRO OXT  O  N N 281 
PRO H    H  N N 282 
PRO HA   H  N N 283 
PRO HB2  H  N N 284 
PRO HB3  H  N N 285 
PRO HG2  H  N N 286 
PRO HG3  H  N N 287 
PRO HD2  H  N N 288 
PRO HD3  H  N N 289 
PRO HXT  H  N N 290 
SER N    N  N N 291 
SER CA   C  N S 292 
SER C    C  N N 293 
SER O    O  N N 294 
SER CB   C  N N 295 
SER OG   O  N N 296 
SER OXT  O  N N 297 
SER H    H  N N 298 
SER H2   H  N N 299 
SER HA   H  N N 300 
SER HB2  H  N N 301 
SER HB3  H  N N 302 
SER HG   H  N N 303 
SER HXT  H  N N 304 
THR N    N  N N 305 
THR CA   C  N S 306 
THR C    C  N N 307 
THR O    O  N N 308 
THR CB   C  N R 309 
THR OG1  O  N N 310 
THR CG2  C  N N 311 
THR OXT  O  N N 312 
THR H    H  N N 313 
THR H2   H  N N 314 
THR HA   H  N N 315 
THR HB   H  N N 316 
THR HG1  H  N N 317 
THR HG21 H  N N 318 
THR HG22 H  N N 319 
THR HG23 H  N N 320 
THR HXT  H  N N 321 
TRP N    N  N N 322 
TRP CA   C  N S 323 
TRP C    C  N N 324 
TRP O    O  N N 325 
TRP CB   C  N N 326 
TRP CG   C  Y N 327 
TRP CD1  C  Y N 328 
TRP CD2  C  Y N 329 
TRP NE1  N  Y N 330 
TRP CE2  C  Y N 331 
TRP CE3  C  Y N 332 
TRP CZ2  C  Y N 333 
TRP CZ3  C  Y N 334 
TRP CH2  C  Y N 335 
TRP OXT  O  N N 336 
TRP H    H  N N 337 
TRP H2   H  N N 338 
TRP HA   H  N N 339 
TRP HB2  H  N N 340 
TRP HB3  H  N N 341 
TRP HD1  H  N N 342 
TRP HE1  H  N N 343 
TRP HE3  H  N N 344 
TRP HZ2  H  N N 345 
TRP HZ3  H  N N 346 
TRP HH2  H  N N 347 
TRP HXT  H  N N 348 
TYR N    N  N N 349 
TYR CA   C  N S 350 
TYR C    C  N N 351 
TYR O    O  N N 352 
TYR CB   C  N N 353 
TYR CG   C  Y N 354 
TYR CD1  C  Y N 355 
TYR CD2  C  Y N 356 
TYR CE1  C  Y N 357 
TYR CE2  C  Y N 358 
TYR CZ   C  Y N 359 
TYR OH   O  N N 360 
TYR OXT  O  N N 361 
TYR H    H  N N 362 
TYR H2   H  N N 363 
TYR HA   H  N N 364 
TYR HB2  H  N N 365 
TYR HB3  H  N N 366 
TYR HD1  H  N N 367 
TYR HD2  H  N N 368 
TYR HE1  H  N N 369 
TYR HE2  H  N N 370 
TYR HH   H  N N 371 
TYR HXT  H  N N 372 
VAL N    N  N N 373 
VAL CA   C  N S 374 
VAL C    C  N N 375 
VAL O    O  N N 376 
VAL CB   C  N N 377 
VAL CG1  C  N N 378 
VAL CG2  C  N N 379 
VAL OXT  O  N N 380 
VAL H    H  N N 381 
VAL H2   H  N N 382 
VAL HA   H  N N 383 
VAL HB   H  N N 384 
VAL HG11 H  N N 385 
VAL HG12 H  N N 386 
VAL HG13 H  N N 387 
VAL HG21 H  N N 388 
VAL HG22 H  N N 389 
VAL HG23 H  N N 390 
VAL HXT  H  N N 391 
# 
loop_
_chem_comp_bond.comp_id 
_chem_comp_bond.atom_id_1 
_chem_comp_bond.atom_id_2 
_chem_comp_bond.value_order 
_chem_comp_bond.pdbx_aromatic_flag 
_chem_comp_bond.pdbx_stereo_config 
_chem_comp_bond.pdbx_ordinal 
ALA N   CA   sing N N 1   
ALA N   H    sing N N 2   
ALA N   H2   sing N N 3   
ALA CA  C    sing N N 4   
ALA CA  CB   sing N N 5   
ALA CA  HA   sing N N 6   
ALA C   O    doub N N 7   
ALA C   OXT  sing N N 8   
ALA CB  HB1  sing N N 9   
ALA CB  HB2  sing N N 10  
ALA CB  HB3  sing N N 11  
ALA OXT HXT  sing N N 12  
ARG N   CA   sing N N 13  
ARG N   H    sing N N 14  
ARG N   H2   sing N N 15  
ARG CA  C    sing N N 16  
ARG CA  CB   sing N N 17  
ARG CA  HA   sing N N 18  
ARG C   O    doub N N 19  
ARG C   OXT  sing N N 20  
ARG CB  CG   sing N N 21  
ARG CB  HB2  sing N N 22  
ARG CB  HB3  sing N N 23  
ARG CG  CD   sing N N 24  
ARG CG  HG2  sing N N 25  
ARG CG  HG3  sing N N 26  
ARG CD  NE   sing N N 27  
ARG CD  HD2  sing N N 28  
ARG CD  HD3  sing N N 29  
ARG NE  CZ   sing N N 30  
ARG NE  HE   sing N N 31  
ARG CZ  NH1  sing N N 32  
ARG CZ  NH2  doub N N 33  
ARG NH1 HH11 sing N N 34  
ARG NH1 HH12 sing N N 35  
ARG NH2 HH21 sing N N 36  
ARG NH2 HH22 sing N N 37  
ARG OXT HXT  sing N N 38  
ASN N   CA   sing N N 39  
ASN N   H    sing N N 40  
ASN N   H2   sing N N 41  
ASN CA  C    sing N N 42  
ASN CA  CB   sing N N 43  
ASN CA  HA   sing N N 44  
ASN C   O    doub N N 45  
ASN C   OXT  sing N N 46  
ASN CB  CG   sing N N 47  
ASN CB  HB2  sing N N 48  
ASN CB  HB3  sing N N 49  
ASN CG  OD1  doub N N 50  
ASN CG  ND2  sing N N 51  
ASN ND2 HD21 sing N N 52  
ASN ND2 HD22 sing N N 53  
ASN OXT HXT  sing N N 54  
ASP N   CA   sing N N 55  
ASP N   H    sing N N 56  
ASP N   H2   sing N N 57  
ASP CA  C    sing N N 58  
ASP CA  CB   sing N N 59  
ASP CA  HA   sing N N 60  
ASP C   O    doub N N 61  
ASP C   OXT  sing N N 62  
ASP CB  CG   sing N N 63  
ASP CB  HB2  sing N N 64  
ASP CB  HB3  sing N N 65  
ASP CG  OD1  doub N N 66  
ASP CG  OD2  sing N N 67  
ASP OD2 HD2  sing N N 68  
ASP OXT HXT  sing N N 69  
CYS N   CA   sing N N 70  
CYS N   H    sing N N 71  
CYS N   H2   sing N N 72  
CYS CA  C    sing N N 73  
CYS CA  CB   sing N N 74  
CYS CA  HA   sing N N 75  
CYS C   O    doub N N 76  
CYS C   OXT  sing N N 77  
CYS CB  SG   sing N N 78  
CYS CB  HB2  sing N N 79  
CYS CB  HB3  sing N N 80  
CYS SG  HG   sing N N 81  
CYS OXT HXT  sing N N 82  
GLN N   CA   sing N N 83  
GLN N   H    sing N N 84  
GLN N   H2   sing N N 85  
GLN CA  C    sing N N 86  
GLN CA  CB   sing N N 87  
GLN CA  HA   sing N N 88  
GLN C   O    doub N N 89  
GLN C   OXT  sing N N 90  
GLN CB  CG   sing N N 91  
GLN CB  HB2  sing N N 92  
GLN CB  HB3  sing N N 93  
GLN CG  CD   sing N N 94  
GLN CG  HG2  sing N N 95  
GLN CG  HG3  sing N N 96  
GLN CD  OE1  doub N N 97  
GLN CD  NE2  sing N N 98  
GLN NE2 HE21 sing N N 99  
GLN NE2 HE22 sing N N 100 
GLN OXT HXT  sing N N 101 
GLU N   CA   sing N N 102 
GLU N   H    sing N N 103 
GLU N   H2   sing N N 104 
GLU CA  C    sing N N 105 
GLU CA  CB   sing N N 106 
GLU CA  HA   sing N N 107 
GLU C   O    doub N N 108 
GLU C   OXT  sing N N 109 
GLU CB  CG   sing N N 110 
GLU CB  HB2  sing N N 111 
GLU CB  HB3  sing N N 112 
GLU CG  CD   sing N N 113 
GLU CG  HG2  sing N N 114 
GLU CG  HG3  sing N N 115 
GLU CD  OE1  doub N N 116 
GLU CD  OE2  sing N N 117 
GLU OE2 HE2  sing N N 118 
GLU OXT HXT  sing N N 119 
GLY N   CA   sing N N 120 
GLY N   H    sing N N 121 
GLY N   H2   sing N N 122 
GLY CA  C    sing N N 123 
GLY CA  HA2  sing N N 124 
GLY CA  HA3  sing N N 125 
GLY C   O    doub N N 126 
GLY C   OXT  sing N N 127 
GLY OXT HXT  sing N N 128 
HIS N   CA   sing N N 129 
HIS N   H    sing N N 130 
HIS N   H2   sing N N 131 
HIS CA  C    sing N N 132 
HIS CA  CB   sing N N 133 
HIS CA  HA   sing N N 134 
HIS C   O    doub N N 135 
HIS C   OXT  sing N N 136 
HIS CB  CG   sing N N 137 
HIS CB  HB2  sing N N 138 
HIS CB  HB3  sing N N 139 
HIS CG  ND1  sing Y N 140 
HIS CG  CD2  doub Y N 141 
HIS ND1 CE1  doub Y N 142 
HIS ND1 HD1  sing N N 143 
HIS CD2 NE2  sing Y N 144 
HIS CD2 HD2  sing N N 145 
HIS CE1 NE2  sing Y N 146 
HIS CE1 HE1  sing N N 147 
HIS NE2 HE2  sing N N 148 
HIS OXT HXT  sing N N 149 
HOH O   H1   sing N N 150 
HOH O   H2   sing N N 151 
ILE N   CA   sing N N 152 
ILE N   H    sing N N 153 
ILE N   H2   sing N N 154 
ILE CA  C    sing N N 155 
ILE CA  CB   sing N N 156 
ILE CA  HA   sing N N 157 
ILE C   O    doub N N 158 
ILE C   OXT  sing N N 159 
ILE CB  CG1  sing N N 160 
ILE CB  CG2  sing N N 161 
ILE CB  HB   sing N N 162 
ILE CG1 CD1  sing N N 163 
ILE CG1 HG12 sing N N 164 
ILE CG1 HG13 sing N N 165 
ILE CG2 HG21 sing N N 166 
ILE CG2 HG22 sing N N 167 
ILE CG2 HG23 sing N N 168 
ILE CD1 HD11 sing N N 169 
ILE CD1 HD12 sing N N 170 
ILE CD1 HD13 sing N N 171 
ILE OXT HXT  sing N N 172 
LEU N   CA   sing N N 173 
LEU N   H    sing N N 174 
LEU N   H2   sing N N 175 
LEU CA  C    sing N N 176 
LEU CA  CB   sing N N 177 
LEU CA  HA   sing N N 178 
LEU C   O    doub N N 179 
LEU C   OXT  sing N N 180 
LEU CB  CG   sing N N 181 
LEU CB  HB2  sing N N 182 
LEU CB  HB3  sing N N 183 
LEU CG  CD1  sing N N 184 
LEU CG  CD2  sing N N 185 
LEU CG  HG   sing N N 186 
LEU CD1 HD11 sing N N 187 
LEU CD1 HD12 sing N N 188 
LEU CD1 HD13 sing N N 189 
LEU CD2 HD21 sing N N 190 
LEU CD2 HD22 sing N N 191 
LEU CD2 HD23 sing N N 192 
LEU OXT HXT  sing N N 193 
LYS N   CA   sing N N 194 
LYS N   H    sing N N 195 
LYS N   H2   sing N N 196 
LYS CA  C    sing N N 197 
LYS CA  CB   sing N N 198 
LYS CA  HA   sing N N 199 
LYS C   O    doub N N 200 
LYS C   OXT  sing N N 201 
LYS CB  CG   sing N N 202 
LYS CB  HB2  sing N N 203 
LYS CB  HB3  sing N N 204 
LYS CG  CD   sing N N 205 
LYS CG  HG2  sing N N 206 
LYS CG  HG3  sing N N 207 
LYS CD  CE   sing N N 208 
LYS CD  HD2  sing N N 209 
LYS CD  HD3  sing N N 210 
LYS CE  NZ   sing N N 211 
LYS CE  HE2  sing N N 212 
LYS CE  HE3  sing N N 213 
LYS NZ  HZ1  sing N N 214 
LYS NZ  HZ2  sing N N 215 
LYS NZ  HZ3  sing N N 216 
LYS OXT HXT  sing N N 217 
MET N   CA   sing N N 218 
MET N   H    sing N N 219 
MET N   H2   sing N N 220 
MET CA  C    sing N N 221 
MET CA  CB   sing N N 222 
MET CA  HA   sing N N 223 
MET C   O    doub N N 224 
MET C   OXT  sing N N 225 
MET CB  CG   sing N N 226 
MET CB  HB2  sing N N 227 
MET CB  HB3  sing N N 228 
MET CG  SD   sing N N 229 
MET CG  HG2  sing N N 230 
MET CG  HG3  sing N N 231 
MET SD  CE   sing N N 232 
MET CE  HE1  sing N N 233 
MET CE  HE2  sing N N 234 
MET CE  HE3  sing N N 235 
MET OXT HXT  sing N N 236 
PHE N   CA   sing N N 237 
PHE N   H    sing N N 238 
PHE N   H2   sing N N 239 
PHE CA  C    sing N N 240 
PHE CA  CB   sing N N 241 
PHE CA  HA   sing N N 242 
PHE C   O    doub N N 243 
PHE C   OXT  sing N N 244 
PHE CB  CG   sing N N 245 
PHE CB  HB2  sing N N 246 
PHE CB  HB3  sing N N 247 
PHE CG  CD1  doub Y N 248 
PHE CG  CD2  sing Y N 249 
PHE CD1 CE1  sing Y N 250 
PHE CD1 HD1  sing N N 251 
PHE CD2 CE2  doub Y N 252 
PHE CD2 HD2  sing N N 253 
PHE CE1 CZ   doub Y N 254 
PHE CE1 HE1  sing N N 255 
PHE CE2 CZ   sing Y N 256 
PHE CE2 HE2  sing N N 257 
PHE CZ  HZ   sing N N 258 
PHE OXT HXT  sing N N 259 
PRO N   CA   sing N N 260 
PRO N   CD   sing N N 261 
PRO N   H    sing N N 262 
PRO CA  C    sing N N 263 
PRO CA  CB   sing N N 264 
PRO CA  HA   sing N N 265 
PRO C   O    doub N N 266 
PRO C   OXT  sing N N 267 
PRO CB  CG   sing N N 268 
PRO CB  HB2  sing N N 269 
PRO CB  HB3  sing N N 270 
PRO CG  CD   sing N N 271 
PRO CG  HG2  sing N N 272 
PRO CG  HG3  sing N N 273 
PRO CD  HD2  sing N N 274 
PRO CD  HD3  sing N N 275 
PRO OXT HXT  sing N N 276 
SER N   CA   sing N N 277 
SER N   H    sing N N 278 
SER N   H2   sing N N 279 
SER CA  C    sing N N 280 
SER CA  CB   sing N N 281 
SER CA  HA   sing N N 282 
SER C   O    doub N N 283 
SER C   OXT  sing N N 284 
SER CB  OG   sing N N 285 
SER CB  HB2  sing N N 286 
SER CB  HB3  sing N N 287 
SER OG  HG   sing N N 288 
SER OXT HXT  sing N N 289 
THR N   CA   sing N N 290 
THR N   H    sing N N 291 
THR N   H2   sing N N 292 
THR CA  C    sing N N 293 
THR CA  CB   sing N N 294 
THR CA  HA   sing N N 295 
THR C   O    doub N N 296 
THR C   OXT  sing N N 297 
THR CB  OG1  sing N N 298 
THR CB  CG2  sing N N 299 
THR CB  HB   sing N N 300 
THR OG1 HG1  sing N N 301 
THR CG2 HG21 sing N N 302 
THR CG2 HG22 sing N N 303 
THR CG2 HG23 sing N N 304 
THR OXT HXT  sing N N 305 
TRP N   CA   sing N N 306 
TRP N   H    sing N N 307 
TRP N   H2   sing N N 308 
TRP CA  C    sing N N 309 
TRP CA  CB   sing N N 310 
TRP CA  HA   sing N N 311 
TRP C   O    doub N N 312 
TRP C   OXT  sing N N 313 
TRP CB  CG   sing N N 314 
TRP CB  HB2  sing N N 315 
TRP CB  HB3  sing N N 316 
TRP CG  CD1  doub Y N 317 
TRP CG  CD2  sing Y N 318 
TRP CD1 NE1  sing Y N 319 
TRP CD1 HD1  sing N N 320 
TRP CD2 CE2  doub Y N 321 
TRP CD2 CE3  sing Y N 322 
TRP NE1 CE2  sing Y N 323 
TRP NE1 HE1  sing N N 324 
TRP CE2 CZ2  sing Y N 325 
TRP CE3 CZ3  doub Y N 326 
TRP CE3 HE3  sing N N 327 
TRP CZ2 CH2  doub Y N 328 
TRP CZ2 HZ2  sing N N 329 
TRP CZ3 CH2  sing Y N 330 
TRP CZ3 HZ3  sing N N 331 
TRP CH2 HH2  sing N N 332 
TRP OXT HXT  sing N N 333 
TYR N   CA   sing N N 334 
TYR N   H    sing N N 335 
TYR N   H2   sing N N 336 
TYR CA  C    sing N N 337 
TYR CA  CB   sing N N 338 
TYR CA  HA   sing N N 339 
TYR C   O    doub N N 340 
TYR C   OXT  sing N N 341 
TYR CB  CG   sing N N 342 
TYR CB  HB2  sing N N 343 
TYR CB  HB3  sing N N 344 
TYR CG  CD1  doub Y N 345 
TYR CG  CD2  sing Y N 346 
TYR CD1 CE1  sing Y N 347 
TYR CD1 HD1  sing N N 348 
TYR CD2 CE2  doub Y N 349 
TYR CD2 HD2  sing N N 350 
TYR CE1 CZ   doub Y N 351 
TYR CE1 HE1  sing N N 352 
TYR CE2 CZ   sing Y N 353 
TYR CE2 HE2  sing N N 354 
TYR CZ  OH   sing N N 355 
TYR OH  HH   sing N N 356 
TYR OXT HXT  sing N N 357 
VAL N   CA   sing N N 358 
VAL N   H    sing N N 359 
VAL N   H2   sing N N 360 
VAL CA  C    sing N N 361 
VAL CA  CB   sing N N 362 
VAL CA  HA   sing N N 363 
VAL C   O    doub N N 364 
VAL C   OXT  sing N N 365 
VAL CB  CG1  sing N N 366 
VAL CB  CG2  sing N N 367 
VAL CB  HB   sing N N 368 
VAL CG1 HG11 sing N N 369 
VAL CG1 HG12 sing N N 370 
VAL CG1 HG13 sing N N 371 
VAL CG2 HG21 sing N N 372 
VAL CG2 HG22 sing N N 373 
VAL CG2 HG23 sing N N 374 
VAL OXT HXT  sing N N 375 
# 
_pdbx_initial_refinement_model.id               1 
_pdbx_initial_refinement_model.entity_id_list   ? 
_pdbx_initial_refinement_model.type             'experimental model' 
_pdbx_initial_refinement_model.source_name      PDB 
_pdbx_initial_refinement_model.accession_code   2ATF 
_pdbx_initial_refinement_model.details          'PDB ENTRY 2ATF' 
# 
_atom_sites.entry_id                    2IC1 
_atom_sites.fract_transf_matrix[1][1]   -0.00067706 
_atom_sites.fract_transf_matrix[1][2]   0.00861652 
_atom_sites.fract_transf_matrix[1][3]   -0.00169668 
_atom_sites.fract_transf_matrix[2][1]   -0.00337230 
_atom_sites.fract_transf_matrix[2][2]   0.00543013 
_atom_sites.fract_transf_matrix[2][3]   0.00605988 
_atom_sites.fract_transf_matrix[3][1]   0.02665590 
_atom_sites.fract_transf_matrix[3][2]   0.00426325 
_atom_sites.fract_transf_matrix[3][3]   0.01101370 
_atom_sites.fract_transf_vector[1]      0.536117 
_atom_sites.fract_transf_vector[2]      0.396458 
_atom_sites.fract_transf_vector[3]      0.934191 
# 
loop_
_atom_type.symbol 
C  
FE 
N  
O  
S  
# 
loop_
_atom_site.group_PDB 
_atom_site.id 
_atom_site.type_symbol 
_atom_site.label_atom_id 
_atom_site.label_alt_id 
_atom_site.label_comp_id 
_atom_site.label_asym_id 
_atom_site.label_entity_id 
_atom_site.label_seq_id 
_atom_site.pdbx_PDB_ins_code 
_atom_site.Cartn_x 
_atom_site.Cartn_y 
_atom_site.Cartn_z 
_atom_site.occupancy 
_atom_site.B_iso_or_equiv 
_atom_site.pdbx_formal_charge 
_atom_site.auth_seq_id 
_atom_site.auth_comp_id 
_atom_site.auth_asym_id 
_atom_site.auth_atom_id 
_atom_site.pdbx_PDB_model_num 
ATOM   1    N  N   . VAL A 1 11  ? -0.352  22.660  2.101   1.00 34.72 ? 6   VAL A N   1 
ATOM   2    C  CA  . VAL A 1 11  ? 0.039   21.604  1.117   1.00 34.15 ? 6   VAL A CA  1 
ATOM   3    C  C   . VAL A 1 11  ? -0.660  21.686  -0.242  1.00 33.75 ? 6   VAL A C   1 
ATOM   4    O  O   . VAL A 1 11  ? -1.871  21.943  -0.314  1.00 35.15 ? 6   VAL A O   1 
ATOM   5    C  CB  . VAL A 1 11  ? -0.209  20.207  1.688   1.00 33.20 ? 6   VAL A CB  1 
ATOM   6    C  CG1 . VAL A 1 11  ? -0.084  19.165  0.606   1.00 32.77 ? 6   VAL A CG1 1 
ATOM   7    C  CG2 . VAL A 1 11  ? 0.785   19.946  2.785   1.00 34.17 ? 6   VAL A CG2 1 
ATOM   8    N  N   . LEU A 1 12  ? 0.109   21.471  -1.311  1.00 31.60 ? 7   LEU A N   1 
ATOM   9    C  CA  . LEU A 1 12  ? -0.432  21.481  -2.665  1.00 30.52 ? 7   LEU A CA  1 
ATOM   10   C  C   . LEU A 1 12  ? -1.549  20.421  -2.794  1.00 30.71 ? 7   LEU A C   1 
ATOM   11   O  O   . LEU A 1 12  ? -1.343  19.257  -2.510  1.00 31.31 ? 7   LEU A O   1 
ATOM   12   C  CB  . LEU A 1 12  ? 0.679   21.187  -3.635  1.00 28.51 ? 7   LEU A CB  1 
ATOM   13   C  CG  . LEU A 1 12  ? 0.273   21.151  -5.084  1.00 28.16 ? 7   LEU A CG  1 
ATOM   14   C  CD1 . LEU A 1 12  ? -0.172  22.488  -5.600  1.00 27.06 ? 7   LEU A CD1 1 
ATOM   15   C  CD2 . LEU A 1 12  ? 1.504   20.683  -5.807  1.00 28.50 ? 7   LEU A CD2 1 
ATOM   16   N  N   . LYS A 1 13  ? -2.722  20.814  -3.254  1.00 30.11 ? 8   LYS A N   1 
ATOM   17   C  CA  . LYS A 1 13  ? -3.826  19.876  -3.315  1.00 30.05 ? 8   LYS A CA  1 
ATOM   18   C  C   . LYS A 1 13  ? -4.288  19.380  -4.682  1.00 29.99 ? 8   LYS A C   1 
ATOM   19   O  O   . LYS A 1 13  ? -5.009  20.087  -5.387  1.00 30.10 ? 8   LYS A O   1 
ATOM   20   C  CB  . LYS A 1 13  ? -5.029  20.489  -2.587  1.00 29.60 ? 8   LYS A CB  1 
ATOM   21   C  CG  . LYS A 1 13  ? -6.177  19.548  -2.411  1.00 31.20 ? 8   LYS A CG  1 
ATOM   22   C  CD  . LYS A 1 13  ? -7.454  20.292  -2.122  1.00 33.84 ? 8   LYS A CD  1 
ATOM   23   C  CE  . LYS A 1 13  ? -8.435  19.411  -1.331  1.00 36.04 ? 8   LYS A CE  1 
ATOM   24   N  NZ  . LYS A 1 13  ? -7.879  19.042  0.048   1.00 38.38 ? 8   LYS A NZ  1 
ATOM   25   N  N   . PRO A 1 14  ? -3.926  18.141  -5.049  1.00 30.03 ? 9   PRO A N   1 
ATOM   26   C  CA  . PRO A 1 14  ? -4.314  17.558  -6.335  1.00 30.11 ? 9   PRO A CA  1 
ATOM   27   C  C   . PRO A 1 14  ? -5.816  17.594  -6.346  1.00 31.73 ? 9   PRO A C   1 
ATOM   28   O  O   . PRO A 1 14  ? -6.419  17.294  -5.327  1.00 30.95 ? 9   PRO A O   1 
ATOM   29   C  CB  . PRO A 1 14  ? -3.816  16.121  -6.242  1.00 29.82 ? 9   PRO A CB  1 
ATOM   30   C  CG  . PRO A 1 14  ? -2.755  16.145  -5.221  1.00 30.11 ? 9   PRO A CG  1 
ATOM   31   C  CD  . PRO A 1 14  ? -3.298  17.132  -4.183  1.00 29.77 ? 9   PRO A CD  1 
ATOM   32   N  N   . ARG A 1 15  ? -6.419  17.974  -7.472  1.00 34.23 ? 10  ARG A N   1 
ATOM   33   C  CA  . ARG A 1 15  ? -7.881  18.030  -7.571  1.00 36.14 ? 10  ARG A CA  1 
ATOM   34   C  C   . ARG A 1 15  ? -8.373  16.706  -8.152  1.00 34.49 ? 10  ARG A C   1 
ATOM   35   O  O   . ARG A 1 15  ? -9.553  16.379  -8.108  1.00 35.63 ? 10  ARG A O   1 
ATOM   36   C  CB  . ARG A 1 15  ? -8.353  19.180  -8.489  1.00 40.28 ? 10  ARG A CB  1 
ATOM   37   C  CG  . ARG A 1 15  ? -7.798  20.577  -8.211  1.00 46.49 ? 10  ARG A CG  1 
ATOM   38   C  CD  . ARG A 1 15  ? -8.460  21.680  -9.142  1.00 52.84 ? 10  ARG A CD  1 
ATOM   39   N  NE  . ARG A 1 15  ? -7.607  22.897  -9.316  1.00 57.59 ? 10  ARG A NE  1 
ATOM   40   C  CZ  . ARG A 1 15  ? -6.522  22.969  -10.108 1.00 58.56 ? 10  ARG A CZ  1 
ATOM   41   N  NH1 . ARG A 1 15  ? -6.138  21.907  -10.824 1.00 58.94 ? 10  ARG A NH1 1 
ATOM   42   N  NH2 . ARG A 1 15  ? -5.810  24.091  -10.175 1.00 58.23 ? 10  ARG A NH2 1 
ATOM   43   N  N   . THR A 1 16  ? -7.457  15.941  -8.696  1.00 32.84 ? 11  THR A N   1 
ATOM   44   C  CA  . THR A 1 16  ? -7.821  14.691  -9.283  1.00 32.28 ? 11  THR A CA  1 
ATOM   45   C  C   . THR A 1 16  ? -6.600  13.834  -9.363  1.00 31.86 ? 11  THR A C   1 
ATOM   46   O  O   . THR A 1 16  ? -5.470  14.331  -9.523  1.00 30.77 ? 11  THR A O   1 
ATOM   47   C  CB  . THR A 1 16  ? -8.331  14.833  -10.728 1.00 33.07 ? 11  THR A CB  1 
ATOM   48   O  OG1 . THR A 1 16  ? -7.259  15.304  -11.573 1.00 32.15 ? 11  THR A OG1 1 
ATOM   49   C  CG2 . THR A 1 16  ? -9.503  15.763  -10.783 1.00 32.51 ? 11  THR A CG2 1 
ATOM   50   N  N   . LEU A 1 17  ? -6.877  12.533  -9.315  1.00 30.79 ? 12  LEU A N   1 
ATOM   51   C  CA  . LEU A 1 17  ? -5.883  11.485  -9.363  1.00 30.56 ? 12  LEU A CA  1 
ATOM   52   C  C   . LEU A 1 17  ? -4.810  11.760  -10.434 1.00 30.59 ? 12  LEU A C   1 
ATOM   53   O  O   . LEU A 1 17  ? -3.631  11.438  -10.263 1.00 29.56 ? 12  LEU A O   1 
ATOM   54   C  CB  . LEU A 1 17  ? -6.611  10.158  -9.610  1.00 28.37 ? 12  LEU A CB  1 
ATOM   55   C  CG  . LEU A 1 17  ? -5.766  8.885   -9.577  1.00 26.85 ? 12  LEU A CG  1 
ATOM   56   C  CD1 . LEU A 1 17  ? -4.977  8.828   -8.292  1.00 26.07 ? 12  LEU A CD1 1 
ATOM   57   C  CD2 . LEU A 1 17  ? -6.648  7.699   -9.715  1.00 24.56 ? 12  LEU A CD2 1 
ATOM   58   N  N   . ALA A 1 18  ? -5.251  12.364  -11.535 1.00 31.55 ? 13  ALA A N   1 
ATOM   59   C  CA  . ALA A 1 18  ? -4.390  12.728  -12.649 1.00 31.82 ? 13  ALA A CA  1 
ATOM   60   C  C   . ALA A 1 18  ? -3.375  13.757  -12.162 1.00 32.49 ? 13  ALA A C   1 
ATOM   61   O  O   . ALA A 1 18  ? -2.157  13.617  -12.407 1.00 32.72 ? 13  ALA A O   1 
ATOM   62   C  CB  . ALA A 1 18  ? -5.226  13.315  -13.755 1.00 31.15 ? 13  ALA A CB  1 
ATOM   63   N  N   . ASP A 1 19  ? -3.878  14.781  -11.460 1.00 31.93 ? 14  ASP A N   1 
ATOM   64   C  CA  . ASP A 1 19  ? -3.019  15.839  -10.934 1.00 32.39 ? 14  ASP A CA  1 
ATOM   65   C  C   . ASP A 1 19  ? -2.019  15.263  -9.957  1.00 32.04 ? 14  ASP A C   1 
ATOM   66   O  O   . ASP A 1 19  ? -0.837  15.629  -9.948  1.00 32.26 ? 14  ASP A O   1 
ATOM   67   C  CB  . ASP A 1 19  ? -3.827  16.909  -10.209 1.00 33.52 ? 14  ASP A CB  1 
ATOM   68   C  CG  . ASP A 1 19  ? -4.656  17.772  -11.149 1.00 35.89 ? 14  ASP A CG  1 
ATOM   69   O  OD1 . ASP A 1 19  ? -4.377  17.775  -12.382 1.00 35.47 ? 14  ASP A OD1 1 
ATOM   70   O  OD2 . ASP A 1 19  ? -5.589  18.464  -10.632 1.00 36.28 ? 14  ASP A OD2 1 
ATOM   71   N  N   . LEU A 1 20  ? -2.505  14.351  -9.130  1.00 31.25 ? 15  LEU A N   1 
ATOM   72   C  CA  . LEU A 1 20  ? -1.670  13.731  -8.130  1.00 29.96 ? 15  LEU A CA  1 
ATOM   73   C  C   . LEU A 1 20  ? -0.525  13.016  -8.776  1.00 28.92 ? 15  LEU A C   1 
ATOM   74   O  O   . LEU A 1 20  ? 0.631   13.210  -8.388  1.00 28.61 ? 15  LEU A O   1 
ATOM   75   C  CB  . LEU A 1 20  ? -2.480  12.751  -7.305  1.00 30.85 ? 15  LEU A CB  1 
ATOM   76   C  CG  . LEU A 1 20  ? -1.681  11.920  -6.311  1.00 30.55 ? 15  LEU A CG  1 
ATOM   77   C  CD1 . LEU A 1 20  ? -0.834  12.799  -5.395  1.00 30.82 ? 15  LEU A CD1 1 
ATOM   78   C  CD2 . LEU A 1 20  ? -2.665  11.128  -5.538  1.00 30.52 ? 15  LEU A CD2 1 
ATOM   79   N  N   . ILE A 1 21  ? -0.856  12.177  -9.751  1.00 28.02 ? 16  ILE A N   1 
ATOM   80   C  CA  . ILE A 1 21  ? 0.145   11.410  -10.497 1.00 28.34 ? 16  ILE A CA  1 
ATOM   81   C  C   . ILE A 1 21  ? 1.190   12.349  -11.132 1.00 28.94 ? 16  ILE A C   1 
ATOM   82   O  O   . ILE A 1 21  ? 2.409   12.111  -11.017 1.00 26.88 ? 16  ILE A O   1 
ATOM   83   C  CB  . ILE A 1 21  ? -0.559  10.543  -11.549 1.00 27.68 ? 16  ILE A CB  1 
ATOM   84   C  CG1 . ILE A 1 21  ? -1.372  9.480   -10.815 1.00 27.84 ? 16  ILE A CG1 1 
ATOM   85   C  CG2 . ILE A 1 21  ? 0.447   9.844   -12.446 1.00 27.13 ? 16  ILE A CG2 1 
ATOM   86   C  CD1 . ILE A 1 21  ? -2.357  8.767   -11.683 1.00 28.55 ? 16  ILE A CD1 1 
ATOM   87   N  N   . ARG A 1 22  ? 0.682   13.428  -11.749 1.00 29.80 ? 17  ARG A N   1 
ATOM   88   C  CA  . ARG A 1 22  ? 1.498   14.450  -12.369 1.00 31.10 ? 17  ARG A CA  1 
ATOM   89   C  C   . ARG A 1 22  ? 2.498   14.968  -11.342 1.00 30.36 ? 17  ARG A C   1 
ATOM   90   O  O   . ARG A 1 22  ? 3.699   14.987  -11.580 1.00 30.52 ? 17  ARG A O   1 
ATOM   91   C  CB  . ARG A 1 22  ? 0.607   15.605  -12.864 1.00 34.61 ? 17  ARG A CB  1 
ATOM   92   C  CG  . ARG A 1 22  ? 1.372   16.929  -13.218 1.00 38.47 ? 17  ARG A CG  1 
ATOM   93   C  CD  . ARG A 1 22  ? 1.108   17.382  -14.668 1.00 43.58 ? 17  ARG A CD  1 
ATOM   94   N  NE  . ARG A 1 22  ? -0.319  17.348  -14.987 1.00 48.55 ? 17  ARG A NE  1 
ATOM   95   C  CZ  . ARG A 1 22  ? -1.240  18.128  -14.412 1.00 52.32 ? 17  ARG A CZ  1 
ATOM   96   N  NH1 . ARG A 1 22  ? -0.890  19.023  -13.483 1.00 53.77 ? 17  ARG A NH1 1 
ATOM   97   N  NH2 . ARG A 1 22  ? -2.525  18.009  -14.750 1.00 53.83 ? 17  ARG A NH2 1 
ATOM   98   N  N   . ILE A 1 23  ? 1.993   15.377  -10.185 1.00 29.38 ? 18  ILE A N   1 
ATOM   99   C  CA  . ILE A 1 23  ? 2.842   15.905  -9.127  1.00 28.62 ? 18  ILE A CA  1 
ATOM   100  C  C   . ILE A 1 23  ? 3.851   14.891  -8.645  1.00 29.33 ? 18  ILE A C   1 
ATOM   101  O  O   . ILE A 1 23  ? 4.968   15.266  -8.265  1.00 28.92 ? 18  ILE A O   1 
ATOM   102  C  CB  . ILE A 1 23  ? 2.015   16.326  -7.906  1.00 28.10 ? 18  ILE A CB  1 
ATOM   103  C  CG1 . ILE A 1 23  ? 1.053   17.433  -8.300  1.00 27.91 ? 18  ILE A CG1 1 
ATOM   104  C  CG2 . ILE A 1 23  ? 2.929   16.777  -6.786  1.00 26.72 ? 18  ILE A CG2 1 
ATOM   105  C  CD1 . ILE A 1 23  ? 0.072   17.788  -7.220  1.00 29.65 ? 18  ILE A CD1 1 
ATOM   106  N  N   . LEU A 1 24  ? 3.443   13.615  -8.611  1.00 30.05 ? 19  LEU A N   1 
ATOM   107  C  CA  . LEU A 1 24  ? 4.335   12.537  -8.165  1.00 31.01 ? 19  LEU A CA  1 
ATOM   108  C  C   . LEU A 1 24  ? 5.523   12.405  -9.134  1.00 31.20 ? 19  LEU A C   1 
ATOM   109  O  O   . LEU A 1 24  ? 6.689   12.256  -8.709  1.00 29.67 ? 19  LEU A O   1 
ATOM   110  C  CB  . LEU A 1 24  ? 3.573   11.209  -8.041  1.00 31.06 ? 19  LEU A CB  1 
ATOM   111  C  CG  . LEU A 1 24  ? 2.538   11.175  -6.895  1.00 31.32 ? 19  LEU A CG  1 
ATOM   112  C  CD1 . LEU A 1 24  ? 1.659   9.925   -7.030  1.00 30.82 ? 19  LEU A CD1 1 
ATOM   113  C  CD2 . LEU A 1 24  ? 3.237   11.201  -5.526  1.00 29.98 ? 19  LEU A CD2 1 
ATOM   114  N  N   . HIS A 1 25  ? 5.230   12.471  -10.432 1.00 30.82 ? 20  HIS A N   1 
ATOM   115  C  CA  . HIS A 1 25  ? 6.312   12.423  -11.378 1.00 31.76 ? 20  HIS A CA  1 
ATOM   116  C  C   . HIS A 1 25  ? 7.312   13.469  -10.981 1.00 32.09 ? 20  HIS A C   1 
ATOM   117  O  O   . HIS A 1 25  ? 8.491   13.208  -10.988 1.00 33.86 ? 20  HIS A O   1 
ATOM   118  C  CB  . HIS A 1 25  ? 5.816   12.665  -12.776 1.00 32.92 ? 20  HIS A CB  1 
ATOM   119  C  CG  . HIS A 1 25  ? 5.168   11.466  -13.381 1.00 34.37 ? 20  HIS A CG  1 
ATOM   120  N  ND1 . HIS A 1 25  ? 5.881   10.350  -13.753 1.00 35.40 ? 20  HIS A ND1 1 
ATOM   121  C  CD2 . HIS A 1 25  ? 3.863   11.167  -13.591 1.00 35.51 ? 20  HIS A CD2 1 
ATOM   122  C  CE1 . HIS A 1 25  ? 5.040   9.411   -14.158 1.00 35.69 ? 20  HIS A CE1 1 
ATOM   123  N  NE2 . HIS A 1 25  ? 3.810   9.881   -14.067 1.00 34.47 ? 20  HIS A NE2 1 
ATOM   124  N  N   . GLN A 1 26  ? 6.884   14.656  -10.596 1.00 32.46 ? 21  GLN A N   1 
ATOM   125  C  CA  . GLN A 1 26  ? 7.907   15.610  -10.201 1.00 32.71 ? 21  GLN A CA  1 
ATOM   126  C  C   . GLN A 1 26  ? 8.570   15.210  -8.905  1.00 31.60 ? 21  GLN A C   1 
ATOM   127  O  O   . GLN A 1 26  ? 9.785   15.215  -8.818  1.00 31.32 ? 21  GLN A O   1 
ATOM   128  C  CB  . GLN A 1 26  ? 7.365   17.037  -10.027 1.00 35.13 ? 21  GLN A CB  1 
ATOM   129  C  CG  . GLN A 1 26  ? 6.565   17.622  -11.190 1.00 36.44 ? 21  GLN A CG  1 
ATOM   130  C  CD  . GLN A 1 26  ? 7.396   17.878  -12.449 1.00 39.17 ? 21  GLN A CD  1 
ATOM   131  O  OE1 . GLN A 1 26  ? 8.530   18.447  -12.363 1.00 36.81 ? 21  GLN A OE1 1 
ATOM   132  N  NE2 . GLN A 1 26  ? 6.884   17.515  -13.546 1.00 40.37 ? 21  GLN A NE2 1 
ATOM   133  N  N   . LEU A 1 27  ? 7.796   14.870  -7.888  1.00 31.31 ? 22  LEU A N   1 
ATOM   134  C  CA  . LEU A 1 27  ? 8.415   14.510  -6.620  1.00 31.17 ? 22  LEU A CA  1 
ATOM   135  C  C   . LEU A 1 27  ? 9.481   13.444  -6.744  1.00 30.85 ? 22  LEU A C   1 
ATOM   136  O  O   . LEU A 1 27  ? 10.539  13.599  -6.171  1.00 30.53 ? 22  LEU A O   1 
ATOM   137  C  CB  . LEU A 1 27  ? 7.328   14.124  -5.627  1.00 30.68 ? 22  LEU A CB  1 
ATOM   138  C  CG  . LEU A 1 27  ? 6.403   15.347  -5.524  1.00 31.26 ? 22  LEU A CG  1 
ATOM   139  C  CD1 . LEU A 1 27  ? 5.246   15.112  -4.559  1.00 32.68 ? 22  LEU A CD1 1 
ATOM   140  C  CD2 . LEU A 1 27  ? 7.237   16.535  -5.048  1.00 31.46 ? 22  LEU A CD2 1 
ATOM   141  N  N   . PHE A 1 28  ? 9.243   12.393  -7.540  1.00 31.57 ? 23  PHE A N   1 
ATOM   142  C  CA  . PHE A 1 28  ? 10.232  11.312  -7.676  1.00 31.64 ? 23  PHE A CA  1 
ATOM   143  C  C   . PHE A 1 28  ? 11.198  11.422  -8.832  1.00 34.34 ? 23  PHE A C   1 
ATOM   144  O  O   . PHE A 1 28  ? 11.956  10.484  -9.122  1.00 34.89 ? 23  PHE A O   1 
ATOM   145  C  CB  . PHE A 1 28  ? 9.530   9.973   -7.709  1.00 28.41 ? 23  PHE A CB  1 
ATOM   146  C  CG  . PHE A 1 28  ? 8.892   9.628   -6.399  1.00 26.84 ? 23  PHE A CG  1 
ATOM   147  C  CD1 . PHE A 1 28  ? 9.562   8.870   -5.466  1.00 27.24 ? 23  PHE A CD1 1 
ATOM   148  C  CD2 . PHE A 1 28  ? 7.651   10.160  -6.050  1.00 24.40 ? 23  PHE A CD2 1 
ATOM   149  C  CE1 . PHE A 1 28  ? 9.017   8.657   -4.216  1.00 26.91 ? 23  PHE A CE1 1 
ATOM   150  C  CE2 . PHE A 1 28  ? 7.115   9.953   -4.825  1.00 22.54 ? 23  PHE A CE2 1 
ATOM   151  C  CZ  . PHE A 1 28  ? 7.794   9.196   -3.898  1.00 25.14 ? 23  PHE A CZ  1 
ATOM   152  N  N   . ALA A 1 29  ? 11.210  12.578  -9.483  1.00 36.64 ? 24  ALA A N   1 
ATOM   153  C  CA  . ALA A 1 29  ? 12.131  12.788  -10.585 1.00 37.86 ? 24  ALA A CA  1 
ATOM   154  C  C   . ALA A 1 29  ? 13.547  12.870  -10.037 1.00 39.03 ? 24  ALA A C   1 
ATOM   155  O  O   . ALA A 1 29  ? 14.482  12.327  -10.611 1.00 39.47 ? 24  ALA A O   1 
ATOM   156  C  CB  . ALA A 1 29  ? 11.790  14.057  -11.300 1.00 37.24 ? 24  ALA A CB  1 
ATOM   157  N  N   . GLY A 1 30  ? 13.710  13.535  -8.912  1.00 40.53 ? 25  GLY A N   1 
ATOM   158  C  CA  . GLY A 1 30  ? 15.055  13.676  -8.393  1.00 43.46 ? 25  GLY A CA  1 
ATOM   159  C  C   . GLY A 1 30  ? 15.712  12.420  -7.858  1.00 44.88 ? 25  GLY A C   1 
ATOM   160  O  O   . GLY A 1 30  ? 15.352  11.324  -8.233  1.00 46.32 ? 25  GLY A O   1 
ATOM   161  N  N   . ASP A 1 31  ? 16.683  12.603  -6.972  1.00 46.30 ? 26  ASP A N   1 
ATOM   162  C  CA  . ASP A 1 31  ? 17.404  11.519  -6.340  1.00 47.52 ? 26  ASP A CA  1 
ATOM   163  C  C   . ASP A 1 31  ? 16.984  11.515  -4.892  1.00 46.91 ? 26  ASP A C   1 
ATOM   164  O  O   . ASP A 1 31  ? 17.144  10.536  -4.183  1.00 46.20 ? 26  ASP A O   1 
ATOM   165  C  CB  . ASP A 1 31  ? 18.896  11.806  -6.380  1.00 51.23 ? 26  ASP A CB  1 
ATOM   166  C  CG  . ASP A 1 31  ? 19.409  12.086  -7.769  1.00 54.66 ? 26  ASP A CG  1 
ATOM   167  O  OD1 . ASP A 1 31  ? 19.212  11.197  -8.665  1.00 56.06 ? 26  ASP A OD1 1 
ATOM   168  O  OD2 . ASP A 1 31  ? 20.019  13.188  -7.939  1.00 54.99 ? 26  ASP A OD2 1 
ATOM   169  N  N   . GLU A 1 32  ? 16.497  12.663  -4.447  1.00 46.81 ? 27  GLU A N   1 
ATOM   170  C  CA  . GLU A 1 32  ? 16.051  12.822  -3.084  1.00 46.03 ? 27  GLU A CA  1 
ATOM   171  C  C   . GLU A 1 32  ? 14.548  12.828  -3.040  1.00 45.45 ? 27  GLU A C   1 
ATOM   172  O  O   . GLU A 1 32  ? 13.892  13.346  -3.952  1.00 46.50 ? 27  GLU A O   1 
ATOM   173  C  CB  . GLU A 1 32  ? 16.569  14.120  -2.508  1.00 46.25 ? 27  GLU A CB  1 
ATOM   174  C  CG  . GLU A 1 32  ? 18.049  14.084  -2.229  1.00 47.62 ? 27  GLU A CG  1 
ATOM   175  C  CD  . GLU A 1 32  ? 18.540  15.378  -1.602  1.00 48.77 ? 27  GLU A CD  1 
ATOM   176  O  OE1 . GLU A 1 32  ? 17.667  16.165  -1.127  1.00 48.64 ? 27  GLU A OE1 1 
ATOM   177  O  OE2 . GLU A 1 32  ? 19.782  15.588  -1.580  1.00 47.78 ? 27  GLU A OE2 1 
ATOM   178  N  N   . VAL A 1 33  ? 14.020  12.240  -1.972  1.00 43.27 ? 28  VAL A N   1 
ATOM   179  C  CA  . VAL A 1 33  ? 12.589  12.148  -1.746  1.00 41.36 ? 28  VAL A CA  1 
ATOM   180  C  C   . VAL A 1 33  ? 12.254  12.686  -0.370  1.00 39.16 ? 28  VAL A C   1 
ATOM   181  O  O   . VAL A 1 33  ? 12.835  12.261  0.624   1.00 39.52 ? 28  VAL A O   1 
ATOM   182  C  CB  . VAL A 1 33  ? 12.128  10.699  -1.790  1.00 42.94 ? 28  VAL A CB  1 
ATOM   183  C  CG1 . VAL A 1 33  ? 10.650  10.610  -1.509  1.00 42.19 ? 28  VAL A CG1 1 
ATOM   184  C  CG2 . VAL A 1 33  ? 12.484  10.096  -3.131  1.00 44.48 ? 28  VAL A CG2 1 
ATOM   185  N  N   . ASN A 1 34  ? 11.320  13.625  -0.317  1.00 36.43 ? 29  ASN A N   1 
ATOM   186  C  CA  . ASN A 1 34  ? 10.895  14.191  0.947   1.00 33.71 ? 29  ASN A CA  1 
ATOM   187  C  C   . ASN A 1 34  ? 9.627   13.438  1.337   1.00 31.75 ? 29  ASN A C   1 
ATOM   188  O  O   . ASN A 1 34  ? 8.522   13.776  0.911   1.00 30.61 ? 29  ASN A O   1 
ATOM   189  C  CB  . ASN A 1 34  ? 10.594  15.675  0.797   1.00 33.34 ? 29  ASN A CB  1 
ATOM   190  C  CG  . ASN A 1 34  ? 10.490  16.367  2.122   1.00 33.53 ? 29  ASN A CG  1 
ATOM   191  O  OD1 . ASN A 1 34  ? 9.875   15.857  3.068   1.00 32.55 ? 29  ASN A OD1 1 
ATOM   192  N  ND2 . ASN A 1 34  ? 11.083  17.546  2.207   1.00 35.13 ? 29  ASN A ND2 1 
ATOM   193  N  N   . VAL A 1 35  ? 9.819   12.386  2.123   1.00 29.50 ? 30  VAL A N   1 
ATOM   194  C  CA  . VAL A 1 35  ? 8.742   11.536  2.582   1.00 28.11 ? 30  VAL A CA  1 
ATOM   195  C  C   . VAL A 1 35  ? 7.580   12.318  3.160   1.00 27.80 ? 30  VAL A C   1 
ATOM   196  O  O   . VAL A 1 35  ? 6.431   12.113  2.799   1.00 26.46 ? 30  VAL A O   1 
ATOM   197  C  CB  . VAL A 1 35  ? 9.294   10.527  3.606   1.00 26.87 ? 30  VAL A CB  1 
ATOM   198  C  CG1 . VAL A 1 35  ? 8.172   9.770   4.295   1.00 26.34 ? 30  VAL A CG1 1 
ATOM   199  C  CG2 . VAL A 1 35  ? 10.209  9.555   2.877   1.00 24.81 ? 30  VAL A CG2 1 
ATOM   200  N  N   . GLU A 1 36  ? 7.905   13.241  4.042   1.00 29.32 ? 31  GLU A N   1 
ATOM   201  C  CA  . GLU A 1 36  ? 6.910   14.054  4.690   1.00 31.58 ? 31  GLU A CA  1 
ATOM   202  C  C   . GLU A 1 36  ? 6.041   14.720  3.626   1.00 30.75 ? 31  GLU A C   1 
ATOM   203  O  O   . GLU A 1 36  ? 4.805   14.592  3.626   1.00 29.38 ? 31  GLU A O   1 
ATOM   204  C  CB  . GLU A 1 36  ? 7.607   15.098  5.538   1.00 35.74 ? 31  GLU A CB  1 
ATOM   205  C  CG  . GLU A 1 36  ? 6.856   15.465  6.789   1.00 43.99 ? 31  GLU A CG  1 
ATOM   206  C  CD  . GLU A 1 36  ? 7.389   14.747  8.040   1.00 49.02 ? 31  GLU A CD  1 
ATOM   207  O  OE1 . GLU A 1 36  ? 8.464   15.181  8.569   1.00 50.62 ? 31  GLU A OE1 1 
ATOM   208  O  OE2 . GLU A 1 36  ? 6.720   13.750  8.480   1.00 52.48 ? 31  GLU A OE2 1 
ATOM   209  N  N   . GLU A 1 37  ? 6.714   15.411  2.714   1.00 30.65 ? 32  GLU A N   1 
ATOM   210  C  CA  . GLU A 1 37  ? 6.092   16.129  1.610   1.00 31.37 ? 32  GLU A CA  1 
ATOM   211  C  C   . GLU A 1 37  ? 5.169   15.251  0.726   1.00 29.37 ? 32  GLU A C   1 
ATOM   212  O  O   . GLU A 1 37  ? 4.044   15.629  0.420   1.00 28.32 ? 32  GLU A O   1 
ATOM   213  C  CB  . GLU A 1 37  ? 7.206   16.783  0.774   1.00 35.44 ? 32  GLU A CB  1 
ATOM   214  C  CG  . GLU A 1 37  ? 6.752   17.757  -0.314  1.00 42.21 ? 32  GLU A CG  1 
ATOM   215  C  CD  . GLU A 1 37  ? 7.835   17.949  -1.407  1.00 47.61 ? 32  GLU A CD  1 
ATOM   216  O  OE1 . GLU A 1 37  ? 8.411   16.906  -1.848  1.00 49.78 ? 32  GLU A OE1 1 
ATOM   217  O  OE2 . GLU A 1 37  ? 8.090   19.121  -1.844  1.00 49.19 ? 32  GLU A OE2 1 
ATOM   218  N  N   . VAL A 1 38  ? 5.641   14.077  0.321   1.00 28.06 ? 33  VAL A N   1 
ATOM   219  C  CA  . VAL A 1 38  ? 4.840   13.179  -0.506  1.00 26.58 ? 33  VAL A CA  1 
ATOM   220  C  C   . VAL A 1 38  ? 3.602   12.755  0.281   1.00 25.76 ? 33  VAL A C   1 
ATOM   221  O  O   . VAL A 1 38  ? 2.475   12.852  -0.209  1.00 25.47 ? 33  VAL A O   1 
ATOM   222  C  CB  . VAL A 1 38  ? 5.644   11.913  -0.914  1.00 27.66 ? 33  VAL A CB  1 
ATOM   223  C  CG1 . VAL A 1 38  ? 4.785   10.993  -1.755  1.00 27.50 ? 33  VAL A CG1 1 
ATOM   224  C  CG2 . VAL A 1 38  ? 6.923   12.309  -1.667  1.00 26.89 ? 33  VAL A CG2 1 
ATOM   225  N  N   . GLN A 1 39  ? 3.821   12.283  1.505   1.00 24.53 ? 34  GLN A N   1 
ATOM   226  C  CA  . GLN A 1 39  ? 2.732   11.870  2.368   1.00 24.65 ? 34  GLN A CA  1 
ATOM   227  C  C   . GLN A 1 39  ? 1.647   12.958  2.381   1.00 24.11 ? 34  GLN A C   1 
ATOM   228  O  O   . GLN A 1 39  ? 0.474   12.678  2.168   1.00 23.26 ? 34  GLN A O   1 
ATOM   229  C  CB  . GLN A 1 39  ? 3.249   11.641  3.785   1.00 26.18 ? 34  GLN A CB  1 
ATOM   230  C  CG  . GLN A 1 39  ? 2.297   10.828  4.658   1.00 28.96 ? 34  GLN A CG  1 
ATOM   231  C  CD  . GLN A 1 39  ? 2.990   10.206  5.860   1.00 30.42 ? 34  GLN A CD  1 
ATOM   232  O  OE1 . GLN A 1 39  ? 4.204   10.260  6.000   1.00 32.72 ? 34  GLN A OE1 1 
ATOM   233  N  NE2 . GLN A 1 39  ? 2.223   9.611   6.719   1.00 31.66 ? 34  GLN A NE2 1 
ATOM   234  N  N   . ALA A 1 40  ? 2.056   14.200  2.629   1.00 22.93 ? 35  ALA A N   1 
ATOM   235  C  CA  . ALA A 1 40  ? 1.137   15.323  2.648   1.00 21.72 ? 35  ALA A CA  1 
ATOM   236  C  C   . ALA A 1 40  ? 0.375   15.429  1.342   1.00 22.31 ? 35  ALA A C   1 
ATOM   237  O  O   . ALA A 1 40  ? -0.855  15.471  1.330   1.00 23.13 ? 35  ALA A O   1 
ATOM   238  C  CB  . ALA A 1 40  ? 1.890   16.611  2.913   1.00 18.74 ? 35  ALA A CB  1 
ATOM   239  N  N   . ILE A 1 41  ? 1.082   15.458  0.226   1.00 22.13 ? 36  ILE A N   1 
ATOM   240  C  CA  . ILE A 1 41  ? 0.374   15.585  -1.024  1.00 22.50 ? 36  ILE A CA  1 
ATOM   241  C  C   . ILE A 1 41  ? -0.577  14.441  -1.343  1.00 23.04 ? 36  ILE A C   1 
ATOM   242  O  O   . ILE A 1 41  ? -1.650  14.682  -1.896  1.00 23.18 ? 36  ILE A O   1 
ATOM   243  C  CB  . ILE A 1 41  ? 1.372   15.861  -2.143  1.00 22.67 ? 36  ILE A CB  1 
ATOM   244  C  CG1 . ILE A 1 41  ? 1.814   17.332  -1.986  1.00 20.66 ? 36  ILE A CG1 1 
ATOM   245  C  CG2 . ILE A 1 41  ? 0.756   15.576  -3.545  1.00 21.46 ? 36  ILE A CG2 1 
ATOM   246  C  CD1 . ILE A 1 41  ? 3.070   17.699  -2.739  1.00 19.02 ? 36  ILE A CD1 1 
ATOM   247  N  N   . MET A 1 42  ? -0.213  13.204  -0.999  1.00 24.20 ? 37  MET A N   1 
ATOM   248  C  CA  . MET A 1 42  ? -1.119  12.061  -1.222  1.00 24.87 ? 37  MET A CA  1 
ATOM   249  C  C   . MET A 1 42  ? -2.379  12.216  -0.355  1.00 24.10 ? 37  MET A C   1 
ATOM   250  O  O   . MET A 1 42  ? -3.488  11.951  -0.776  1.00 22.35 ? 37  MET A O   1 
ATOM   251  C  CB  . MET A 1 42  ? -0.456  10.755  -0.830  1.00 25.50 ? 37  MET A CB  1 
ATOM   252  C  CG  . MET A 1 42  ? 0.856   10.474  -1.484  1.00 29.60 ? 37  MET A CG  1 
ATOM   253  S  SD  . MET A 1 42  ? 0.778   9.025   -2.537  1.00 35.78 ? 37  MET A SD  1 
ATOM   254  C  CE  . MET A 1 42  ? 0.241   7.704   -1.462  1.00 34.68 ? 37  MET A CE  1 
ATOM   255  N  N   . GLU A 1 43  ? -2.178  12.643  0.876   1.00 24.83 ? 38  GLU A N   1 
ATOM   256  C  CA  . GLU A 1 43  ? -3.282  12.810  1.785   1.00 25.15 ? 38  GLU A CA  1 
ATOM   257  C  C   . GLU A 1 43  ? -4.212  13.917  1.353   1.00 23.98 ? 38  GLU A C   1 
ATOM   258  O  O   . GLU A 1 43  ? -5.425  13.816  1.540   1.00 24.10 ? 38  GLU A O   1 
ATOM   259  C  CB  . GLU A 1 43  ? -2.788  13.112  3.197   1.00 25.70 ? 38  GLU A CB  1 
ATOM   260  C  CG  . GLU A 1 43  ? -3.780  12.677  4.242   1.00 28.76 ? 38  GLU A CG  1 
ATOM   261  C  CD  . GLU A 1 43  ? -3.138  12.430  5.582   1.00 32.19 ? 38  GLU A CD  1 
ATOM   262  O  OE1 . GLU A 1 43  ? -2.255  11.528  5.717   1.00 33.07 ? 38  GLU A OE1 1 
ATOM   263  O  OE2 . GLU A 1 43  ? -3.518  13.153  6.533   1.00 36.80 ? 38  GLU A OE2 1 
ATOM   264  N  N   . ALA A 1 44  ? -3.649  14.956  0.751   1.00 22.06 ? 39  ALA A N   1 
ATOM   265  C  CA  . ALA A 1 44  ? -4.431  16.119  0.354   1.00 20.81 ? 39  ALA A CA  1 
ATOM   266  C  C   . ALA A 1 44  ? -5.421  15.782  -0.721  1.00 20.71 ? 39  ALA A C   1 
ATOM   267  O  O   . ALA A 1 44  ? -6.490  16.391  -0.789  1.00 18.61 ? 39  ALA A O   1 
ATOM   268  C  CB  . ALA A 1 44  ? -3.517  17.234  -0.104  1.00 19.97 ? 39  ALA A CB  1 
ATOM   269  N  N   . TYR A 1 45  ? -5.054  14.813  -1.563  1.00 21.01 ? 40  TYR A N   1 
ATOM   270  C  CA  . TYR A 1 45  ? -5.932  14.370  -2.637  1.00 21.34 ? 40  TYR A CA  1 
ATOM   271  C  C   . TYR A 1 45  ? -7.176  13.795  -1.984  1.00 22.08 ? 40  TYR A C   1 
ATOM   272  O  O   . TYR A 1 45  ? -7.100  12.921  -1.147  1.00 22.64 ? 40  TYR A O   1 
ATOM   273  C  CB  . TYR A 1 45  ? -5.249  13.300  -3.496  1.00 20.44 ? 40  TYR A CB  1 
ATOM   274  C  CG  . TYR A 1 45  ? -6.226  12.572  -4.380  1.00 20.03 ? 40  TYR A CG  1 
ATOM   275  C  CD1 . TYR A 1 45  ? -7.110  13.280  -5.190  1.00 20.29 ? 40  TYR A CD1 1 
ATOM   276  C  CD2 . TYR A 1 45  ? -6.341  11.204  -4.340  1.00 19.47 ? 40  TYR A CD2 1 
ATOM   277  C  CE1 . TYR A 1 45  ? -8.103  12.641  -5.924  1.00 19.92 ? 40  TYR A CE1 1 
ATOM   278  C  CE2 . TYR A 1 45  ? -7.338  10.548  -5.081  1.00 20.00 ? 40  TYR A CE2 1 
ATOM   279  C  CZ  . TYR A 1 45  ? -8.212  11.275  -5.865  1.00 19.27 ? 40  TYR A CZ  1 
ATOM   280  O  OH  . TYR A 1 45  ? -9.191  10.653  -6.591  1.00 17.48 ? 40  TYR A OH  1 
ATOM   281  N  N   . GLU A 1 46  ? -8.320  14.297  -2.367  1.00 23.69 ? 41  GLU A N   1 
ATOM   282  C  CA  . GLU A 1 46  ? -9.564  13.852  -1.806  1.00 26.73 ? 41  GLU A CA  1 
ATOM   283  C  C   . GLU A 1 46  ? -10.121 12.766  -2.738  1.00 27.31 ? 41  GLU A C   1 
ATOM   284  O  O   . GLU A 1 46  ? -10.507 13.042  -3.871  1.00 28.36 ? 41  GLU A O   1 
ATOM   285  C  CB  . GLU A 1 46  ? -10.449 15.079  -1.726  1.00 29.83 ? 41  GLU A CB  1 
ATOM   286  C  CG  . GLU A 1 46  ? -11.715 14.964  -0.960  1.00 38.60 ? 41  GLU A CG  1 
ATOM   287  C  CD  . GLU A 1 46  ? -12.432 16.314  -0.840  1.00 43.16 ? 41  GLU A CD  1 
ATOM   288  O  OE1 . GLU A 1 46  ? -11.815 17.263  -0.268  1.00 46.67 ? 41  GLU A OE1 1 
ATOM   289  O  OE2 . GLU A 1 46  ? -13.600 16.433  -1.320  1.00 45.67 ? 41  GLU A OE2 1 
ATOM   290  N  N   . SER A 1 47  ? -10.120 11.520  -2.276  1.00 27.11 ? 42  SER A N   1 
ATOM   291  C  CA  . SER A 1 47  ? -10.598 10.392  -3.073  1.00 25.67 ? 42  SER A CA  1 
ATOM   292  C  C   . SER A 1 47  ? -11.916 10.615  -3.774  1.00 25.19 ? 42  SER A C   1 
ATOM   293  O  O   . SER A 1 47  ? -12.862 11.113  -3.200  1.00 25.78 ? 42  SER A O   1 
ATOM   294  C  CB  . SER A 1 47  ? -10.733 9.149   -2.202  1.00 25.43 ? 42  SER A CB  1 
ATOM   295  O  OG  . SER A 1 47  ? -11.142 8.051   -2.988  1.00 25.33 ? 42  SER A OG  1 
ATOM   296  N  N   . ASP A 1 48  ? -11.979 10.213  -5.028  1.00 25.71 ? 43  ASP A N   1 
ATOM   297  C  CA  . ASP A 1 48  ? -13.189 10.351  -5.811  1.00 25.61 ? 43  ASP A CA  1 
ATOM   298  C  C   . ASP A 1 48  ? -13.372 9.062   -6.606  1.00 26.13 ? 43  ASP A C   1 
ATOM   299  O  O   . ASP A 1 48  ? -12.729 8.850   -7.632  1.00 26.18 ? 43  ASP A O   1 
ATOM   300  C  CB  . ASP A 1 48  ? -13.073 11.481  -6.787  1.00 25.70 ? 43  ASP A CB  1 
ATOM   301  C  CG  . ASP A 1 48  ? -14.359 11.785  -7.440  1.00 29.22 ? 43  ASP A CG  1 
ATOM   302  O  OD1 . ASP A 1 48  ? -15.267 10.913  -7.469  1.00 30.47 ? 43  ASP A OD1 1 
ATOM   303  O  OD2 . ASP A 1 48  ? -14.483 12.923  -7.952  1.00 32.62 ? 43  ASP A OD2 1 
ATOM   304  N  N   . PRO A 1 49  ? -14.283 8.194   -6.159  1.00 25.76 ? 44  PRO A N   1 
ATOM   305  C  CA  . PRO A 1 49  ? -14.557 6.912   -6.824  1.00 24.81 ? 44  PRO A CA  1 
ATOM   306  C  C   . PRO A 1 49  ? -14.661 7.024   -8.331  1.00 23.47 ? 44  PRO A C   1 
ATOM   307  O  O   . PRO A 1 49  ? -14.185 6.155   -9.043  1.00 23.60 ? 44  PRO A O   1 
ATOM   308  C  CB  . PRO A 1 49  ? -15.878 6.476   -6.215  1.00 25.46 ? 44  PRO A CB  1 
ATOM   309  C  CG  . PRO A 1 49  ? -15.867 7.132   -4.870  1.00 26.53 ? 44  PRO A CG  1 
ATOM   310  C  CD  . PRO A 1 49  ? -15.286 8.494   -5.121  1.00 25.18 ? 44  PRO A CD  1 
ATOM   311  N  N   . THR A 1 50  ? -15.315 8.078   -8.815  1.00 22.39 ? 45  THR A N   1 
ATOM   312  C  CA  . THR A 1 50  ? -15.453 8.288   -10.255 1.00 21.36 ? 45  THR A CA  1 
ATOM   313  C  C   . THR A 1 50  ? -14.104 8.271   -10.972 1.00 21.65 ? 45  THR A C   1 
ATOM   314  O  O   . THR A 1 50  ? -13.958 7.729   -12.052 1.00 18.69 ? 45  THR A O   1 
ATOM   315  C  CB  . THR A 1 50  ? -16.059 9.607   -10.553 1.00 21.11 ? 45  THR A CB  1 
ATOM   316  O  OG1 . THR A 1 50  ? -17.277 9.771   -9.814  1.00 22.68 ? 45  THR A OG1 1 
ATOM   317  C  CG2 . THR A 1 50  ? -16.342 9.692   -12.012 1.00 22.48 ? 45  THR A CG2 1 
ATOM   318  N  N   . GLU A 1 51  ? -13.112 8.899   -10.358 1.00 23.41 ? 46  GLU A N   1 
ATOM   319  C  CA  . GLU A 1 51  ? -11.786 8.948   -10.928 1.00 24.18 ? 46  GLU A CA  1 
ATOM   320  C  C   . GLU A 1 51  ? -11.082 7.612   -10.843 1.00 23.65 ? 46  GLU A C   1 
ATOM   321  O  O   . GLU A 1 51  ? -10.282 7.325   -11.711 1.00 25.91 ? 46  GLU A O   1 
ATOM   322  C  CB  . GLU A 1 51  ? -10.942 10.016  -10.227 1.00 25.63 ? 46  GLU A CB  1 
ATOM   323  C  CG  . GLU A 1 51  ? -11.563 11.404  -10.264 1.00 29.82 ? 46  GLU A CG  1 
ATOM   324  C  CD  . GLU A 1 51  ? -10.732 12.466  -9.534  1.00 32.27 ? 46  GLU A CD  1 
ATOM   325  O  OE1 . GLU A 1 51  ? -9.545  12.191  -9.211  1.00 32.75 ? 46  GLU A OE1 1 
ATOM   326  O  OE2 . GLU A 1 51  ? -11.271 13.578  -9.313  1.00 33.40 ? 46  GLU A OE2 1 
ATOM   327  N  N   . TRP A 1 52  ? -11.346 6.781   -9.832  1.00 21.73 ? 47  TRP A N   1 
ATOM   328  C  CA  . TRP A 1 52  ? -10.626 5.499   -9.784  1.00 20.41 ? 47  TRP A CA  1 
ATOM   329  C  C   . TRP A 1 52  ? -11.343 4.175   -9.926  1.00 19.82 ? 47  TRP A C   1 
ATOM   330  O  O   . TRP A 1 52  ? -10.695 3.164   -9.883  1.00 18.76 ? 47  TRP A O   1 
ATOM   331  C  CB  . TRP A 1 52  ? -9.702  5.418   -8.543  1.00 19.89 ? 47  TRP A CB  1 
ATOM   332  C  CG  . TRP A 1 52  ? -10.358 5.723   -7.228  1.00 20.92 ? 47  TRP A CG  1 
ATOM   333  C  CD1 . TRP A 1 52  ? -10.299 6.914   -6.533  1.00 21.48 ? 47  TRP A CD1 1 
ATOM   334  C  CD2 . TRP A 1 52  ? -11.231 4.864   -6.470  1.00 20.39 ? 47  TRP A CD2 1 
ATOM   335  N  NE1 . TRP A 1 52  ? -11.085 6.846   -5.402  1.00 21.35 ? 47  TRP A NE1 1 
ATOM   336  C  CE2 . TRP A 1 52  ? -11.666 5.597   -5.345  1.00 21.57 ? 47  TRP A CE2 1 
ATOM   337  C  CE3 . TRP A 1 52  ? -11.691 3.552   -6.638  1.00 20.28 ? 47  TRP A CE3 1 
ATOM   338  C  CZ2 . TRP A 1 52  ? -12.527 5.052   -4.385  1.00 21.17 ? 47  TRP A CZ2 1 
ATOM   339  C  CZ3 . TRP A 1 52  ? -12.543 3.015   -5.692  1.00 20.80 ? 47  TRP A CZ3 1 
ATOM   340  C  CH2 . TRP A 1 52  ? -12.957 3.773   -4.573  1.00 21.27 ? 47  TRP A CH2 1 
ATOM   341  N  N   . ALA A 1 53  ? -12.656 4.176   -10.114 1.00 20.70 ? 48  ALA A N   1 
ATOM   342  C  CA  . ALA A 1 53  ? -13.428 2.942   -10.256 1.00 22.98 ? 48  ALA A CA  1 
ATOM   343  C  C   . ALA A 1 53  ? -12.896 1.938   -11.310 1.00 24.17 ? 48  ALA A C   1 
ATOM   344  O  O   . ALA A 1 53  ? -13.009 0.740   -11.144 1.00 24.39 ? 48  ALA A O   1 
ATOM   345  C  CB  . ALA A 1 53  ? -14.865 3.283   -10.578 1.00 23.80 ? 48  ALA A CB  1 
ATOM   346  N  N   . MET A 1 54  ? -12.367 2.442   -12.411 1.00 25.17 ? 49  MET A N   1 
ATOM   347  C  CA  . MET A 1 54  ? -11.818 1.609   -13.437 1.00 25.68 ? 49  MET A CA  1 
ATOM   348  C  C   . MET A 1 54  ? -10.707 0.687   -12.929 1.00 25.10 ? 49  MET A C   1 
ATOM   349  O  O   . MET A 1 54  ? -10.387 -0.325  -13.590 1.00 26.06 ? 49  MET A O   1 
ATOM   350  C  CB  . MET A 1 54  ? -11.297 2.475   -14.558 1.00 28.02 ? 49  MET A CB  1 
ATOM   351  C  CG  . MET A 1 54  ? -10.458 3.604   -14.060 1.00 33.64 ? 49  MET A CG  1 
ATOM   352  S  SD  . MET A 1 54  ? -9.511  4.374   -15.409 1.00 42.33 ? 49  MET A SD  1 
ATOM   353  C  CE  . MET A 1 54  ? -8.653  2.841   -16.248 1.00 38.87 ? 49  MET A CE  1 
ATOM   354  N  N   . TYR A 1 55  ? -10.132 1.001   -11.768 1.00 23.03 ? 50  TYR A N   1 
ATOM   355  C  CA  . TYR A 1 55  ? -9.058  0.181   -11.184 1.00 22.40 ? 50  TYR A CA  1 
ATOM   356  C  C   . TYR A 1 55  ? -9.574  -0.634  -10.026 1.00 21.26 ? 50  TYR A C   1 
ATOM   357  O  O   . TYR A 1 55  ? -8.896  -1.488  -9.499  1.00 19.70 ? 50  TYR A O   1 
ATOM   358  C  CB  . TYR A 1 55  ? -7.918  1.057   -10.648 1.00 22.82 ? 50  TYR A CB  1 
ATOM   359  C  CG  . TYR A 1 55  ? -7.322  1.998   -11.638 1.00 23.80 ? 50  TYR A CG  1 
ATOM   360  C  CD1 . TYR A 1 55  ? -6.509  1.539   -12.669 1.00 22.55 ? 50  TYR A CD1 1 
ATOM   361  C  CD2 . TYR A 1 55  ? -7.597  3.375   -11.553 1.00 25.27 ? 50  TYR A CD2 1 
ATOM   362  C  CE1 . TYR A 1 55  ? -5.982  2.427   -13.597 1.00 23.70 ? 50  TYR A CE1 1 
ATOM   363  C  CE2 . TYR A 1 55  ? -7.074  4.278   -12.471 1.00 24.46 ? 50  TYR A CE2 1 
ATOM   364  C  CZ  . TYR A 1 55  ? -6.263  3.785   -13.501 1.00 25.15 ? 50  TYR A CZ  1 
ATOM   365  O  OH  . TYR A 1 55  ? -5.758  4.665   -14.429 1.00 25.46 ? 50  TYR A OH  1 
ATOM   366  N  N   . ALA A 1 56  ? -10.788 -0.344  -9.633  1.00 21.64 ? 51  ALA A N   1 
ATOM   367  C  CA  . ALA A 1 56  ? -11.383 -1.018  -8.503  1.00 23.16 ? 51  ALA A CA  1 
ATOM   368  C  C   . ALA A 1 56  ? -11.992 -2.364  -8.842  1.00 23.51 ? 51  ALA A C   1 
ATOM   369  O  O   . ALA A 1 56  ? -13.213 -2.506  -8.833  1.00 23.36 ? 51  ALA A O   1 
ATOM   370  C  CB  . ALA A 1 56  ? -12.450 -0.100  -7.887  1.00 24.47 ? 51  ALA A CB  1 
ATOM   371  N  N   . LYS A 1 57  ? -11.131 -3.333  -9.145  1.00 24.74 ? 52  LYS A N   1 
ATOM   372  C  CA  . LYS A 1 57  ? -11.524 -4.703  -9.497  1.00 25.27 ? 52  LYS A CA  1 
ATOM   373  C  C   . LYS A 1 57  ? -11.240 -5.671  -8.358  1.00 24.85 ? 52  LYS A C   1 
ATOM   374  O  O   . LYS A 1 57  ? -10.087 -5.971  -8.068  1.00 25.91 ? 52  LYS A O   1 
ATOM   375  C  CB  . LYS A 1 57  ? -10.810 -5.150  -10.759 1.00 24.99 ? 52  LYS A CB  1 
ATOM   376  C  CG  . LYS A 1 57  ? -11.122 -4.272  -11.956 1.00 29.03 ? 52  LYS A CG  1 
ATOM   377  C  CD  . LYS A 1 57  ? -10.302 -4.721  -13.204 1.00 33.96 ? 52  LYS A CD  1 
ATOM   378  C  CE  . LYS A 1 57  ? -10.203 -3.627  -14.278 1.00 34.55 ? 52  LYS A CE  1 
ATOM   379  N  NZ  . LYS A 1 57  ? -11.564 -3.049  -14.602 1.00 38.66 ? 52  LYS A NZ  1 
ATOM   380  N  N   . PHE A 1 58  ? -12.325 -6.148  -7.740  1.00 24.27 ? 53  PHE A N   1 
ATOM   381  C  CA  . PHE A 1 58  ? -12.319 -7.045  -6.583  1.00 23.71 ? 53  PHE A CA  1 
ATOM   382  C  C   . PHE A 1 58  ? -12.342 -8.520  -6.911  1.00 25.03 ? 53  PHE A C   1 
ATOM   383  O  O   . PHE A 1 58  ? -12.749 -8.943  -7.994  1.00 26.58 ? 53  PHE A O   1 
ATOM   384  C  CB  . PHE A 1 58  ? -13.534 -6.745  -5.696  1.00 21.29 ? 53  PHE A CB  1 
ATOM   385  C  CG  . PHE A 1 58  ? -13.436 -5.425  -4.960  1.00 19.95 ? 53  PHE A CG  1 
ATOM   386  C  CD1 . PHE A 1 58  ? -13.161 -5.398  -3.569  1.00 18.90 ? 53  PHE A CD1 1 
ATOM   387  C  CD2 . PHE A 1 58  ? -13.503 -4.214  -5.670  1.00 17.89 ? 53  PHE A CD2 1 
ATOM   388  C  CE1 . PHE A 1 58  ? -12.948 -4.212  -2.893  1.00 18.05 ? 53  PHE A CE1 1 
ATOM   389  C  CE2 . PHE A 1 58  ? -13.294 -3.012  -5.025  1.00 18.71 ? 53  PHE A CE2 1 
ATOM   390  C  CZ  . PHE A 1 58  ? -13.008 -3.000  -3.606  1.00 19.77 ? 53  PHE A CZ  1 
ATOM   391  N  N   . ASP A 1 59  ? -11.898 -9.316  -5.958  1.00 24.83 ? 54  ASP A N   1 
ATOM   392  C  CA  . ASP A 1 59  ? -11.909 -10.745 -6.103  1.00 24.74 ? 54  ASP A CA  1 
ATOM   393  C  C   . ASP A 1 59  ? -12.686 -11.216 -4.909  1.00 24.89 ? 54  ASP A C   1 
ATOM   394  O  O   . ASP A 1 59  ? -12.681 -10.555 -3.887  1.00 26.85 ? 54  ASP A O   1 
ATOM   395  C  CB  . ASP A 1 59  ? -10.510 -11.307 -6.028  1.00 26.21 ? 54  ASP A CB  1 
ATOM   396  C  CG  . ASP A 1 59  ? -10.510 -12.798 -6.127  1.00 26.40 ? 54  ASP A CG  1 
ATOM   397  O  OD1 . ASP A 1 59  ? -10.989 -13.257 -7.178  1.00 30.66 ? 54  ASP A OD1 1 
ATOM   398  O  OD2 . ASP A 1 59  ? -10.084 -13.508 -5.200  1.00 25.39 ? 54  ASP A OD2 1 
ATOM   399  N  N   . GLN A 1 60  ? -13.324 -12.364 -5.006  1.00 24.16 ? 55  GLN A N   1 
ATOM   400  C  CA  . GLN A 1 60  ? -14.133 -12.877 -3.911  1.00 24.48 ? 55  GLN A CA  1 
ATOM   401  C  C   . GLN A 1 60  ? -13.343 -13.313 -2.691  1.00 25.68 ? 55  GLN A C   1 
ATOM   402  O  O   . GLN A 1 60  ? -13.781 -13.095 -1.555  1.00 25.62 ? 55  GLN A O   1 
ATOM   403  C  CB  . GLN A 1 60  ? -14.963 -14.066 -4.384  1.00 23.62 ? 55  GLN A CB  1 
ATOM   404  C  CG  . GLN A 1 60  ? -15.666 -14.782 -3.244  1.00 24.51 ? 55  GLN A CG  1 
ATOM   405  C  CD  . GLN A 1 60  ? -16.573 -15.954 -3.685  1.00 26.37 ? 55  GLN A CD  1 
ATOM   406  O  OE1 . GLN A 1 60  ? -17.110 -16.699 -2.839  1.00 25.80 ? 55  GLN A OE1 1 
ATOM   407  N  NE2 . GLN A 1 60  ? -16.745 -16.116 -5.003  1.00 24.74 ? 55  GLN A NE2 1 
ATOM   408  N  N   . TYR A 1 61  ? -12.167 -13.911 -2.922  1.00 26.32 ? 56  TYR A N   1 
ATOM   409  C  CA  . TYR A 1 61  ? -11.375 -14.464 -1.826  1.00 26.05 ? 56  TYR A CA  1 
ATOM   410  C  C   . TYR A 1 61  ? -10.218 -13.698 -1.234  1.00 26.49 ? 56  TYR A C   1 
ATOM   411  O  O   . TYR A 1 61  ? -9.931  -13.832 -0.049  1.00 26.74 ? 56  TYR A O   1 
ATOM   412  C  CB  . TYR A 1 61  ? -10.911 -15.852 -2.220  1.00 25.13 ? 56  TYR A CB  1 
ATOM   413  C  CG  . TYR A 1 61  ? -12.061 -16.758 -2.623  1.00 24.23 ? 56  TYR A CG  1 
ATOM   414  C  CD1 . TYR A 1 61  ? -12.310 -17.078 -3.963  1.00 22.07 ? 56  TYR A CD1 1 
ATOM   415  C  CD2 . TYR A 1 61  ? -12.895 -17.301 -1.648  1.00 24.20 ? 56  TYR A CD2 1 
ATOM   416  C  CE1 . TYR A 1 61  ? -13.365 -17.923 -4.307  1.00 22.97 ? 56  TYR A CE1 1 
ATOM   417  C  CE2 . TYR A 1 61  ? -13.950 -18.148 -1.975  1.00 24.08 ? 56  TYR A CE2 1 
ATOM   418  C  CZ  . TYR A 1 61  ? -14.177 -18.455 -3.293  1.00 24.50 ? 56  TYR A CZ  1 
ATOM   419  O  OH  . TYR A 1 61  ? -15.204 -19.308 -3.552  1.00 25.60 ? 56  TYR A OH  1 
ATOM   420  N  N   . ARG A 1 62  ? -9.529  -12.903 -2.033  1.00 28.47 ? 57  ARG A N   1 
ATOM   421  C  CA  . ARG A 1 62  ? -8.403  -12.137 -1.506  1.00 29.54 ? 57  ARG A CA  1 
ATOM   422  C  C   . ARG A 1 62  ? -8.390  -10.798 -2.132  1.00 28.22 ? 57  ARG A C   1 
ATOM   423  O  O   . ARG A 1 62  ? -9.119  -10.553 -3.094  1.00 28.27 ? 57  ARG A O   1 
ATOM   424  C  CB  . ARG A 1 62  ? -7.082  -12.840 -1.770  1.00 31.89 ? 57  ARG A CB  1 
ATOM   425  C  CG  . ARG A 1 62  ? -7.042  -13.577 -3.049  1.00 36.69 ? 57  ARG A CG  1 
ATOM   426  C  CD  . ARG A 1 62  ? -5.907  -13.107 -3.951  1.00 43.76 ? 57  ARG A CD  1 
ATOM   427  N  NE  . ARG A 1 62  ? -6.410  -12.828 -5.314  1.00 49.66 ? 57  ARG A NE  1 
ATOM   428  C  CZ  . ARG A 1 62  ? -5.660  -12.426 -6.341  1.00 51.30 ? 57  ARG A CZ  1 
ATOM   429  N  NH1 . ARG A 1 62  ? -4.352  -12.253 -6.164  1.00 53.02 ? 57  ARG A NH1 1 
ATOM   430  N  NH2 . ARG A 1 62  ? -6.212  -12.201 -7.539  1.00 51.97 ? 57  ARG A NH2 1 
ATOM   431  N  N   . TYR A 1 63  ? -7.579  -9.921  -1.571  1.00 26.63 ? 58  TYR A N   1 
ATOM   432  C  CA  . TYR A 1 63  ? -7.465  -8.576  -2.093  1.00 26.27 ? 58  TYR A CA  1 
ATOM   433  C  C   . TYR A 1 63  ? -6.713  -8.596  -3.415  1.00 26.48 ? 58  TYR A C   1 
ATOM   434  O  O   . TYR A 1 63  ? -5.971  -9.556  -3.760  1.00 27.34 ? 58  TYR A O   1 
ATOM   435  C  CB  . TYR A 1 63  ? -6.743  -7.681  -1.076  1.00 26.87 ? 58  TYR A CB  1 
ATOM   436  C  CG  . TYR A 1 63  ? -5.258  -7.878  -0.986  1.00 27.38 ? 58  TYR A CG  1 
ATOM   437  C  CD1 . TYR A 1 63  ? -4.412  -7.217  -1.839  1.00 28.96 ? 58  TYR A CD1 1 
ATOM   438  C  CD2 . TYR A 1 63  ? -4.696  -8.729  -0.047  1.00 29.36 ? 58  TYR A CD2 1 
ATOM   439  C  CE1 . TYR A 1 63  ? -3.024  -7.390  -1.766  1.00 30.72 ? 58  TYR A CE1 1 
ATOM   440  C  CE2 . TYR A 1 63  ? -3.301  -8.913  0.035   1.00 30.03 ? 58  TYR A CE2 1 
ATOM   441  C  CZ  . TYR A 1 63  ? -2.475  -8.235  -0.832  1.00 30.20 ? 58  TYR A CZ  1 
ATOM   442  O  OH  . TYR A 1 63  ? -1.106  -8.386  -0.794  1.00 30.21 ? 58  TYR A OH  1 
ATOM   443  N  N   . THR A 1 64  ? -6.895  -7.518  -4.156  1.00 25.38 ? 59  THR A N   1 
ATOM   444  C  CA  . THR A 1 64  ? -6.259  -7.395  -5.439  1.00 24.96 ? 59  THR A CA  1 
ATOM   445  C  C   . THR A 1 64  ? -5.370  -6.168  -5.578  1.00 25.00 ? 59  THR A C   1 
ATOM   446  O  O   . THR A 1 64  ? -5.534  -5.141  -4.915  1.00 23.34 ? 59  THR A O   1 
ATOM   447  C  CB  . THR A 1 64  ? -7.293  -7.345  -6.512  1.00 25.51 ? 59  THR A CB  1 
ATOM   448  O  OG1 . THR A 1 64  ? -8.111  -6.187  -6.285  1.00 28.68 ? 59  THR A OG1 1 
ATOM   449  C  CG2 . THR A 1 64  ? -8.166  -8.591  -6.488  1.00 23.60 ? 59  THR A CG2 1 
ATOM   450  N  N   . ARG A 1 65  ? -4.399  -6.324  -6.471  1.00 26.82 ? 60  ARG A N   1 
ATOM   451  C  CA  . ARG A 1 65  ? -3.407  -5.302  -6.811  1.00 26.72 ? 60  ARG A CA  1 
ATOM   452  C  C   . ARG A 1 65  ? -3.731  -4.864  -8.216  1.00 25.59 ? 60  ARG A C   1 
ATOM   453  O  O   . ARG A 1 65  ? -3.795  -5.702  -9.111  1.00 26.48 ? 60  ARG A O   1 
ATOM   454  C  CB  . ARG A 1 65  ? -2.008  -5.898  -6.823  1.00 28.71 ? 60  ARG A CB  1 
ATOM   455  C  CG  . ARG A 1 65  ? -1.342  -5.977  -5.477  1.00 33.35 ? 60  ARG A CG  1 
ATOM   456  C  CD  . ARG A 1 65  ? 0.064   -6.447  -5.616  1.00 36.71 ? 60  ARG A CD  1 
ATOM   457  N  NE  . ARG A 1 65  ? 0.439   -7.078  -4.369  1.00 42.99 ? 60  ARG A NE  1 
ATOM   458  C  CZ  . ARG A 1 65  ? 0.757   -6.413  -3.268  1.00 46.10 ? 60  ARG A CZ  1 
ATOM   459  N  NH1 . ARG A 1 65  ? 0.762   -5.075  -3.266  1.00 47.49 ? 60  ARG A NH1 1 
ATOM   460  N  NH2 . ARG A 1 65  ? 1.037   -7.099  -2.163  1.00 48.11 ? 60  ARG A NH2 1 
ATOM   461  N  N   . ASN A 1 66  ? -3.944  -3.574  -8.429  1.00 23.03 ? 61  ASN A N   1 
ATOM   462  C  CA  . ASN A 1 66  ? -4.235  -3.108  -9.775  1.00 22.06 ? 61  ASN A CA  1 
ATOM   463  C  C   . ASN A 1 66  ? -3.285  -1.983  -10.099 1.00 22.01 ? 61  ASN A C   1 
ATOM   464  O  O   . ASN A 1 66  ? -3.382  -0.888  -9.546  1.00 22.26 ? 61  ASN A O   1 
ATOM   465  C  CB  . ASN A 1 66  ? -5.669  -2.673  -9.864  1.00 20.74 ? 61  ASN A CB  1 
ATOM   466  C  CG  . ASN A 1 66  ? -6.594  -3.761  -9.403  1.00 22.88 ? 61  ASN A CG  1 
ATOM   467  O  OD1 . ASN A 1 66  ? -7.059  -4.573  -10.198 1.00 24.10 ? 61  ASN A OD1 1 
ATOM   468  N  ND2 . ASN A 1 66  ? -6.845  -3.816  -8.090  1.00 22.51 ? 61  ASN A ND2 1 
ATOM   469  N  N   . LEU A 1 67  ? -2.340  -2.255  -10.994 1.00 21.16 ? 62  LEU A N   1 
ATOM   470  C  CA  . LEU A 1 67  ? -1.364  -1.254  -11.316 1.00 20.98 ? 62  LEU A CA  1 
ATOM   471  C  C   . LEU A 1 67  ? -2.020  -0.020  -11.930 1.00 21.18 ? 62  LEU A C   1 
ATOM   472  O  O   . LEU A 1 67  ? -2.940  -0.129  -12.766 1.00 20.92 ? 62  LEU A O   1 
ATOM   473  C  CB  . LEU A 1 67  ? -0.304  -1.857  -12.231 1.00 21.77 ? 62  LEU A CB  1 
ATOM   474  C  CG  . LEU A 1 67  ? 0.832   -0.870  -12.582 1.00 21.96 ? 62  LEU A CG  1 
ATOM   475  C  CD1 . LEU A 1 67  ? 1.600   -0.460  -11.340 1.00 20.59 ? 62  LEU A CD1 1 
ATOM   476  C  CD2 . LEU A 1 67  ? 1.744   -1.515  -13.598 1.00 21.92 ? 62  LEU A CD2 1 
ATOM   477  N  N   . VAL A 1 68  ? -1.564  1.154   -11.508 1.00 20.49 ? 63  VAL A N   1 
ATOM   478  C  CA  . VAL A 1 68  ? -2.144  2.385   -12.014 1.00 21.48 ? 63  VAL A CA  1 
ATOM   479  C  C   . VAL A 1 68  ? -1.179  3.187   -12.873 1.00 22.29 ? 63  VAL A C   1 
ATOM   480  O  O   . VAL A 1 68  ? -1.572  3.696   -13.911 1.00 22.89 ? 63  VAL A O   1 
ATOM   481  C  CB  . VAL A 1 68  ? -2.634  3.297   -10.862 1.00 22.13 ? 63  VAL A CB  1 
ATOM   482  C  CG1 . VAL A 1 68  ? -3.046  4.644   -11.389 1.00 20.98 ? 63  VAL A CG1 1 
ATOM   483  C  CG2 . VAL A 1 68  ? -3.816  2.650   -10.156 1.00 23.29 ? 63  VAL A CG2 1 
ATOM   484  N  N   . ASP A 1 69  ? 0.072   3.301   -12.443 1.00 22.55 ? 64  ASP A N   1 
ATOM   485  C  CA  . ASP A 1 69  ? 1.063   4.064   -13.160 1.00 22.98 ? 64  ASP A CA  1 
ATOM   486  C  C   . ASP A 1 69  ? 2.419   3.498   -12.791 1.00 24.28 ? 64  ASP A C   1 
ATOM   487  O  O   . ASP A 1 69  ? 2.603   3.022   -11.675 1.00 23.52 ? 64  ASP A O   1 
ATOM   488  C  CB  . ASP A 1 69  ? 1.030   5.530   -12.750 1.00 24.54 ? 64  ASP A CB  1 
ATOM   489  C  CG  . ASP A 1 69  ? 1.890   6.402   -13.656 1.00 26.59 ? 64  ASP A CG  1 
ATOM   490  O  OD1 . ASP A 1 69  ? 1.403   6.790   -14.743 1.00 28.85 ? 64  ASP A OD1 1 
ATOM   491  O  OD2 . ASP A 1 69  ? 3.052   6.693   -13.317 1.00 26.45 ? 64  ASP A OD2 1 
ATOM   492  N  N   . GLN A 1 70  ? 3.370   3.572   -13.727 1.00 25.84 ? 65  GLN A N   1 
ATOM   493  C  CA  . GLN A 1 70  ? 4.705   3.048   -13.506 1.00 26.66 ? 65  GLN A CA  1 
ATOM   494  C  C   . GLN A 1 70  ? 5.722   4.106   -13.249 1.00 27.32 ? 65  GLN A C   1 
ATOM   495  O  O   . GLN A 1 70  ? 6.924   3.836   -13.240 1.00 26.75 ? 65  GLN A O   1 
ATOM   496  C  CB  . GLN A 1 70  ? 5.127   2.198   -14.659 1.00 27.18 ? 65  GLN A CB  1 
ATOM   497  C  CG  . GLN A 1 70  ? 4.427   0.912   -14.654 1.00 30.92 ? 65  GLN A CG  1 
ATOM   498  C  CD  . GLN A 1 70  ? 4.839   0.063   -15.833 1.00 32.94 ? 65  GLN A CD  1 
ATOM   499  O  OE1 . GLN A 1 70  ? 4.820   0.533   -16.960 1.00 35.18 ? 65  GLN A OE1 1 
ATOM   500  N  NE2 . GLN A 1 70  ? 5.217   -1.190  -15.581 1.00 33.11 ? 65  GLN A NE2 1 
ATOM   501  N  N   . GLY A 1 71  ? 5.223   5.319   -13.055 1.00 28.37 ? 66  GLY A N   1 
ATOM   502  C  CA  . GLY A 1 71  ? 6.082   6.453   -12.712 1.00 30.76 ? 66  GLY A CA  1 
ATOM   503  C  C   . GLY A 1 71  ? 7.445   6.546   -13.347 1.00 31.82 ? 66  GLY A C   1 
ATOM   504  O  O   . GLY A 1 71  ? 8.431   6.748   -12.660 1.00 32.68 ? 66  GLY A O   1 
ATOM   505  N  N   . ASN A 1 72  ? 7.489   6.400   -14.665 1.00 32.87 ? 67  ASN A N   1 
ATOM   506  C  CA  . ASN A 1 72  ? 8.732   6.502   -15.397 1.00 33.77 ? 67  ASN A CA  1 
ATOM   507  C  C   . ASN A 1 72  ? 9.864   5.714   -14.743 1.00 33.13 ? 67  ASN A C   1 
ATOM   508  O  O   . ASN A 1 72  ? 10.994  6.195   -14.654 1.00 32.56 ? 67  ASN A O   1 
ATOM   509  C  CB  . ASN A 1 72  ? 9.123   7.971   -15.511 1.00 35.40 ? 67  ASN A CB  1 
ATOM   510  C  CG  . ASN A 1 72  ? 10.167  8.216   -16.578 1.00 37.59 ? 67  ASN A CG  1 
ATOM   511  O  OD1 . ASN A 1 72  ? 10.021  7.772   -17.705 1.00 40.64 ? 67  ASN A OD1 1 
ATOM   512  N  ND2 . ASN A 1 72  ? 11.214  8.934   -16.235 1.00 37.41 ? 67  ASN A ND2 1 
ATOM   513  N  N   . GLY A 1 73  ? 9.542   4.511   -14.286 1.00 32.03 ? 68  GLY A N   1 
ATOM   514  C  CA  . GLY A 1 73  ? 10.529  3.656   -13.654 1.00 31.26 ? 68  GLY A CA  1 
ATOM   515  C  C   . GLY A 1 73  ? 10.891  4.039   -12.241 1.00 30.66 ? 68  GLY A C   1 
ATOM   516  O  O   . GLY A 1 73  ? 11.529  3.275   -11.517 1.00 30.48 ? 68  GLY A O   1 
ATOM   517  N  N   . LYS A 1 74  ? 10.481  5.235   -11.847 1.00 30.80 ? 69  LYS A N   1 
ATOM   518  C  CA  . LYS A 1 74  ? 10.776  5.752   -10.521 1.00 30.67 ? 69  LYS A CA  1 
ATOM   519  C  C   . LYS A 1 74  ? 9.887   5.221   -9.356  1.00 29.53 ? 69  LYS A C   1 
ATOM   520  O  O   . LYS A 1 74  ? 10.308  5.249   -8.188  1.00 27.76 ? 69  LYS A O   1 
ATOM   521  C  CB  . LYS A 1 74  ? 10.738  7.263   -10.593 1.00 31.58 ? 69  LYS A CB  1 
ATOM   522  C  CG  . LYS A 1 74  ? 12.034  7.844   -11.095 1.00 34.98 ? 69  LYS A CG  1 
ATOM   523  C  CD  . LYS A 1 74  ? 13.131  7.609   -10.047 1.00 37.58 ? 69  LYS A CD  1 
ATOM   524  C  CE  . LYS A 1 74  ? 14.456  8.339   -10.365 1.00 38.58 ? 69  LYS A CE  1 
ATOM   525  N  NZ  . LYS A 1 74  ? 14.301  9.807   -10.235 1.00 39.18 ? 69  LYS A NZ  1 
ATOM   526  N  N   . PHE A 1 75  ? 8.703   4.690   -9.674  1.00 28.07 ? 70  PHE A N   1 
ATOM   527  C  CA  . PHE A 1 75  ? 7.832   4.178   -8.634  1.00 27.78 ? 70  PHE A CA  1 
ATOM   528  C  C   . PHE A 1 75  ? 6.608   3.470   -9.179  1.00 27.98 ? 70  PHE A C   1 
ATOM   529  O  O   . PHE A 1 75  ? 6.325   3.531   -10.346 1.00 28.63 ? 70  PHE A O   1 
ATOM   530  C  CB  . PHE A 1 75  ? 7.378   5.313   -7.718  1.00 27.52 ? 70  PHE A CB  1 
ATOM   531  C  CG  . PHE A 1 75  ? 6.549   6.355   -8.410  1.00 27.28 ? 70  PHE A CG  1 
ATOM   532  C  CD1 . PHE A 1 75  ? 5.229   6.077   -8.780  1.00 25.96 ? 70  PHE A CD1 1 
ATOM   533  C  CD2 . PHE A 1 75  ? 7.116   7.586   -8.777  1.00 26.43 ? 70  PHE A CD2 1 
ATOM   534  C  CE1 . PHE A 1 75  ? 4.486   6.989   -9.509  1.00 24.96 ? 70  PHE A CE1 1 
ATOM   535  C  CE2 . PHE A 1 75  ? 6.376   8.524   -9.517  1.00 25.95 ? 70  PHE A CE2 1 
ATOM   536  C  CZ  . PHE A 1 75  ? 5.056   8.224   -9.889  1.00 26.26 ? 70  PHE A CZ  1 
ATOM   537  N  N   . ASN A 1 76  ? 5.897   2.768   -8.318  1.00 28.82 ? 71  ASN A N   1 
ATOM   538  C  CA  . ASN A 1 76  ? 4.699   2.067   -8.725  1.00 28.37 ? 71  ASN A CA  1 
ATOM   539  C  C   . ASN A 1 76  ? 3.567   2.677   -7.928  1.00 27.19 ? 71  ASN A C   1 
ATOM   540  O  O   . ASN A 1 76  ? 3.649   2.798   -6.707  1.00 27.97 ? 71  ASN A O   1 
ATOM   541  C  CB  . ASN A 1 76  ? 4.759   0.593   -8.356  1.00 30.10 ? 71  ASN A CB  1 
ATOM   542  C  CG  . ASN A 1 76  ? 5.517   -0.229  -9.345  1.00 32.23 ? 71  ASN A CG  1 
ATOM   543  O  OD1 . ASN A 1 76  ? 5.614   0.121   -10.521 1.00 34.11 ? 71  ASN A OD1 1 
ATOM   544  N  ND2 . ASN A 1 76  ? 6.046   -1.359  -8.886  1.00 32.85 ? 71  ASN A ND2 1 
ATOM   545  N  N   . LEU A 1 77  ? 2.520   3.050   -8.636  1.00 24.38 ? 72  LEU A N   1 
ATOM   546  C  CA  . LEU A 1 77  ? 1.350   3.591   -8.036  1.00 23.00 ? 72  LEU A CA  1 
ATOM   547  C  C   . LEU A 1 77  ? 0.327   2.519   -8.312  1.00 23.37 ? 72  LEU A C   1 
ATOM   548  O  O   . LEU A 1 77  ? 0.080   2.179   -9.476  1.00 24.88 ? 72  LEU A O   1 
ATOM   549  C  CB  . LEU A 1 77  ? 0.958   4.870   -8.739  1.00 22.63 ? 72  LEU A CB  1 
ATOM   550  C  CG  . LEU A 1 77  ? -0.233  5.575   -8.106  1.00 23.35 ? 72  LEU A CG  1 
ATOM   551  C  CD1 . LEU A 1 77  ? 0.023   5.767   -6.594  1.00 22.38 ? 72  LEU A CD1 1 
ATOM   552  C  CD2 . LEU A 1 77  ? -0.473  6.886   -8.804  1.00 22.26 ? 72  LEU A CD2 1 
ATOM   553  N  N   . MET A 1 78  ? -0.264  1.947   -7.280  1.00 22.26 ? 73  MET A N   1 
ATOM   554  C  CA  . MET A 1 78  ? -1.259  0.915   -7.533  1.00 21.47 ? 73  MET A CA  1 
ATOM   555  C  C   . MET A 1 78  ? -2.438  1.065   -6.591  1.00 20.70 ? 73  MET A C   1 
ATOM   556  O  O   . MET A 1 78  ? -2.399  1.822   -5.609  1.00 21.59 ? 73  MET A O   1 
ATOM   557  C  CB  . MET A 1 78  ? -0.623  -0.435  -7.324  1.00 22.07 ? 73  MET A CB  1 
ATOM   558  C  CG  . MET A 1 78  ? -0.011  -0.568  -5.932  1.00 23.15 ? 73  MET A CG  1 
ATOM   559  S  SD  . MET A 1 78  ? 0.870   -2.101  -5.905  1.00 26.09 ? 73  MET A SD  1 
ATOM   560  C  CE  . MET A 1 78  ? 2.373   -1.557  -6.749  1.00 25.43 ? 73  MET A CE  1 
ATOM   561  N  N   . ILE A 1 79  ? -3.488  0.328   -6.888  1.00 18.62 ? 74  ILE A N   1 
ATOM   562  C  CA  . ILE A 1 79  ? -4.655  0.361   -6.049  1.00 18.81 ? 74  ILE A CA  1 
ATOM   563  C  C   . ILE A 1 79  ? -4.990  -1.031  -5.565  1.00 18.53 ? 74  ILE A C   1 
ATOM   564  O  O   . ILE A 1 79  ? -4.993  -1.975  -6.337  1.00 19.40 ? 74  ILE A O   1 
ATOM   565  C  CB  . ILE A 1 79  ? -5.808  0.983   -6.799  1.00 19.37 ? 74  ILE A CB  1 
ATOM   566  C  CG1 . ILE A 1 79  ? -5.540  2.480   -6.968  1.00 18.45 ? 74  ILE A CG1 1 
ATOM   567  C  CG2 . ILE A 1 79  ? -7.103  0.740   -6.066  1.00 20.14 ? 74  ILE A CG2 1 
ATOM   568  C  CD1 . ILE A 1 79  ? -6.635  3.177   -7.680  1.00 19.15 ? 74  ILE A CD1 1 
ATOM   569  N  N   . LEU A 1 80  ? -5.196  -1.182  -4.262  1.00 19.30 ? 75  LEU A N   1 
ATOM   570  C  CA  . LEU A 1 80  ? -5.517  -2.505  -3.712  1.00 19.11 ? 75  LEU A CA  1 
ATOM   571  C  C   . LEU A 1 80  ? -6.973  -2.509  -3.315  1.00 19.92 ? 75  LEU A C   1 
ATOM   572  O  O   . LEU A 1 80  ? -7.467  -1.558  -2.707  1.00 21.06 ? 75  LEU A O   1 
ATOM   573  C  CB  . LEU A 1 80  ? -4.644  -2.820  -2.510  1.00 17.26 ? 75  LEU A CB  1 
ATOM   574  C  CG  . LEU A 1 80  ? -3.240  -3.360  -2.840  1.00 18.07 ? 75  LEU A CG  1 
ATOM   575  C  CD1 . LEU A 1 80  ? -2.533  -2.552  -3.942  1.00 15.60 ? 75  LEU A CD1 1 
ATOM   576  C  CD2 . LEU A 1 80  ? -2.427  -3.327  -1.544  1.00 17.07 ? 75  LEU A CD2 1 
ATOM   577  N  N   . CYS A 1 81  ? -7.676  -3.563  -3.698  1.00 19.82 ? 76  CYS A N   1 
ATOM   578  C  CA  . CYS A 1 81  ? -9.076  -3.650  -3.381  1.00 21.15 ? 76  CYS A CA  1 
ATOM   579  C  C   . CYS A 1 81  ? -9.326  -4.755  -2.380  1.00 20.47 ? 76  CYS A C   1 
ATOM   580  O  O   . CYS A 1 81  ? -9.193  -5.931  -2.700  1.00 21.72 ? 76  CYS A O   1 
ATOM   581  C  CB  . CYS A 1 81  ? -9.891  -3.871  -4.647  1.00 22.66 ? 76  CYS A CB  1 
ATOM   582  S  SG  . CYS A 1 81  ? -9.825  -2.451  -5.787  1.00 29.95 ? 76  CYS A SG  1 
ATOM   583  N  N   . TRP A 1 82  ? -9.689  -4.364  -1.161  1.00 19.40 ? 77  TRP A N   1 
ATOM   584  C  CA  . TRP A 1 82  ? -9.949  -5.315  -0.089  1.00 18.40 ? 77  TRP A CA  1 
ATOM   585  C  C   . TRP A 1 82  ? -11.417 -5.609  0.013   1.00 18.40 ? 77  TRP A C   1 
ATOM   586  O  O   . TRP A 1 82  ? -12.215 -4.700  0.245   1.00 18.28 ? 77  TRP A O   1 
ATOM   587  C  CB  . TRP A 1 82  ? -9.485  -4.751  1.237   1.00 17.42 ? 77  TRP A CB  1 
ATOM   588  C  CG  . TRP A 1 82  ? -8.203  -4.061  1.121   1.00 17.41 ? 77  TRP A CG  1 
ATOM   589  C  CD1 . TRP A 1 82  ? -7.990  -2.796  0.652   1.00 15.46 ? 77  TRP A CD1 1 
ATOM   590  C  CD2 . TRP A 1 82  ? -6.921  -4.605  1.420   1.00 17.04 ? 77  TRP A CD2 1 
ATOM   591  N  NE1 . TRP A 1 82  ? -6.656  -2.521  0.643   1.00 15.19 ? 77  TRP A NE1 1 
ATOM   592  C  CE2 . TRP A 1 82  ? -5.969  -3.613  1.106   1.00 17.31 ? 77  TRP A CE2 1 
ATOM   593  C  CE3 . TRP A 1 82  ? -6.477  -5.838  1.922   1.00 17.28 ? 77  TRP A CE3 1 
ATOM   594  C  CZ2 . TRP A 1 82  ? -4.587  -3.822  1.275   1.00 16.84 ? 77  TRP A CZ2 1 
ATOM   595  C  CZ3 . TRP A 1 82  ? -5.104  -6.042  2.091   1.00 16.80 ? 77  TRP A CZ3 1 
ATOM   596  C  CH2 . TRP A 1 82  ? -4.185  -5.038  1.767   1.00 16.38 ? 77  TRP A CH2 1 
ATOM   597  N  N   . GLY A 1 83  ? -11.765 -6.882  -0.141  1.00 17.87 ? 78  GLY A N   1 
ATOM   598  C  CA  . GLY A 1 83  ? -13.152 -7.285  -0.063  1.00 19.08 ? 78  GLY A CA  1 
ATOM   599  C  C   . GLY A 1 83  ? -13.499 -7.450  1.389   1.00 20.26 ? 78  GLY A C   1 
ATOM   600  O  O   . GLY A 1 83  ? -12.596 -7.367  2.225   1.00 20.11 ? 78  GLY A O   1 
ATOM   601  N  N   . GLU A 1 84  ? -14.784 -7.664  1.702   1.00 21.08 ? 79  GLU A N   1 
ATOM   602  C  CA  . GLU A 1 84  ? -15.214 -7.853  3.093   1.00 20.48 ? 79  GLU A CA  1 
ATOM   603  C  C   . GLU A 1 84  ? -14.213 -8.736  3.847   1.00 19.78 ? 79  GLU A C   1 
ATOM   604  O  O   . GLU A 1 84  ? -13.954 -9.863  3.442   1.00 19.56 ? 79  GLU A O   1 
ATOM   605  C  CB  . GLU A 1 84  ? -16.556 -8.546  3.130   1.00 21.74 ? 79  GLU A CB  1 
ATOM   606  C  CG  . GLU A 1 84  ? -17.675 -7.882  2.348   1.00 25.60 ? 79  GLU A CG  1 
ATOM   607  C  CD  . GLU A 1 84  ? -18.748 -8.876  1.884   1.00 27.83 ? 79  GLU A CD  1 
ATOM   608  O  OE1 . GLU A 1 84  ? -18.917 -9.939  2.542   1.00 30.09 ? 79  GLU A OE1 1 
ATOM   609  O  OE2 . GLU A 1 84  ? -19.422 -8.604  0.853   1.00 29.64 ? 79  GLU A OE2 1 
ATOM   610  N  N   . GLY A 1 85  ? -13.631 -8.196  4.914   1.00 19.25 ? 80  GLY A N   1 
ATOM   611  C  CA  . GLY A 1 85  ? -12.706 -8.946  5.736   1.00 18.95 ? 80  GLY A CA  1 
ATOM   612  C  C   . GLY A 1 85  ? -11.341 -9.354  5.212   1.00 19.01 ? 80  GLY A C   1 
ATOM   613  O  O   . GLY A 1 85  ? -10.568 -10.011 5.898   1.00 18.53 ? 80  GLY A O   1 
ATOM   614  N  N   . HIS A 1 86  ? -11.036 -8.975  3.990   1.00 20.52 ? 81  HIS A N   1 
ATOM   615  C  CA  . HIS A 1 86  ? -9.745  -9.293  3.429   1.00 21.57 ? 81  HIS A CA  1 
ATOM   616  C  C   . HIS A 1 86  ? -8.586  -8.616  4.162   1.00 21.85 ? 81  HIS A C   1 
ATOM   617  O  O   . HIS A 1 86  ? -8.687  -7.501  4.672   1.00 19.92 ? 81  HIS A O   1 
ATOM   618  C  CB  . HIS A 1 86  ? -9.740  -8.921  1.947   1.00 22.06 ? 81  HIS A CB  1 
ATOM   619  C  CG  . HIS A 1 86  ? -10.671 -9.751  1.127   1.00 22.55 ? 81  HIS A CG  1 
ATOM   620  N  ND1 . HIS A 1 86  ? -10.861 -9.537  -0.218  1.00 24.35 ? 81  HIS A ND1 1 
ATOM   621  C  CD2 . HIS A 1 86  ? -11.447 -10.806 1.454   1.00 22.97 ? 81  HIS A CD2 1 
ATOM   622  C  CE1 . HIS A 1 86  ? -11.713 -10.430 -0.688  1.00 25.08 ? 81  HIS A CE1 1 
ATOM   623  N  NE2 . HIS A 1 86  ? -12.084 -11.213 0.308   1.00 24.68 ? 81  HIS A NE2 1 
ATOM   624  N  N   . GLY A 1 87  ? -7.474  -9.338  4.214   1.00 23.89 ? 82  GLY A N   1 
ATOM   625  C  CA  . GLY A 1 87  ? -6.271  -8.835  4.857   1.00 24.81 ? 82  GLY A CA  1 
ATOM   626  C  C   . GLY A 1 87  ? -5.012  -9.365  4.178   1.00 24.46 ? 82  GLY A C   1 
ATOM   627  O  O   . GLY A 1 87  ? -5.053  -10.287 3.352   1.00 24.29 ? 82  GLY A O   1 
ATOM   628  N  N   . SER A 1 88  ? -3.888  -8.777  4.540   1.00 23.46 ? 83  SER A N   1 
ATOM   629  C  CA  . SER A 1 88  ? -2.621  -9.158  3.970   1.00 23.02 ? 83  SER A CA  1 
ATOM   630  C  C   . SER A 1 88  ? -1.892  -9.985  4.979   1.00 23.42 ? 83  SER A C   1 
ATOM   631  O  O   . SER A 1 88  ? -2.350  -10.216 6.104   1.00 24.36 ? 83  SER A O   1 
ATOM   632  C  CB  . SER A 1 88  ? -1.767  -7.916  3.703   1.00 23.76 ? 83  SER A CB  1 
ATOM   633  O  OG  . SER A 1 88  ? -1.240  -7.363  4.921   1.00 22.23 ? 83  SER A OG  1 
ATOM   634  N  N   . SER A 1 89  ? -0.716  -10.397 4.573   1.00 22.77 ? 84  SER A N   1 
ATOM   635  C  CA  . SER A 1 89  ? 0.156   -11.143 5.438   1.00 23.43 ? 84  SER A CA  1 
ATOM   636  C  C   . SER A 1 89  ? 1.039   -10.092 6.137   1.00 22.65 ? 84  SER A C   1 
ATOM   637  O  O   . SER A 1 89  ? 0.948   -8.886  5.841   1.00 22.35 ? 84  SER A O   1 
ATOM   638  C  CB  . SER A 1 89  ? 1.054   -12.011 4.582   1.00 24.51 ? 84  SER A CB  1 
ATOM   639  O  OG  . SER A 1 89  ? 1.708   -11.166 3.623   1.00 26.93 ? 84  SER A OG  1 
ATOM   640  N  N   . ILE A 1 90  ? 1.887   -10.553 7.057   1.00 20.90 ? 85  ILE A N   1 
ATOM   641  C  CA  . ILE A 1 90  ? 2.825   -9.658  7.716   1.00 20.17 ? 85  ILE A CA  1 
ATOM   642  C  C   . ILE A 1 90  ? 3.961   -9.683  6.716   1.00 20.06 ? 85  ILE A C   1 
ATOM   643  O  O   . ILE A 1 90  ? 4.494   -10.752 6.421   1.00 18.45 ? 85  ILE A O   1 
ATOM   644  C  CB  . ILE A 1 90  ? 3.374   -10.186 9.005   1.00 19.71 ? 85  ILE A CB  1 
ATOM   645  C  CG1 . ILE A 1 90  ? 2.242   -10.401 10.032  1.00 20.63 ? 85  ILE A CG1 1 
ATOM   646  C  CG2 . ILE A 1 90  ? 4.341   -9.188  9.520   1.00 19.27 ? 85  ILE A CG2 1 
ATOM   647  C  CD1 . ILE A 1 90  ? 2.679   -11.143 11.339  1.00 19.26 ? 85  ILE A CD1 1 
ATOM   648  N  N   . HIS A 1 91  ? 4.318   -8.507  6.191   1.00 19.94 ? 86  HIS A N   1 
ATOM   649  C  CA  . HIS A 1 91  ? 5.333   -8.420  5.161   1.00 19.73 ? 86  HIS A CA  1 
ATOM   650  C  C   . HIS A 1 91  ? 6.315   -7.262  5.229   1.00 20.17 ? 86  HIS A C   1 
ATOM   651  O  O   . HIS A 1 91  ? 6.074   -6.281  5.940   1.00 20.24 ? 86  HIS A O   1 
ATOM   652  C  CB  . HIS A 1 91  ? 4.623   -8.383  3.816   1.00 18.86 ? 86  HIS A CB  1 
ATOM   653  C  CG  . HIS A 1 91  ? 3.702   -7.221  3.651   1.00 19.99 ? 86  HIS A CG  1 
ATOM   654  N  ND1 . HIS A 1 91  ? 2.340   -7.320  3.817   1.00 21.19 ? 86  HIS A ND1 1 
ATOM   655  C  CD2 . HIS A 1 91  ? 3.947   -5.921  3.333   1.00 20.14 ? 86  HIS A CD2 1 
ATOM   656  C  CE1 . HIS A 1 91  ? 1.783   -6.134  3.610   1.00 20.68 ? 86  HIS A CE1 1 
ATOM   657  N  NE2 . HIS A 1 91  ? 2.735   -5.269  3.321   1.00 18.94 ? 86  HIS A NE2 1 
ATOM   658  N  N   . ASP A 1 92  ? 7.430   -7.373  4.505   1.00 20.34 ? 87  ASP A N   1 
ATOM   659  C  CA  . ASP A 1 92  ? 8.382   -6.255  4.461   1.00 21.15 ? 87  ASP A CA  1 
ATOM   660  C  C   . ASP A 1 92  ? 8.123   -5.479  3.182   1.00 21.01 ? 87  ASP A C   1 
ATOM   661  O  O   . ASP A 1 92  ? 7.090   -5.655  2.554   1.00 20.71 ? 87  ASP A O   1 
ATOM   662  C  CB  . ASP A 1 92  ? 9.854   -6.709  4.509   1.00 21.81 ? 87  ASP A CB  1 
ATOM   663  C  CG  . ASP A 1 92  ? 10.207  -7.769  3.463   1.00 22.05 ? 87  ASP A CG  1 
ATOM   664  O  OD1 . ASP A 1 92  ? 9.371   -8.109  2.619   1.00 21.18 ? 87  ASP A OD1 1 
ATOM   665  O  OD2 . ASP A 1 92  ? 11.355  -8.273  3.509   1.00 24.10 ? 87  ASP A OD2 1 
ATOM   666  N  N   . HIS A 1 93  ? 9.050   -4.614  2.803   1.00 21.51 ? 88  HIS A N   1 
ATOM   667  C  CA  . HIS A 1 93  ? 8.884   -3.821  1.601   1.00 22.17 ? 88  HIS A CA  1 
ATOM   668  C  C   . HIS A 1 93  ? 10.150  -3.666  0.770   1.00 24.30 ? 88  HIS A C   1 
ATOM   669  O  O   . HIS A 1 93  ? 10.464  -2.589  0.233   1.00 24.93 ? 88  HIS A O   1 
ATOM   670  C  CB  . HIS A 1 93  ? 8.262   -2.480  1.948   1.00 20.62 ? 88  HIS A CB  1 
ATOM   671  C  CG  . HIS A 1 93  ? 6.885   -2.610  2.503   1.00 21.80 ? 88  HIS A CG  1 
ATOM   672  N  ND1 . HIS A 1 93  ? 6.605   -2.518  3.853   1.00 23.23 ? 88  HIS A ND1 1 
ATOM   673  C  CD2 . HIS A 1 93  ? 5.705   -2.910  1.900   1.00 22.32 ? 88  HIS A CD2 1 
ATOM   674  C  CE1 . HIS A 1 93  ? 5.312   -2.749  4.057   1.00 23.24 ? 88  HIS A CE1 1 
ATOM   675  N  NE2 . HIS A 1 93  ? 4.747   -2.990  2.886   1.00 22.64 ? 88  HIS A NE2 1 
ATOM   676  N  N   . THR A 1 94  ? 10.890  -4.773  0.690   1.00 25.65 ? 89  THR A N   1 
ATOM   677  C  CA  . THR A 1 94  ? 12.095  -4.864  -0.115  1.00 25.80 ? 89  THR A CA  1 
ATOM   678  C  C   . THR A 1 94  ? 12.851  -3.588  -0.181  1.00 25.62 ? 89  THR A C   1 
ATOM   679  O  O   . THR A 1 94  ? 13.062  -3.058  -1.262  1.00 25.79 ? 89  THR A O   1 
ATOM   680  C  CB  . THR A 1 94  ? 11.705  -5.219  -1.506  1.00 26.95 ? 89  THR A CB  1 
ATOM   681  O  OG1 . THR A 1 94  ? 10.757  -6.292  -1.435  1.00 30.74 ? 89  THR A OG1 1 
ATOM   682  C  CG2 . THR A 1 94  ? 12.895  -5.633  -2.325  1.00 26.50 ? 89  THR A CG2 1 
ATOM   683  N  N   . ASN A 1 95  ? 13.213  -3.081  0.981   1.00 25.53 ? 90  ASN A N   1 
ATOM   684  C  CA  . ASN A 1 95  ? 13.963  -1.861  1.057   1.00 25.59 ? 90  ASN A CA  1 
ATOM   685  C  C   . ASN A 1 95  ? 13.478  -0.630  0.341   1.00 24.81 ? 90  ASN A C   1 
ATOM   686  O  O   . ASN A 1 95  ? 14.292  0.235   0.091   1.00 25.03 ? 90  ASN A O   1 
ATOM   687  C  CB  . ASN A 1 95  ? 15.369  -2.150  0.614   1.00 26.59 ? 90  ASN A CB  1 
ATOM   688  C  CG  . ASN A 1 95  ? 16.044  -3.096  1.541   1.00 29.58 ? 90  ASN A CG  1 
ATOM   689  O  OD1 . ASN A 1 95  ? 16.258  -4.260  1.194   1.00 29.26 ? 90  ASN A OD1 1 
ATOM   690  N  ND2 . ASN A 1 95  ? 16.359  -2.612  2.781   1.00 31.92 ? 90  ASN A ND2 1 
ATOM   691  N  N   . SER A 1 96  ? 12.197  -0.539  0.003   1.00 23.56 ? 91  SER A N   1 
ATOM   692  C  CA  . SER A 1 96  ? 11.699  0.658   -0.668  1.00 23.76 ? 91  SER A CA  1 
ATOM   693  C  C   . SER A 1 96  ? 10.806  1.526   0.207   1.00 22.98 ? 91  SER A C   1 
ATOM   694  O  O   . SER A 1 96  ? 10.332  1.122   1.279   1.00 21.54 ? 91  SER A O   1 
ATOM   695  C  CB  . SER A 1 96  ? 10.878  0.297   -1.908  1.00 24.93 ? 91  SER A CB  1 
ATOM   696  O  OG  . SER A 1 96  ? 11.696  -0.209  -2.938  1.00 28.24 ? 91  SER A OG  1 
ATOM   697  N  N   . HIS A 1 97  ? 10.568  2.735   -0.273  1.00 21.85 ? 92  HIS A N   1 
ATOM   698  C  CA  . HIS A 1 97  ? 9.655   3.623   0.417   1.00 20.50 ? 92  HIS A CA  1 
ATOM   699  C  C   . HIS A 1 97  ? 8.239   3.034   0.143   1.00 20.83 ? 92  HIS A C   1 
ATOM   700  O  O   . HIS A 1 97  ? 8.019   2.554   -0.972  1.00 19.94 ? 92  HIS A O   1 
ATOM   701  C  CB  . HIS A 1 97  ? 9.641   4.995   -0.240  1.00 20.49 ? 92  HIS A CB  1 
ATOM   702  C  CG  . HIS A 1 97  ? 10.874  5.821   -0.027  1.00 20.52 ? 92  HIS A CG  1 
ATOM   703  N  ND1 . HIS A 1 97  ? 11.365  6.141   1.223   1.00 21.35 ? 92  HIS A ND1 1 
ATOM   704  C  CD2 . HIS A 1 97  ? 11.661  6.474   -0.908  1.00 20.25 ? 92  HIS A CD2 1 
ATOM   705  C  CE1 . HIS A 1 97  ? 12.395  6.954   1.101   1.00 20.14 ? 92  HIS A CE1 1 
ATOM   706  N  NE2 . HIS A 1 97  ? 12.595  7.177   -0.183  1.00 20.29 ? 92  HIS A NE2 1 
ATOM   707  N  N   . CYS A 1 98  ? 7.341   2.954   1.153   1.00 21.09 ? 93  CYS A N   1 
ATOM   708  C  CA  . CYS A 1 98  ? 5.947   2.621   0.874   1.00 21.64 ? 93  CYS A CA  1 
ATOM   709  C  C   . CYS A 1 98  ? 4.916   3.369   1.631   1.00 21.52 ? 93  CYS A C   1 
ATOM   710  O  O   . CYS A 1 98  ? 4.984   3.571   2.843   1.00 22.95 ? 93  CYS A O   1 
ATOM   711  C  CB  . CYS A 1 98  ? 5.677   1.148   1.183   1.00 23.81 ? 93  CYS A CB  1 
ATOM   712  S  SG  . CYS A 1 98  ? 4.069   0.537   0.581   1.00 26.06 ? 93  CYS A SG  1 
ATOM   713  N  N   . PHE A 1 99  ? 4.114   4.036   0.788   1.00 19.65 ? 94  PHE A N   1 
ATOM   714  C  CA  . PHE A 1 99  ? 2.996   4.911   1.189   1.00 18.24 ? 94  PHE A CA  1 
ATOM   715  C  C   . PHE A 1 99  ? 1.674   4.244   0.858   1.00 18.37 ? 94  PHE A C   1 
ATOM   716  O  O   . PHE A 1 99  ? 1.531   3.596   -0.174  1.00 19.04 ? 94  PHE A O   1 
ATOM   717  C  CB  . PHE A 1 99  ? 2.996   6.220   0.378   1.00 15.87 ? 94  PHE A CB  1 
ATOM   718  C  CG  . PHE A 1 99  ? 4.251   7.037   0.495   1.00 14.59 ? 94  PHE A CG  1 
ATOM   719  C  CD1 . PHE A 1 99  ? 4.331   8.098   1.377   1.00 14.22 ? 94  PHE A CD1 1 
ATOM   720  C  CD2 . PHE A 1 99  ? 5.353   6.758   -0.315  1.00 14.20 ? 94  PHE A CD2 1 
ATOM   721  C  CE1 . PHE A 1 99  ? 5.497   8.876   1.446   1.00 15.06 ? 94  PHE A CE1 1 
ATOM   722  C  CE2 . PHE A 1 99  ? 6.521   7.527   -0.259  1.00 14.76 ? 94  PHE A CE2 1 
ATOM   723  C  CZ  . PHE A 1 99  ? 6.597   8.590   0.618   1.00 14.48 ? 94  PHE A CZ  1 
ATOM   724  N  N   . LEU A 1 100 ? 0.710   4.402   1.738   1.00 17.30 ? 95  LEU A N   1 
ATOM   725  C  CA  . LEU A 1 100 ? -0.602  3.877   1.437   1.00 18.07 ? 95  LEU A CA  1 
ATOM   726  C  C   . LEU A 1 100 ? -1.613  4.906   1.957   1.00 17.72 ? 95  LEU A C   1 
ATOM   727  O  O   . LEU A 1 100 ? -1.499  5.433   3.091   1.00 16.14 ? 95  LEU A O   1 
ATOM   728  C  CB  . LEU A 1 100 ? -0.854  2.454   2.010   1.00 17.57 ? 95  LEU A CB  1 
ATOM   729  C  CG  . LEU A 1 100 ? -0.623  2.163   3.499   1.00 20.78 ? 95  LEU A CG  1 
ATOM   730  C  CD1 . LEU A 1 100 ? -1.333  0.895   3.923   1.00 17.48 ? 95  LEU A CD1 1 
ATOM   731  C  CD2 . LEU A 1 100 ? 0.940   2.088   3.754   1.00 21.65 ? 95  LEU A CD2 1 
ATOM   732  N  N   . LYS A 1 101 ? -2.542  5.252   1.072   1.00 16.92 ? 96  LYS A N   1 
ATOM   733  C  CA  . LYS A 1 101 ? -3.567  6.219   1.377   1.00 17.90 ? 96  LYS A CA  1 
ATOM   734  C  C   . LYS A 1 101 ? -4.934  5.603   1.219   1.00 19.51 ? 96  LYS A C   1 
ATOM   735  O  O   . LYS A 1 101 ? -5.212  4.891   0.243   1.00 20.59 ? 96  LYS A O   1 
ATOM   736  C  CB  . LYS A 1 101 ? -3.479  7.405   0.424   1.00 16.85 ? 96  LYS A CB  1 
ATOM   737  C  CG  . LYS A 1 101 ? -4.695  8.325   0.500   1.00 19.58 ? 96  LYS A CG  1 
ATOM   738  C  CD  . LYS A 1 101 ? -4.987  9.036   -0.837  1.00 19.61 ? 96  LYS A CD  1 
ATOM   739  C  CE  . LYS A 1 101 ? -6.213  9.933   -0.782  1.00 17.37 ? 96  LYS A CE  1 
ATOM   740  N  NZ  . LYS A 1 101 ? -6.005  11.064  0.148   1.00 18.68 ? 96  LYS A NZ  1 
ATOM   741  N  N   . MET A 1 102 ? -5.820  5.886   2.157   1.00 19.47 ? 97  MET A N   1 
ATOM   742  C  CA  . MET A 1 102 ? -7.154  5.331   2.017   1.00 20.32 ? 97  MET A CA  1 
ATOM   743  C  C   . MET A 1 102 ? -7.965  6.058   0.954   1.00 20.03 ? 97  MET A C   1 
ATOM   744  O  O   . MET A 1 102 ? -7.988  7.289   0.925   1.00 20.55 ? 97  MET A O   1 
ATOM   745  C  CB  . MET A 1 102 ? -7.876  5.368   3.372   1.00 19.79 ? 97  MET A CB  1 
ATOM   746  C  CG  . MET A 1 102 ? -7.164  4.515   4.461   1.00 20.69 ? 97  MET A CG  1 
ATOM   747  S  SD  . MET A 1 102 ? -7.127  2.716   4.086   1.00 22.24 ? 97  MET A SD  1 
ATOM   748  C  CE  . MET A 1 102 ? -8.892  2.453   3.652   1.00 18.55 ? 97  MET A CE  1 
ATOM   749  N  N   . LEU A 1 103 ? -8.588  5.283   0.064   1.00 19.70 ? 98  LEU A N   1 
ATOM   750  C  CA  . LEU A 1 103 ? -9.488  5.805   -0.989  1.00 19.21 ? 98  LEU A CA  1 
ATOM   751  C  C   . LEU A 1 103 ? -10.946 5.518   -0.628  1.00 19.86 ? 98  LEU A C   1 
ATOM   752  O  O   . LEU A 1 103 ? -11.805 6.279   -1.029  1.00 20.98 ? 98  LEU A O   1 
ATOM   753  C  CB  . LEU A 1 103 ? -9.213  5.170   -2.360  1.00 19.11 ? 98  LEU A CB  1 
ATOM   754  C  CG  . LEU A 1 103 ? -7.865  5.569   -2.982  1.00 19.78 ? 98  LEU A CG  1 
ATOM   755  C  CD1 . LEU A 1 103 ? -7.705  4.791   -4.275  1.00 18.39 ? 98  LEU A CD1 1 
ATOM   756  C  CD2 . LEU A 1 103 ? -7.792  7.123   -3.186  1.00 16.49 ? 98  LEU A CD2 1 
ATOM   757  N  N   . GLN A 1 104 ? -11.221 4.413   0.093   1.00 19.67 ? 99  GLN A N   1 
ATOM   758  C  CA  . GLN A 1 104 ? -12.573 4.049   0.547   1.00 19.30 ? 99  GLN A CA  1 
ATOM   759  C  C   . GLN A 1 104 ? -12.499 3.008   1.676   1.00 19.17 ? 99  GLN A C   1 
ATOM   760  O  O   . GLN A 1 104 ? -11.625 2.171   1.657   1.00 19.52 ? 99  GLN A O   1 
ATOM   761  C  CB  . GLN A 1 104 ? -13.410 3.492   -0.609  1.00 20.45 ? 99  GLN A CB  1 
ATOM   762  C  CG  . GLN A 1 104 ? -14.811 3.041   -0.196  1.00 20.75 ? 99  GLN A CG  1 
ATOM   763  C  CD  . GLN A 1 104 ? -15.627 2.489   -1.370  1.00 22.99 ? 99  GLN A CD  1 
ATOM   764  O  OE1 . GLN A 1 104 ? -15.634 3.061   -2.459  1.00 23.64 ? 99  GLN A OE1 1 
ATOM   765  N  NE2 . GLN A 1 104 ? -16.347 1.385   -1.139  1.00 24.05 ? 99  GLN A NE2 1 
ATOM   766  N  N   . GLY A 1 105 ? -13.405 3.060   2.657   1.00 18.63 ? 100 GLY A N   1 
ATOM   767  C  CA  . GLY A 1 105 ? -13.377 2.107   3.757   1.00 17.94 ? 100 GLY A CA  1 
ATOM   768  C  C   . GLY A 1 105 ? -12.222 2.362   4.717   1.00 18.40 ? 100 GLY A C   1 
ATOM   769  O  O   . GLY A 1 105 ? -11.620 3.426   4.676   1.00 17.80 ? 100 GLY A O   1 
ATOM   770  N  N   . ASN A 1 106 ? -11.891 1.399   5.578   1.00 18.33 ? 101 ASN A N   1 
ATOM   771  C  CA  . ASN A 1 106 ? -10.791 1.600   6.530   1.00 18.29 ? 101 ASN A CA  1 
ATOM   772  C  C   . ASN A 1 106 ? -9.895  0.379   6.688   1.00 18.35 ? 101 ASN A C   1 
ATOM   773  O  O   . ASN A 1 106 ? -10.390 -0.756  6.759   1.00 18.74 ? 101 ASN A O   1 
ATOM   774  C  CB  . ASN A 1 106 ? -11.352 1.936   7.906   1.00 19.35 ? 101 ASN A CB  1 
ATOM   775  C  CG  . ASN A 1 106 ? -12.164 3.219   7.916   1.00 20.21 ? 101 ASN A CG  1 
ATOM   776  O  OD1 . ASN A 1 106 ? -11.602 4.313   7.901   1.00 21.65 ? 101 ASN A OD1 1 
ATOM   777  N  ND2 . ASN A 1 106 ? -13.478 3.094   7.936   1.00 17.62 ? 101 ASN A ND2 1 
ATOM   778  N  N   . LEU A 1 107 ? -8.588  0.612   6.757   1.00 17.12 ? 102 LEU A N   1 
ATOM   779  C  CA  . LEU A 1 107 ? -7.646  -0.469  6.963   1.00 17.85 ? 102 LEU A CA  1 
ATOM   780  C  C   . LEU A 1 107 ? -7.097  -0.385  8.394   1.00 20.28 ? 102 LEU A C   1 
ATOM   781  O  O   . LEU A 1 107 ? -6.952  0.713   8.968   1.00 20.60 ? 102 LEU A O   1 
ATOM   782  C  CB  . LEU A 1 107 ? -6.460  -0.402  5.983   1.00 16.61 ? 102 LEU A CB  1 
ATOM   783  C  CG  . LEU A 1 107 ? -6.647  -0.690  4.484   1.00 16.47 ? 102 LEU A CG  1 
ATOM   784  C  CD1 . LEU A 1 107 ? -5.307  -0.640  3.822   1.00 15.60 ? 102 LEU A CD1 1 
ATOM   785  C  CD2 . LEU A 1 107 ? -7.322  -2.072  4.246   1.00 15.14 ? 102 LEU A CD2 1 
ATOM   786  N  N   . LYS A 1 108 ? -6.828  -1.545  8.994   1.00 21.33 ? 103 LYS A N   1 
ATOM   787  C  CA  . LYS A 1 108 ? -6.230  -1.566  10.322  1.00 21.37 ? 103 LYS A CA  1 
ATOM   788  C  C   . LYS A 1 108 ? -4.797  -1.898  10.024  1.00 20.73 ? 103 LYS A C   1 
ATOM   789  O  O   . LYS A 1 108 ? -4.525  -2.873  9.337   1.00 21.32 ? 103 LYS A O   1 
ATOM   790  C  CB  . LYS A 1 108 ? -6.798  -2.689  11.177  1.00 22.99 ? 103 LYS A CB  1 
ATOM   791  C  CG  . LYS A 1 108 ? -6.446  -2.482  12.637  1.00 25.76 ? 103 LYS A CG  1 
ATOM   792  C  CD  . LYS A 1 108 ? -5.787  -3.650  13.293  1.00 26.20 ? 103 LYS A CD  1 
ATOM   793  C  CE  . LYS A 1 108 ? -6.843  -4.628  13.641  1.00 28.08 ? 103 LYS A CE  1 
ATOM   794  N  NZ  . LYS A 1 108 ? -6.260  -5.692  14.539  1.00 30.42 ? 103 LYS A NZ  1 
ATOM   795  N  N   . GLU A 1 109 ? -3.871  -1.096  10.499  1.00 20.43 ? 104 GLU A N   1 
ATOM   796  C  CA  . GLU A 1 109 ? -2.506  -1.434  10.238  1.00 22.60 ? 104 GLU A CA  1 
ATOM   797  C  C   . GLU A 1 109 ? -1.856  -1.890  11.528  1.00 23.61 ? 104 GLU A C   1 
ATOM   798  O  O   . GLU A 1 109 ? -2.005  -1.257  12.575  1.00 25.05 ? 104 GLU A O   1 
ATOM   799  C  CB  . GLU A 1 109 ? -1.689  -0.284  9.671   1.00 22.43 ? 104 GLU A CB  1 
ATOM   800  C  CG  . GLU A 1 109 ? -0.176  -0.597  9.807   1.00 25.59 ? 104 GLU A CG  1 
ATOM   801  C  CD  . GLU A 1 109 ? 0.794   0.560   9.421   1.00 27.27 ? 104 GLU A CD  1 
ATOM   802  O  OE1 . GLU A 1 109 ? 0.771   1.621   10.109  1.00 28.15 ? 104 GLU A OE1 1 
ATOM   803  O  OE2 . GLU A 1 109 ? 1.588   0.377   8.444   1.00 25.44 ? 104 GLU A OE2 1 
ATOM   804  N  N   . THR A 1 110 ? -1.134  -2.996  11.460  1.00 22.44 ? 105 THR A N   1 
ATOM   805  C  CA  . THR A 1 110 ? -0.459  -3.472  12.625  1.00 21.47 ? 105 THR A CA  1 
ATOM   806  C  C   . THR A 1 110 ? 1.019   -3.553  12.262  1.00 21.79 ? 105 THR A C   1 
ATOM   807  O  O   . THR A 1 110 ? 1.405   -4.216  11.306  1.00 21.57 ? 105 THR A O   1 
ATOM   808  C  CB  . THR A 1 110 ? -0.999  -4.864  13.045  1.00 21.93 ? 105 THR A CB  1 
ATOM   809  O  OG1 . THR A 1 110 ? -2.412  -4.773  13.334  1.00 19.78 ? 105 THR A OG1 1 
ATOM   810  C  CG2 . THR A 1 110 ? -0.212  -5.396  14.286  1.00 20.37 ? 105 THR A CG2 1 
ATOM   811  N  N   . LEU A 1 111 ? 1.838   -2.846  13.028  1.00 22.17 ? 106 LEU A N   1 
ATOM   812  C  CA  . LEU A 1 111 ? 3.267   -2.842  12.817  1.00 23.42 ? 106 LEU A CA  1 
ATOM   813  C  C   . LEU A 1 111 ? 3.911   -3.969  13.659  1.00 24.36 ? 106 LEU A C   1 
ATOM   814  O  O   . LEU A 1 111 ? 3.498   -4.236  14.792  1.00 23.62 ? 106 LEU A O   1 
ATOM   815  C  CB  . LEU A 1 111 ? 3.845   -1.493  13.223  1.00 24.61 ? 106 LEU A CB  1 
ATOM   816  C  CG  . LEU A 1 111 ? 5.252   -1.213  12.687  1.00 24.40 ? 106 LEU A CG  1 
ATOM   817  C  CD1 . LEU A 1 111 ? 5.221   -1.161  11.177  1.00 25.28 ? 106 LEU A CD1 1 
ATOM   818  C  CD2 . LEU A 1 111 ? 5.743   0.064   13.219  1.00 24.43 ? 106 LEU A CD2 1 
ATOM   819  N  N   . PHE A 1 112 ? 4.908   -4.641  13.101  1.00 24.01 ? 107 PHE A N   1 
ATOM   820  C  CA  . PHE A 1 112 ? 5.553   -5.719  13.816  1.00 23.78 ? 107 PHE A CA  1 
ATOM   821  C  C   . PHE A 1 112 ? 7.060   -5.504  13.850  1.00 24.10 ? 107 PHE A C   1 
ATOM   822  O  O   . PHE A 1 112 ? 7.606   -4.759  13.045  1.00 23.98 ? 107 PHE A O   1 
ATOM   823  C  CB  . PHE A 1 112 ? 5.227   -7.053  13.139  1.00 23.00 ? 107 PHE A CB  1 
ATOM   824  C  CG  . PHE A 1 112 ? 3.859   -7.619  13.491  1.00 22.59 ? 107 PHE A CG  1 
ATOM   825  C  CD1 . PHE A 1 112 ? 3.677   -8.432  14.616  1.00 21.35 ? 107 PHE A CD1 1 
ATOM   826  C  CD2 . PHE A 1 112 ? 2.765   -7.404  12.650  1.00 21.95 ? 107 PHE A CD2 1 
ATOM   827  C  CE1 . PHE A 1 112 ? 2.435   -9.020  14.879  1.00 19.96 ? 107 PHE A CE1 1 
ATOM   828  C  CE2 . PHE A 1 112 ? 1.529   -7.994  12.920  1.00 20.42 ? 107 PHE A CE2 1 
ATOM   829  C  CZ  . PHE A 1 112 ? 1.374   -8.798  14.026  1.00 19.57 ? 107 PHE A CZ  1 
ATOM   830  N  N   . ALA A 1 113 ? 7.727   -6.154  14.795  1.00 24.78 ? 108 ALA A N   1 
ATOM   831  C  CA  . ALA A 1 113 ? 9.173   -6.046  14.923  1.00 24.79 ? 108 ALA A CA  1 
ATOM   832  C  C   . ALA A 1 113 ? 9.818   -7.138  14.082  1.00 25.73 ? 108 ALA A C   1 
ATOM   833  O  O   . ALA A 1 113 ? 9.244   -8.204  13.879  1.00 24.39 ? 108 ALA A O   1 
ATOM   834  C  CB  . ALA A 1 113 ? 9.556   -6.201  16.360  1.00 23.64 ? 108 ALA A CB  1 
ATOM   835  N  N   . TRP A 1 114 ? 11.014  -6.879  13.584  1.00 27.50 ? 109 TRP A N   1 
ATOM   836  C  CA  . TRP A 1 114 ? 11.662  -7.884  12.785  1.00 30.18 ? 109 TRP A CA  1 
ATOM   837  C  C   . TRP A 1 114 ? 12.053  -9.105  13.577  1.00 33.17 ? 109 TRP A C   1 
ATOM   838  O  O   . TRP A 1 114 ? 12.555  -9.011  14.693  1.00 34.49 ? 109 TRP A O   1 
ATOM   839  C  CB  . TRP A 1 114 ? 12.873  -7.312  12.113  1.00 28.67 ? 109 TRP A CB  1 
ATOM   840  C  CG  . TRP A 1 114 ? 12.505  -6.453  10.943  1.00 29.21 ? 109 TRP A CG  1 
ATOM   841  C  CD1 . TRP A 1 114 ? 12.090  -5.149  10.980  1.00 28.67 ? 109 TRP A CD1 1 
ATOM   842  C  CD2 . TRP A 1 114 ? 12.605  -6.800  9.557   1.00 28.01 ? 109 TRP A CD2 1 
ATOM   843  N  NE1 . TRP A 1 114 ? 11.942  -4.670  9.705   1.00 28.96 ? 109 TRP A NE1 1 
ATOM   844  C  CE2 . TRP A 1 114 ? 12.259  -5.660  8.814   1.00 28.96 ? 109 TRP A CE2 1 
ATOM   845  C  CE3 . TRP A 1 114 ? 12.966  -7.960  8.874   1.00 27.97 ? 109 TRP A CE3 1 
ATOM   846  C  CZ2 . TRP A 1 114 ? 12.267  -5.647  7.418   1.00 29.94 ? 109 TRP A CZ2 1 
ATOM   847  C  CZ3 . TRP A 1 114 ? 12.975  -7.959  7.493   1.00 27.73 ? 109 TRP A CZ3 1 
ATOM   848  C  CH2 . TRP A 1 114 ? 12.633  -6.815  6.776   1.00 30.05 ? 109 TRP A CH2 1 
ATOM   849  N  N   . PRO A 1 115 ? 11.803  -10.288 13.024  1.00 35.73 ? 110 PRO A N   1 
ATOM   850  C  CA  . PRO A 1 115 ? 12.191  -11.458 13.800  1.00 37.95 ? 110 PRO A CA  1 
ATOM   851  C  C   . PRO A 1 115 ? 13.712  -11.629 13.851  1.00 40.36 ? 110 PRO A C   1 
ATOM   852  O  O   . PRO A 1 115 ? 14.472  -10.993 13.099  1.00 40.25 ? 110 PRO A O   1 
ATOM   853  C  CB  . PRO A 1 115 ? 11.488  -12.593 13.068  1.00 37.00 ? 110 PRO A CB  1 
ATOM   854  C  CG  . PRO A 1 115 ? 10.281  -11.928 12.492  1.00 36.06 ? 110 PRO A CG  1 
ATOM   855  C  CD  . PRO A 1 115 ? 10.898  -10.675 11.932  1.00 36.23 ? 110 PRO A CD  1 
ATOM   856  N  N   . ASP A 1 116 ? 14.144  -12.478 14.775  1.00 44.34 ? 111 ASP A N   1 
ATOM   857  C  CA  . ASP A 1 116 ? 15.564  -12.809 14.976  1.00 47.85 ? 111 ASP A CA  1 
ATOM   858  C  C   . ASP A 1 116 ? 15.774  -14.153 14.323  1.00 48.75 ? 111 ASP A C   1 
ATOM   859  O  O   . ASP A 1 116 ? 14.909  -14.664 13.617  1.00 48.50 ? 111 ASP A O   1 
ATOM   860  C  CB  . ASP A 1 116 ? 15.901  -12.967 16.461  1.00 50.40 ? 111 ASP A CB  1 
ATOM   861  C  CG  . ASP A 1 116 ? 15.915  -11.646 17.211  1.00 55.33 ? 111 ASP A CG  1 
ATOM   862  O  OD1 . ASP A 1 116 ? 16.722  -10.734 16.862  1.00 58.27 ? 111 ASP A OD1 1 
ATOM   863  O  OD2 . ASP A 1 116 ? 15.124  -11.512 18.181  1.00 58.70 ? 111 ASP A OD2 1 
ATOM   864  N  N   . LYS A 1 117 ? 16.934  -14.727 14.581  1.00 50.90 ? 112 LYS A N   1 
ATOM   865  C  CA  . LYS A 1 117 ? 17.269  -16.053 14.079  1.00 52.98 ? 112 LYS A CA  1 
ATOM   866  C  C   . LYS A 1 117 ? 16.372  -17.038 14.891  1.00 52.91 ? 112 LYS A C   1 
ATOM   867  O  O   . LYS A 1 117 ? 15.807  -17.992 14.344  1.00 51.48 ? 112 LYS A O   1 
ATOM   868  C  CB  . LYS A 1 117 ? 18.759  -16.298 14.352  1.00 55.21 ? 112 LYS A CB  1 
ATOM   869  C  CG  . LYS A 1 117 ? 19.656  -15.110 13.949  1.00 58.65 ? 112 LYS A CG  1 
ATOM   870  C  CD  . LYS A 1 117 ? 21.125  -15.287 14.401  1.00 60.80 ? 112 LYS A CD  1 
ATOM   871  C  CE  . LYS A 1 117 ? 22.116  -14.378 13.644  1.00 60.56 ? 112 LYS A CE  1 
ATOM   872  N  NZ  . LYS A 1 117 ? 23.465  -14.527 14.256  1.00 60.63 ? 112 LYS A NZ  1 
ATOM   873  N  N   . LYS A 1 118 ? 16.253  -16.758 16.196  1.00 52.62 ? 113 LYS A N   1 
ATOM   874  C  CA  . LYS A 1 118 ? 15.446  -17.529 17.117  1.00 52.75 ? 113 LYS A CA  1 
ATOM   875  C  C   . LYS A 1 118 ? 14.050  -17.608 16.548  1.00 51.67 ? 113 LYS A C   1 
ATOM   876  O  O   . LYS A 1 118 ? 13.643  -16.767 15.730  1.00 52.57 ? 113 LYS A O   1 
ATOM   877  C  CB  . LYS A 1 118 ? 15.379  -16.831 18.475  1.00 55.54 ? 113 LYS A CB  1 
ATOM   878  C  CG  . LYS A 1 118 ? 16.519  -17.150 19.425  1.00 60.06 ? 113 LYS A CG  1 
ATOM   879  C  CD  . LYS A 1 118 ? 16.440  -18.629 19.856  1.00 63.78 ? 113 LYS A CD  1 
ATOM   880  C  CE  . LYS A 1 118 ? 17.530  -19.027 20.875  1.00 65.86 ? 113 LYS A CE  1 
ATOM   881  N  NZ  . LYS A 1 118 ? 17.360  -20.455 21.331  1.00 66.89 ? 113 LYS A NZ  1 
ATOM   882  N  N   . SER A 1 119 ? 13.289  -18.592 17.003  1.00 48.71 ? 114 SER A N   1 
ATOM   883  C  CA  . SER A 1 119 ? 11.935  -18.756 16.506  1.00 45.27 ? 114 SER A CA  1 
ATOM   884  C  C   . SER A 1 119 ? 10.918  -18.496 17.603  1.00 43.89 ? 114 SER A C   1 
ATOM   885  O  O   . SER A 1 119 ? 10.997  -19.085 18.665  1.00 44.49 ? 114 SER A O   1 
ATOM   886  C  CB  . SER A 1 119 ? 11.780  -20.178 15.934  1.00 44.14 ? 114 SER A CB  1 
ATOM   887  O  OG  . SER A 1 119 ? 10.429  -20.529 15.728  1.00 40.62 ? 114 SER A OG  1 
ATOM   888  N  N   . ASN A 1 120 ? 9.996   -17.573 17.369  1.00 42.77 ? 115 ASN A N   1 
ATOM   889  C  CA  . ASN A 1 120 ? 8.916   -17.301 18.335  1.00 41.84 ? 115 ASN A CA  1 
ATOM   890  C  C   . ASN A 1 120 ? 7.991   -16.139 17.977  1.00 39.51 ? 115 ASN A C   1 
ATOM   891  O  O   . ASN A 1 120 ? 8.360   -15.230 17.249  1.00 38.49 ? 115 ASN A O   1 
ATOM   892  C  CB  . ASN A 1 120 ? 9.450   -17.133 19.778  1.00 43.60 ? 115 ASN A CB  1 
ATOM   893  C  CG  . ASN A 1 120 ? 10.469  -16.058 19.896  1.00 46.08 ? 115 ASN A CG  1 
ATOM   894  O  OD1 . ASN A 1 120 ? 10.223  -14.932 19.473  1.00 49.02 ? 115 ASN A OD1 1 
ATOM   895  N  ND2 . ASN A 1 120 ? 11.623  -16.377 20.485  1.00 46.83 ? 115 ASN A ND2 1 
ATOM   896  N  N   . GLU A 1 121 ? 6.774   -16.234 18.502  1.00 38.01 ? 116 GLU A N   1 
ATOM   897  C  CA  . GLU A 1 121 ? 5.703   -15.275 18.305  1.00 36.93 ? 116 GLU A CA  1 
ATOM   898  C  C   . GLU A 1 121 ? 6.237   -13.883 18.053  1.00 36.36 ? 116 GLU A C   1 
ATOM   899  O  O   . GLU A 1 121 ? 7.099   -13.376 18.808  1.00 36.08 ? 116 GLU A O   1 
ATOM   900  C  CB  . GLU A 1 121 ? 4.775   -15.284 19.516  1.00 37.58 ? 116 GLU A CB  1 
ATOM   901  C  CG  . GLU A 1 121 ? 3.542   -14.385 19.436  1.00 41.19 ? 116 GLU A CG  1 
ATOM   902  C  CD  . GLU A 1 121 ? 2.440   -14.935 18.523  1.00 44.15 ? 116 GLU A CD  1 
ATOM   903  O  OE1 . GLU A 1 121 ? 2.206   -16.181 18.533  1.00 45.24 ? 116 GLU A OE1 1 
ATOM   904  O  OE2 . GLU A 1 121 ? 1.790   -14.125 17.795  1.00 43.83 ? 116 GLU A OE2 1 
ATOM   905  N  N   . MET A 1 122 ? 5.737   -13.274 16.971  1.00 34.17 ? 117 MET A N   1 
ATOM   906  C  CA  . MET A 1 122 ? 6.166   -11.943 16.575  1.00 31.10 ? 117 MET A CA  1 
ATOM   907  C  C   . MET A 1 122 ? 5.560   -10.899 17.498  1.00 30.28 ? 117 MET A C   1 
ATOM   908  O  O   . MET A 1 122 ? 4.463   -11.060 18.042  1.00 30.25 ? 117 MET A O   1 
ATOM   909  C  CB  . MET A 1 122 ? 5.811   -11.704 15.108  1.00 30.03 ? 117 MET A CB  1 
ATOM   910  C  CG  . MET A 1 122 ? 6.557   -12.659 14.175  1.00 29.50 ? 117 MET A CG  1 
ATOM   911  S  SD  . MET A 1 122 ? 6.302   -12.447 12.392  1.00 29.09 ? 117 MET A SD  1 
ATOM   912  C  CE  . MET A 1 122 ? 6.872   -10.760 12.230  1.00 27.58 ? 117 MET A CE  1 
ATOM   913  N  N   . VAL A 1 123 ? 6.296   -9.821  17.687  1.00 28.10 ? 118 VAL A N   1 
ATOM   914  C  CA  . VAL A 1 123 ? 5.857   -8.776  18.577  1.00 26.69 ? 118 VAL A CA  1 
ATOM   915  C  C   . VAL A 1 123 ? 5.208   -7.603  17.877  1.00 26.38 ? 118 VAL A C   1 
ATOM   916  O  O   . VAL A 1 123 ? 5.779   -7.028  16.945  1.00 26.14 ? 118 VAL A O   1 
ATOM   917  C  CB  . VAL A 1 123 ? 7.046   -8.207  19.362  1.00 25.89 ? 118 VAL A CB  1 
ATOM   918  C  CG1 . VAL A 1 123 ? 6.549   -7.336  20.472  1.00 26.83 ? 118 VAL A CG1 1 
ATOM   919  C  CG2 . VAL A 1 123 ? 7.916   -9.313  19.862  1.00 23.52 ? 118 VAL A CG2 1 
ATOM   920  N  N   . LYS A 1 124 ? 4.025   -7.224  18.351  1.00 25.73 ? 119 LYS A N   1 
ATOM   921  C  CA  . LYS A 1 124 ? 3.324   -6.073  17.798  1.00 25.38 ? 119 LYS A CA  1 
ATOM   922  C  C   . LYS A 1 124 ? 3.997   -4.795  18.345  1.00 24.61 ? 119 LYS A C   1 
ATOM   923  O  O   . LYS A 1 124 ? 4.249   -4.708  19.553  1.00 24.99 ? 119 LYS A O   1 
ATOM   924  C  CB  . LYS A 1 124 ? 1.848   -6.098  18.213  1.00 26.66 ? 119 LYS A CB  1 
ATOM   925  C  CG  . LYS A 1 124 ? 1.069   -7.270  17.686  1.00 30.56 ? 119 LYS A CG  1 
ATOM   926  C  CD  . LYS A 1 124 ? -0.455  -7.004  17.655  1.00 35.71 ? 119 LYS A CD  1 
ATOM   927  C  CE  . LYS A 1 124 ? -1.039  -6.824  19.069  1.00 38.68 ? 119 LYS A CE  1 
ATOM   928  N  NZ  . LYS A 1 124 ? -2.491  -6.333  19.174  1.00 40.36 ? 119 LYS A NZ  1 
ATOM   929  N  N   . LYS A 1 125 ? 4.289   -3.817  17.481  1.00 22.67 ? 120 LYS A N   1 
ATOM   930  C  CA  . LYS A 1 125 ? 4.917   -2.578  17.923  1.00 21.09 ? 120 LYS A CA  1 
ATOM   931  C  C   . LYS A 1 125 ? 3.944   -1.443  17.871  1.00 20.02 ? 120 LYS A C   1 
ATOM   932  O  O   . LYS A 1 125 ? 4.177   -0.418  18.484  1.00 20.53 ? 120 LYS A O   1 
ATOM   933  C  CB  . LYS A 1 125 ? 6.047   -2.095  17.017  1.00 23.53 ? 120 LYS A CB  1 
ATOM   934  C  CG  . LYS A 1 125 ? 7.406   -2.780  16.922  1.00 25.60 ? 120 LYS A CG  1 
ATOM   935  C  CD  . LYS A 1 125 ? 8.159   -2.003  15.769  1.00 27.52 ? 120 LYS A CD  1 
ATOM   936  C  CE  . LYS A 1 125 ? 9.572   -2.512  15.440  1.00 29.46 ? 120 LYS A CE  1 
ATOM   937  N  NZ  . LYS A 1 125 ? 10.147  -1.817  14.237  1.00 29.67 ? 120 LYS A NZ  1 
ATOM   938  N  N   . SER A 1 126 ? 2.878   -1.578  17.110  1.00 19.95 ? 121 SER A N   1 
ATOM   939  C  CA  . SER A 1 126 ? 1.951   -0.466  16.965  1.00 20.26 ? 121 SER A CA  1 
ATOM   940  C  C   . SER A 1 126 ? 0.714   -0.956  16.239  1.00 21.24 ? 121 SER A C   1 
ATOM   941  O  O   . SER A 1 126 ? 0.792   -1.865  15.418  1.00 21.01 ? 121 SER A O   1 
ATOM   942  C  CB  . SER A 1 126 ? 2.619   0.638   16.140  1.00 20.43 ? 121 SER A CB  1 
ATOM   943  O  OG  . SER A 1 126 ? 1.746   1.748   15.962  1.00 22.47 ? 121 SER A OG  1 
ATOM   944  N  N   . GLU A 1 127 ? -0.429  -0.347  16.515  1.00 21.83 ? 122 GLU A N   1 
ATOM   945  C  CA  . GLU A 1 127 ? -1.645  -0.780  15.854  1.00 23.76 ? 122 GLU A CA  1 
ATOM   946  C  C   . GLU A 1 127 ? -2.571  0.412   15.747  1.00 23.69 ? 122 GLU A C   1 
ATOM   947  O  O   . GLU A 1 127 ? -2.745  1.153   16.719  1.00 25.04 ? 122 GLU A O   1 
ATOM   948  C  CB  . GLU A 1 127 ? -2.249  -1.898  16.680  1.00 25.88 ? 122 GLU A CB  1 
ATOM   949  C  CG  . GLU A 1 127 ? -3.489  -2.520  16.175  1.00 30.47 ? 122 GLU A CG  1 
ATOM   950  C  CD  . GLU A 1 127 ? -3.865  -3.764  16.992  1.00 34.28 ? 122 GLU A CD  1 
ATOM   951  O  OE1 . GLU A 1 127 ? -3.705  -3.738  18.244  1.00 33.64 ? 122 GLU A OE1 1 
ATOM   952  O  OE2 . GLU A 1 127 ? -4.334  -4.765  16.377  1.00 36.64 ? 122 GLU A OE2 1 
ATOM   953  N  N   . ARG A 1 128 ? -3.142  0.625   14.562  1.00 23.02 ? 123 ARG A N   1 
ATOM   954  C  CA  . ARG A 1 128 ? -4.040  1.773   14.345  1.00 22.86 ? 123 ARG A CA  1 
ATOM   955  C  C   . ARG A 1 128 ? -4.962  1.573   13.159  1.00 22.24 ? 123 ARG A C   1 
ATOM   956  O  O   . ARG A 1 128 ? -4.871  0.597   12.439  1.00 23.78 ? 123 ARG A O   1 
ATOM   957  C  CB  . ARG A 1 128 ? -3.227  3.045   14.118  1.00 22.27 ? 123 ARG A CB  1 
ATOM   958  C  CG  . ARG A 1 128 ? -2.196  2.890   13.020  1.00 21.70 ? 123 ARG A CG  1 
ATOM   959  C  CD  . ARG A 1 128 ? -1.885  4.164   12.283  1.00 20.99 ? 123 ARG A CD  1 
ATOM   960  N  NE  . ARG A 1 128 ? -0.783  3.910   11.361  1.00 22.47 ? 123 ARG A NE  1 
ATOM   961  C  CZ  . ARG A 1 128 ? 0.002   4.845   10.830  1.00 22.04 ? 123 ARG A CZ  1 
ATOM   962  N  NH1 . ARG A 1 128 ? -0.175  6.129   11.112  1.00 21.15 ? 123 ARG A NH1 1 
ATOM   963  N  NH2 . ARG A 1 128 ? 0.986   4.480   10.024  1.00 21.62 ? 123 ARG A NH2 1 
ATOM   964  N  N   . VAL A 1 129 ? -5.868  2.506   12.980  1.00 21.69 ? 124 VAL A N   1 
ATOM   965  C  CA  . VAL A 1 129 ? -6.787  2.445   11.861  1.00 22.03 ? 124 VAL A CA  1 
ATOM   966  C  C   . VAL A 1 129 ? -6.560  3.672   10.964  1.00 22.99 ? 124 VAL A C   1 
ATOM   967  O  O   . VAL A 1 129 ? -6.557  4.799   11.443  1.00 23.86 ? 124 VAL A O   1 
ATOM   968  C  CB  . VAL A 1 129 ? -8.256  2.457   12.349  1.00 20.98 ? 124 VAL A CB  1 
ATOM   969  C  CG1 . VAL A 1 129 ? -9.225  2.649   11.155  1.00 17.87 ? 124 VAL A CG1 1 
ATOM   970  C  CG2 . VAL A 1 129 ? -8.542  1.145   13.071  1.00 20.22 ? 124 VAL A CG2 1 
ATOM   971  N  N   . LEU A 1 130 ? -6.364  3.472   9.672   1.00 22.81 ? 125 LEU A N   1 
ATOM   972  C  CA  . LEU A 1 130 ? -6.181  4.613   8.813   1.00 22.46 ? 125 LEU A CA  1 
ATOM   973  C  C   . LEU A 1 130 ? -7.539  5.220   8.547   1.00 23.90 ? 125 LEU A C   1 
ATOM   974  O  O   . LEU A 1 130 ? -8.496  4.517   8.214   1.00 23.64 ? 125 LEU A O   1 
ATOM   975  C  CB  . LEU A 1 130 ? -5.522  4.164   7.532   1.00 22.28 ? 125 LEU A CB  1 
ATOM   976  C  CG  . LEU A 1 130 ? -4.283  3.279   7.758   1.00 21.12 ? 125 LEU A CG  1 
ATOM   977  C  CD1 . LEU A 1 130 ? -3.603  3.107   6.419   1.00 21.15 ? 125 LEU A CD1 1 
ATOM   978  C  CD2 . LEU A 1 130 ? -3.306  3.893   8.753   1.00 19.34 ? 125 LEU A CD2 1 
ATOM   979  N  N   . ARG A 1 131 ? -7.654  6.535   8.722   1.00 27.02 ? 126 ARG A N   1 
ATOM   980  C  CA  . ARG A 1 131 ? -8.930  7.245   8.505   1.00 28.93 ? 126 ARG A CA  1 
ATOM   981  C  C   . ARG A 1 131 ? -9.180  7.587   7.020   1.00 29.12 ? 126 ARG A C   1 
ATOM   982  O  O   . ARG A 1 131 ? -8.389  7.242   6.150   1.00 29.02 ? 126 ARG A O   1 
ATOM   983  C  CB  . ARG A 1 131 ? -8.961  8.551   9.317   1.00 31.61 ? 126 ARG A CB  1 
ATOM   984  C  CG  . ARG A 1 131 ? -8.585  8.430   10.783  1.00 36.15 ? 126 ARG A CG  1 
ATOM   985  C  CD  . ARG A 1 131 ? -7.829  9.661   11.287  1.00 40.99 ? 126 ARG A CD  1 
ATOM   986  N  NE  . ARG A 1 131 ? -6.808  9.314   12.254  1.00 47.20 ? 126 ARG A NE  1 
ATOM   987  C  CZ  . ARG A 1 131 ? -5.687  10.016  12.464  1.00 49.72 ? 126 ARG A CZ  1 
ATOM   988  N  NH1 . ARG A 1 131 ? -5.456  11.126  11.766  1.00 51.26 ? 126 ARG A NH1 1 
ATOM   989  N  NH2 . ARG A 1 131 ? -4.805  9.606   13.354  1.00 51.19 ? 126 ARG A NH2 1 
ATOM   990  N  N   . GLU A 1 132 ? -10.289 8.282   6.738   1.00 29.10 ? 127 GLU A N   1 
ATOM   991  C  CA  . GLU A 1 132 ? -10.643 8.682   5.389   1.00 27.90 ? 127 GLU A CA  1 
ATOM   992  C  C   . GLU A 1 132 ? -9.602  9.634   4.795   1.00 26.39 ? 127 GLU A C   1 
ATOM   993  O  O   . GLU A 1 132 ? -9.265  10.664  5.376   1.00 27.97 ? 127 GLU A O   1 
ATOM   994  C  CB  . GLU A 1 132 ? -12.029 9.270   5.431   1.00 29.00 ? 127 GLU A CB  1 
ATOM   995  C  CG  . GLU A 1 132 ? -12.507 9.829   4.118   1.00 32.48 ? 127 GLU A CG  1 
ATOM   996  C  CD  . GLU A 1 132 ? -13.962 10.229  4.256   1.00 36.18 ? 127 GLU A CD  1 
ATOM   997  O  OE1 . GLU A 1 132 ? -14.798 9.354   4.515   1.00 41.02 ? 127 GLU A OE1 1 
ATOM   998  O  OE2 . GLU A 1 132 ? -14.275 11.430  4.100   1.00 37.37 ? 127 GLU A OE2 1 
ATOM   999  N  N   . ASN A 1 133 ? -9.107  9.228   3.605   1.00 23.52 ? 128 ASN A N   1 
ATOM   1000 C  CA  . ASN A 1 133 ? -8.124  9.958   2.832   1.00 23.50 ? 128 ASN A CA  1 
ATOM   1001 C  C   . ASN A 1 133 ? -6.768  10.025  3.517   1.00 24.56 ? 128 ASN A C   1 
ATOM   1002 O  O   . ASN A 1 133 ? -5.861  10.705  3.042   1.00 24.96 ? 128 ASN A O   1 
ATOM   1003 C  CB  . ASN A 1 133 ? -8.632  11.354  2.542   1.00 21.75 ? 128 ASN A CB  1 
ATOM   1004 C  CG  . ASN A 1 133 ? -9.645  11.322  1.419   1.00 21.62 ? 128 ASN A CG  1 
ATOM   1005 O  OD1 . ASN A 1 133 ? -9.353  10.850  0.322   1.00 21.41 ? 128 ASN A OD1 1 
ATOM   1006 N  ND2 . ASN A 1 133 ? -10.832 11.824  1.707   1.00 21.48 ? 128 ASN A ND2 1 
ATOM   1007 N  N   . GLN A 1 134 ? -6.593  9.324   4.623   1.00 26.30 ? 129 GLN A N   1 
ATOM   1008 C  CA  . GLN A 1 134 ? -5.324  9.321   5.352   1.00 26.74 ? 129 GLN A CA  1 
ATOM   1009 C  C   . GLN A 1 134 ? -4.228  8.574   4.604   1.00 26.67 ? 129 GLN A C   1 
ATOM   1010 O  O   . GLN A 1 134 ? -4.460  7.527   4.004   1.00 26.91 ? 129 GLN A O   1 
ATOM   1011 C  CB  . GLN A 1 134 ? -5.498  8.726   6.758   1.00 28.10 ? 129 GLN A CB  1 
ATOM   1012 C  CG  . GLN A 1 134 ? -4.246  8.804   7.662   1.00 29.05 ? 129 GLN A CG  1 
ATOM   1013 C  CD  . GLN A 1 134 ? -4.398  8.136   9.017   1.00 30.23 ? 129 GLN A CD  1 
ATOM   1014 O  OE1 . GLN A 1 134 ? -5.504  7.820   9.455   1.00 30.84 ? 129 GLN A OE1 1 
ATOM   1015 N  NE2 . GLN A 1 134 ? -3.406  7.832   9.845   1.00 29.94 ? 129 GLN A NE2 1 
ATOM   1016 N  N   . CYS A 1 135 ? -3.025  9.123   4.649   1.00 26.77 ? 130 CYS A N   1 
ATOM   1017 C  CA  . CYS A 1 135 ? -1.891  8.497   4.016   1.00 26.87 ? 130 CYS A CA  1 
ATOM   1018 C  C   . CYS A 1 135 ? -0.858  8.111   5.044   1.00 26.18 ? 130 CYS A C   1 
ATOM   1019 O  O   . CYS A 1 135 ? -0.349  8.959   5.763   1.00 27.17 ? 130 CYS A O   1 
ATOM   1020 C  CB  . CYS A 1 135 ? -1.267  9.443   2.977   1.00 28.59 ? 130 CYS A CB  1 
ATOM   1021 S  SG  . CYS A 1 135 ? -0.017  8.655   1.912   1.00 30.10 ? 130 CYS A SG  1 
ATOM   1022 N  N   . ALA A 1 136 ? -0.547  6.827   5.092   1.00 24.53 ? 131 ALA A N   1 
ATOM   1023 C  CA  . ALA A 1 136 ? 0.449   6.302   6.007   1.00 21.74 ? 131 ALA A CA  1 
ATOM   1024 C  C   . ALA A 1 136 ? 1.733   6.039   5.218   1.00 21.01 ? 131 ALA A C   1 
ATOM   1025 O  O   . ALA A 1 136 ? 1.724   5.961   3.976   1.00 23.19 ? 131 ALA A O   1 
ATOM   1026 C  CB  . ALA A 1 136 ? -0.038  5.014   6.593   1.00 21.31 ? 131 ALA A CB  1 
ATOM   1027 N  N   . TYR A 1 137 ? 2.812   5.854   5.958   1.00 18.12 ? 132 TYR A N   1 
ATOM   1028 C  CA  . TYR A 1 137 ? 4.126   5.593   5.407   1.00 16.99 ? 132 TYR A CA  1 
ATOM   1029 C  C   . TYR A 1 137 ? 4.890   4.503   6.151   1.00 16.55 ? 132 TYR A C   1 
ATOM   1030 O  O   . TYR A 1 137 ? 4.798   4.409   7.352   1.00 15.89 ? 132 TYR A O   1 
ATOM   1031 C  CB  . TYR A 1 137 ? 4.992   6.843   5.483   1.00 16.91 ? 132 TYR A CB  1 
ATOM   1032 C  CG  . TYR A 1 137 ? 6.394   6.562   5.004   1.00 15.53 ? 132 TYR A CG  1 
ATOM   1033 C  CD1 . TYR A 1 137 ? 7.439   6.445   5.902   1.00 13.22 ? 132 TYR A CD1 1 
ATOM   1034 C  CD2 . TYR A 1 137 ? 6.650   6.375   3.623   1.00 14.44 ? 132 TYR A CD2 1 
ATOM   1035 C  CE1 . TYR A 1 137 ? 8.707   6.152   5.463   1.00 14.64 ? 132 TYR A CE1 1 
ATOM   1036 C  CE2 . TYR A 1 137 ? 7.910   6.085   3.160   1.00 13.19 ? 132 TYR A CE2 1 
ATOM   1037 C  CZ  . TYR A 1 137 ? 8.952   5.973   4.083   1.00 14.90 ? 132 TYR A CZ  1 
ATOM   1038 O  OH  . TYR A 1 137 ? 10.240  5.705   3.658   1.00 12.42 ? 132 TYR A OH  1 
ATOM   1039 N  N   . ILE A 1 138 ? 5.703   3.743   5.439   1.00 16.65 ? 133 ILE A N   1 
ATOM   1040 C  CA  . ILE A 1 138 ? 6.481   2.697   6.047   1.00 17.69 ? 133 ILE A CA  1 
ATOM   1041 C  C   . ILE A 1 138 ? 7.693   2.281   5.199   1.00 18.96 ? 133 ILE A C   1 
ATOM   1042 O  O   . ILE A 1 138 ? 7.734   2.470   3.967   1.00 18.13 ? 133 ILE A O   1 
ATOM   1043 C  CB  . ILE A 1 138 ? 5.592   1.451   6.303   1.00 16.97 ? 133 ILE A CB  1 
ATOM   1044 C  CG1 . ILE A 1 138 ? 6.316   0.434   7.151   1.00 19.04 ? 133 ILE A CG1 1 
ATOM   1045 C  CG2 . ILE A 1 138 ? 5.284   0.749   5.043   1.00 16.95 ? 133 ILE A CG2 1 
ATOM   1046 C  CD1 . ILE A 1 138 ? 5.368   -0.673  7.666   1.00 19.57 ? 133 ILE A CD1 1 
ATOM   1047 N  N   . ASN A 1 139 ? 8.699   1.748   5.882   1.00 18.41 ? 134 ASN A N   1 
ATOM   1048 C  CA  . ASN A 1 139 ? 9.853   1.208   5.201   1.00 18.40 ? 134 ASN A CA  1 
ATOM   1049 C  C   . ASN A 1 139 ? 10.429  0.140   6.148   1.00 20.09 ? 134 ASN A C   1 
ATOM   1050 O  O   . ASN A 1 139 ? 9.968   0.006   7.289   1.00 20.53 ? 134 ASN A O   1 
ATOM   1051 C  CB  . ASN A 1 139 ? 10.859  2.288   4.798   1.00 16.44 ? 134 ASN A CB  1 
ATOM   1052 C  CG  . ASN A 1 139 ? 11.511  2.987   5.951   1.00 15.51 ? 134 ASN A CG  1 
ATOM   1053 O  OD1 . ASN A 1 139 ? 11.962  2.378   6.924   1.00 17.10 ? 134 ASN A OD1 1 
ATOM   1054 N  ND2 . ASN A 1 139 ? 11.627  4.292   5.823   1.00 16.32 ? 134 ASN A ND2 1 
ATOM   1055 N  N   . ASP A 1 140 ? 11.383  -0.644  5.666   1.00 20.14 ? 135 ASP A N   1 
ATOM   1056 C  CA  . ASP A 1 140 ? 11.946  -1.704  6.445   1.00 21.30 ? 135 ASP A CA  1 
ATOM   1057 C  C   . ASP A 1 140 ? 12.585  -1.279  7.715   1.00 22.73 ? 135 ASP A C   1 
ATOM   1058 O  O   . ASP A 1 140 ? 12.653  -2.067  8.655   1.00 24.33 ? 135 ASP A O   1 
ATOM   1059 C  CB  . ASP A 1 140 ? 12.976  -2.474  5.640   1.00 23.00 ? 135 ASP A CB  1 
ATOM   1060 C  CG  . ASP A 1 140 ? 12.356  -3.300  4.547   1.00 25.19 ? 135 ASP A CG  1 
ATOM   1061 O  OD1 . ASP A 1 140 ? 11.114  -3.461  4.578   1.00 26.81 ? 135 ASP A OD1 1 
ATOM   1062 O  OD2 . ASP A 1 140 ? 13.107  -3.795  3.662   1.00 25.54 ? 135 ASP A OD2 1 
ATOM   1063 N  N   . SER A 1 141 ? 13.077  -0.048  7.788   1.00 22.63 ? 136 SER A N   1 
ATOM   1064 C  CA  . SER A 1 141 ? 13.723  0.351   9.033   1.00 20.73 ? 136 SER A CA  1 
ATOM   1065 C  C   . SER A 1 141 ? 12.676  0.751   10.026  1.00 19.89 ? 136 SER A C   1 
ATOM   1066 O  O   . SER A 1 141 ? 12.992  1.041   11.153  1.00 22.24 ? 136 SER A O   1 
ATOM   1067 C  CB  . SER A 1 141 ? 14.656  1.526   8.825   1.00 19.74 ? 136 SER A CB  1 
ATOM   1068 O  OG  . SER A 1 141 ? 13.897  2.690   8.680   1.00 18.93 ? 136 SER A OG  1 
ATOM   1069 N  N   . ILE A 1 142 ? 11.425  0.789   9.627   1.00 18.32 ? 137 ILE A N   1 
ATOM   1070 C  CA  . ILE A 1 142 ? 10.393  1.184   10.569  1.00 17.97 ? 137 ILE A CA  1 
ATOM   1071 C  C   . ILE A 1 142 ? 9.757   -0.041  11.248  1.00 17.97 ? 137 ILE A C   1 
ATOM   1072 O  O   . ILE A 1 142 ? 9.407   0.015   12.426  1.00 17.63 ? 137 ILE A O   1 
ATOM   1073 C  CB  . ILE A 1 142 ? 9.331   2.049   9.840   1.00 17.32 ? 137 ILE A CB  1 
ATOM   1074 C  CG1 . ILE A 1 142 ? 9.859   3.460   9.687   1.00 17.13 ? 137 ILE A CG1 1 
ATOM   1075 C  CG2 . ILE A 1 142 ? 8.038   2.070   10.581  1.00 15.91 ? 137 ILE A CG2 1 
ATOM   1076 C  CD1 . ILE A 1 142 ? 8.984   4.344   8.867   1.00 14.73 ? 137 ILE A CD1 1 
ATOM   1077 N  N   . GLY A 1 143 ? 9.640   -1.125  10.483  1.00 17.96 ? 138 GLY A N   1 
ATOM   1078 C  CA  . GLY A 1 143 ? 9.055   -2.349  10.953  1.00 18.38 ? 138 GLY A CA  1 
ATOM   1079 C  C   . GLY A 1 143 ? 8.438   -3.126  9.805   1.00 19.50 ? 138 GLY A C   1 
ATOM   1080 O  O   . GLY A 1 143 ? 8.590   -2.758  8.632   1.00 20.55 ? 138 GLY A O   1 
ATOM   1081 N  N   . LEU A 1 144 ? 7.766   -4.222  10.136  1.00 18.69 ? 139 LEU A N   1 
ATOM   1082 C  CA  . LEU A 1 144 ? 7.078   -5.061  9.167   1.00 18.24 ? 139 LEU A CA  1 
ATOM   1083 C  C   . LEU A 1 144 ? 5.621   -4.742  9.382   1.00 17.93 ? 139 LEU A C   1 
ATOM   1084 O  O   . LEU A 1 144 ? 5.271   -4.183  10.408  1.00 18.77 ? 139 LEU A O   1 
ATOM   1085 C  CB  . LEU A 1 144 ? 7.271   -6.514  9.559   1.00 19.06 ? 139 LEU A CB  1 
ATOM   1086 C  CG  . LEU A 1 144 ? 8.665   -7.087  9.398   1.00 20.88 ? 139 LEU A CG  1 
ATOM   1087 C  CD1 . LEU A 1 144 ? 8.684   -8.570  9.832   1.00 20.72 ? 139 LEU A CD1 1 
ATOM   1088 C  CD2 . LEU A 1 144 ? 9.064   -6.948  7.908   1.00 19.58 ? 139 LEU A CD2 1 
ATOM   1089 N  N   . HIS A 1 145 ? 4.733   -5.060  8.465   1.00 17.97 ? 140 HIS A N   1 
ATOM   1090 C  CA  . HIS A 1 145 ? 3.347   -4.824  8.860   1.00 18.37 ? 140 HIS A CA  1 
ATOM   1091 C  C   . HIS A 1 145 ? 2.330   -5.711  8.209   1.00 18.49 ? 140 HIS A C   1 
ATOM   1092 O  O   . HIS A 1 145 ? 2.631   -6.451  7.286   1.00 17.22 ? 140 HIS A O   1 
ATOM   1093 C  CB  . HIS A 1 145 ? 2.928   -3.345  8.723   1.00 18.72 ? 140 HIS A CB  1 
ATOM   1094 C  CG  . HIS A 1 145 ? 2.588   -2.911  7.332   1.00 19.12 ? 140 HIS A CG  1 
ATOM   1095 N  ND1 . HIS A 1 145 ? 2.069   -1.663  7.063   1.00 18.35 ? 140 HIS A ND1 1 
ATOM   1096 C  CD2 . HIS A 1 145 ? 2.750   -3.522  6.127   1.00 17.27 ? 140 HIS A CD2 1 
ATOM   1097 C  CE1 . HIS A 1 145 ? 1.932   -1.517  5.760   1.00 16.51 ? 140 HIS A CE1 1 
ATOM   1098 N  NE2 . HIS A 1 145 ? 2.343   -2.629  5.171   1.00 20.73 ? 140 HIS A NE2 1 
ATOM   1099 N  N   . ARG A 1 146 ? 1.124   -5.646  8.753   1.00 20.14 ? 141 ARG A N   1 
ATOM   1100 C  CA  . ARG A 1 146 ? -0.012  -6.400  8.256   1.00 22.55 ? 141 ARG A CA  1 
ATOM   1101 C  C   . ARG A 1 146 ? -1.065  -5.342  8.150   1.00 23.49 ? 141 ARG A C   1 
ATOM   1102 O  O   . ARG A 1 146 ? -1.151  -4.447  8.997   1.00 23.87 ? 141 ARG A O   1 
ATOM   1103 C  CB  . ARG A 1 146 ? -0.486  -7.489  9.228   1.00 23.57 ? 141 ARG A CB  1 
ATOM   1104 C  CG  . ARG A 1 146 ? -1.650  -8.324  8.656   1.00 26.98 ? 141 ARG A CG  1 
ATOM   1105 C  CD  . ARG A 1 146 ? -1.980  -9.559  9.516   1.00 29.19 ? 141 ARG A CD  1 
ATOM   1106 N  NE  . ARG A 1 146 ? -2.134  -9.170  10.917  1.00 33.25 ? 141 ARG A NE  1 
ATOM   1107 C  CZ  . ARG A 1 146 ? -1.797  -9.931  11.965  1.00 33.35 ? 141 ARG A CZ  1 
ATOM   1108 N  NH1 . ARG A 1 146 ? -1.291  -11.145 11.729  1.00 32.18 ? 141 ARG A NH1 1 
ATOM   1109 N  NH2 . ARG A 1 146 ? -1.939  -9.467  13.231  1.00 28.67 ? 141 ARG A NH2 1 
ATOM   1110 N  N   . VAL A 1 147 ? -1.867  -5.428  7.104   1.00 23.98 ? 142 VAL A N   1 
ATOM   1111 C  CA  . VAL A 1 147 ? -2.897  -4.439  6.903   1.00 25.03 ? 142 VAL A CA  1 
ATOM   1112 C  C   . VAL A 1 147 ? -4.190  -5.223  6.632   1.00 24.19 ? 142 VAL A C   1 
ATOM   1113 O  O   . VAL A 1 147 ? -4.154  -6.264  5.978   1.00 23.52 ? 142 VAL A O   1 
ATOM   1114 C  CB  . VAL A 1 147 ? -2.424  -3.512  5.726   1.00 26.66 ? 142 VAL A CB  1 
ATOM   1115 C  CG1 . VAL A 1 147 ? -2.824  -4.112  4.381   1.00 27.97 ? 142 VAL A CG1 1 
ATOM   1116 C  CG2 . VAL A 1 147 ? -2.984  -2.154  5.880   1.00 28.20 ? 142 VAL A CG2 1 
ATOM   1117 N  N   . GLU A 1 148 ? -5.314  -4.745  7.162   1.00 24.46 ? 143 GLU A N   1 
ATOM   1118 C  CA  . GLU A 1 148 ? -6.612  -5.429  6.993   1.00 24.93 ? 143 GLU A CA  1 
ATOM   1119 C  C   . GLU A 1 148 ? -7.808  -4.512  6.859   1.00 24.35 ? 143 GLU A C   1 
ATOM   1120 O  O   . GLU A 1 148 ? -7.849  -3.405  7.417   1.00 24.13 ? 143 GLU A O   1 
ATOM   1121 C  CB  . GLU A 1 148 ? -6.957  -6.279  8.183   1.00 27.12 ? 143 GLU A CB  1 
ATOM   1122 C  CG  . GLU A 1 148 ? -5.962  -7.306  8.529   1.00 36.25 ? 143 GLU A CG  1 
ATOM   1123 C  CD  . GLU A 1 148 ? -6.073  -7.745  10.000  1.00 39.94 ? 143 GLU A CD  1 
ATOM   1124 O  OE1 . GLU A 1 148 ? -5.960  -6.872  10.901  1.00 39.69 ? 143 GLU A OE1 1 
ATOM   1125 O  OE2 . GLU A 1 148 ? -6.262  -8.977  10.231  1.00 43.38 ? 143 GLU A OE2 1 
ATOM   1126 N  N   . ASN A 1 149 ? -8.817  -5.014  6.163   1.00 23.22 ? 144 ASN A N   1 
ATOM   1127 C  CA  . ASN A 1 149 ? -10.070 -4.296  6.005   1.00 21.95 ? 144 ASN A CA  1 
ATOM   1128 C  C   . ASN A 1 149 ? -10.719 -4.444  7.369   1.00 21.56 ? 144 ASN A C   1 
ATOM   1129 O  O   . ASN A 1 149 ? -10.756 -5.516  7.910   1.00 21.43 ? 144 ASN A O   1 
ATOM   1130 C  CB  . ASN A 1 149 ? -10.950 -4.970  4.971   1.00 19.59 ? 144 ASN A CB  1 
ATOM   1131 C  CG  . ASN A 1 149 ? -12.225 -4.237  4.789   1.00 19.65 ? 144 ASN A CG  1 
ATOM   1132 O  OD1 . ASN A 1 149 ? -12.463 -3.226  5.477   1.00 17.79 ? 144 ASN A OD1 1 
ATOM   1133 N  ND2 . ASN A 1 149 ? -13.064 -4.707  3.872   1.00 18.80 ? 144 ASN A ND2 1 
ATOM   1134 N  N   . ILE A 1 150 ? -11.243 -3.384  7.942   1.00 22.44 ? 145 ILE A N   1 
ATOM   1135 C  CA  . ILE A 1 150 ? -11.821 -3.541  9.281   1.00 21.95 ? 145 ILE A CA  1 
ATOM   1136 C  C   . ILE A 1 150 ? -13.271 -4.042  9.237   1.00 22.12 ? 145 ILE A C   1 
ATOM   1137 O  O   . ILE A 1 150 ? -13.813 -4.514  10.255  1.00 22.41 ? 145 ILE A O   1 
ATOM   1138 C  CB  . ILE A 1 150 ? -11.886 -2.211  10.033  1.00 20.97 ? 145 ILE A CB  1 
ATOM   1139 C  CG1 . ILE A 1 150 ? -12.942 -1.323  9.368   1.00 21.14 ? 145 ILE A CG1 1 
ATOM   1140 C  CG2 . ILE A 1 150 ? -10.529 -1.610  10.118  1.00 19.52 ? 145 ILE A CG2 1 
ATOM   1141 C  CD1 . ILE A 1 150 ? -13.257 -0.076  10.108  1.00 23.91 ? 145 ILE A CD1 1 
ATOM   1142 N  N   . SER A 1 151 ? -13.908 -3.912  8.078   1.00 21.10 ? 146 SER A N   1 
ATOM   1143 C  CA  . SER A 1 151 ? -15.293 -4.282  7.961   1.00 21.12 ? 146 SER A CA  1 
ATOM   1144 C  C   . SER A 1 151 ? -15.487 -5.640  7.378   1.00 21.31 ? 146 SER A C   1 
ATOM   1145 O  O   . SER A 1 151 ? -14.660 -6.123  6.630   1.00 20.90 ? 146 SER A O   1 
ATOM   1146 C  CB  . SER A 1 151 ? -16.033 -3.243  7.120   1.00 19.76 ? 146 SER A CB  1 
ATOM   1147 O  OG  . SER A 1 151 ? -17.401 -3.601  6.994   1.00 20.97 ? 146 SER A OG  1 
ATOM   1148 N  N   . HIS A 1 152 ? -16.578 -6.277  7.763   1.00 23.22 ? 147 HIS A N   1 
ATOM   1149 C  CA  . HIS A 1 152 ? -16.923 -7.601  7.228   1.00 25.71 ? 147 HIS A CA  1 
ATOM   1150 C  C   . HIS A 1 152 ? -18.162 -7.452  6.371   1.00 26.81 ? 147 HIS A C   1 
ATOM   1151 O  O   . HIS A 1 152 ? -18.746 -8.462  5.934   1.00 26.16 ? 147 HIS A O   1 
ATOM   1152 C  CB  . HIS A 1 152 ? -17.215 -8.582  8.341   1.00 25.36 ? 147 HIS A CB  1 
ATOM   1153 C  CG  . HIS A 1 152 ? -16.008 -8.951  9.111   1.00 25.79 ? 147 HIS A CG  1 
ATOM   1154 N  ND1 . HIS A 1 152 ? -15.137 -9.926  8.684   1.00 25.91 ? 147 HIS A ND1 1 
ATOM   1155 C  CD2 . HIS A 1 152 ? -15.440 -8.375  10.194  1.00 25.70 ? 147 HIS A CD2 1 
ATOM   1156 C  CE1 . HIS A 1 152 ? -14.075 -9.931  9.468   1.00 26.07 ? 147 HIS A CE1 1 
ATOM   1157 N  NE2 . HIS A 1 152 ? -14.234 -8.997  10.390  1.00 26.94 ? 147 HIS A NE2 1 
ATOM   1158 N  N   . THR A 1 153 ? -18.551 -6.193  6.149   1.00 26.87 ? 148 THR A N   1 
ATOM   1159 C  CA  . THR A 1 153 ? -19.709 -5.901  5.331   1.00 28.78 ? 148 THR A CA  1 
ATOM   1160 C  C   . THR A 1 153 ? -19.442 -4.870  4.281   1.00 28.18 ? 148 THR A C   1 
ATOM   1161 O  O   . THR A 1 153 ? -20.200 -4.790  3.362   1.00 28.52 ? 148 THR A O   1 
ATOM   1162 C  CB  . THR A 1 153 ? -20.862 -5.377  6.158   1.00 30.29 ? 148 THR A CB  1 
ATOM   1163 O  OG1 . THR A 1 153 ? -20.466 -4.142  6.784   1.00 32.59 ? 148 THR A OG1 1 
ATOM   1164 C  CG2 . THR A 1 153 ? -21.256 -6.390  7.214   1.00 30.02 ? 148 THR A CG2 1 
ATOM   1165 N  N   . GLU A 1 154 ? -18.398 -4.062  4.430   1.00 28.47 ? 149 GLU A N   1 
ATOM   1166 C  CA  . GLU A 1 154 ? -18.082 -3.047  3.427   1.00 28.81 ? 149 GLU A CA  1 
ATOM   1167 C  C   . GLU A 1 154 ? -16.690 -3.301  2.935   1.00 26.80 ? 149 GLU A C   1 
ATOM   1168 O  O   . GLU A 1 154 ? -15.875 -3.906  3.622   1.00 26.46 ? 149 GLU A O   1 
ATOM   1169 C  CB  . GLU A 1 154 ? -18.048 -1.631  3.988   1.00 32.65 ? 149 GLU A CB  1 
ATOM   1170 C  CG  . GLU A 1 154 ? -19.202 -1.228  4.836   1.00 40.82 ? 149 GLU A CG  1 
ATOM   1171 C  CD  . GLU A 1 154 ? -20.419 -0.920  4.013   1.00 46.49 ? 149 GLU A CD  1 
ATOM   1172 O  OE1 . GLU A 1 154 ? -20.299 -0.035  3.117   1.00 50.43 ? 149 GLU A OE1 1 
ATOM   1173 O  OE2 . GLU A 1 154 ? -21.498 -1.551  4.253   1.00 50.10 ? 149 GLU A OE2 1 
ATOM   1174 N  N   . PRO A 1 155 ? -16.383 -2.838  1.724   1.00 25.47 ? 150 PRO A N   1 
ATOM   1175 C  CA  . PRO A 1 155 ? -15.026 -3.047  1.201   1.00 23.96 ? 150 PRO A CA  1 
ATOM   1176 C  C   . PRO A 1 155 ? -14.107 -1.896  1.606   1.00 21.55 ? 150 PRO A C   1 
ATOM   1177 O  O   . PRO A 1 155 ? -14.519 -0.926  2.217   1.00 21.01 ? 150 PRO A O   1 
ATOM   1178 C  CB  . PRO A 1 155 ? -15.240 -3.083  -0.309  1.00 23.93 ? 150 PRO A CB  1 
ATOM   1179 C  CG  . PRO A 1 155 ? -16.303 -2.080  -0.496  1.00 24.32 ? 150 PRO A CG  1 
ATOM   1180 C  CD  . PRO A 1 155 ? -17.290 -2.376  0.658   1.00 24.83 ? 150 PRO A CD  1 
ATOM   1181 N  N   . ALA A 1 156 ? -12.849 -2.031  1.261   1.00 20.39 ? 151 ALA A N   1 
ATOM   1182 C  CA  . ALA A 1 156 ? -11.891 -0.993  1.535   1.00 19.87 ? 151 ALA A CA  1 
ATOM   1183 C  C   . ALA A 1 156 ? -11.070 -0.918  0.251   1.00 19.81 ? 151 ALA A C   1 
ATOM   1184 O  O   . ALA A 1 156 ? -10.913 -1.930  -0.452  1.00 19.63 ? 151 ALA A O   1 
ATOM   1185 C  CB  . ALA A 1 156 ? -10.994 -1.357  2.727   1.00 18.86 ? 151 ALA A CB  1 
ATOM   1186 N  N   . VAL A 1 157 ? -10.565 0.282   -0.033  1.00 18.40 ? 152 VAL A N   1 
ATOM   1187 C  CA  . VAL A 1 157 ? -9.758  0.570   -1.188  1.00 18.17 ? 152 VAL A CA  1 
ATOM   1188 C  C   . VAL A 1 157 ? -8.675  1.550   -0.767  1.00 18.69 ? 152 VAL A C   1 
ATOM   1189 O  O   . VAL A 1 157 ? -8.965  2.573   -0.159  1.00 18.72 ? 152 VAL A O   1 
ATOM   1190 C  CB  . VAL A 1 157 ? -10.591 1.247   -2.298  1.00 18.84 ? 152 VAL A CB  1 
ATOM   1191 C  CG1 . VAL A 1 157 ? -9.733  1.431   -3.555  1.00 18.50 ? 152 VAL A CG1 1 
ATOM   1192 C  CG2 . VAL A 1 157 ? -11.831 0.421   -2.631  1.00 18.29 ? 152 VAL A CG2 1 
ATOM   1193 N  N   . SER A 1 158 ? -7.421  1.229   -1.093  1.00 19.45 ? 153 SER A N   1 
ATOM   1194 C  CA  . SER A 1 158 ? -6.251  2.089   -0.790  1.00 18.95 ? 153 SER A CA  1 
ATOM   1195 C  C   . SER A 1 158 ? -5.362  2.304   -2.067  1.00 19.54 ? 153 SER A C   1 
ATOM   1196 O  O   . SER A 1 158 ? -5.416  1.505   -3.028  1.00 18.75 ? 153 SER A O   1 
ATOM   1197 C  CB  . SER A 1 158 ? -5.426  1.462   0.344   1.00 17.58 ? 153 SER A CB  1 
ATOM   1198 O  OG  . SER A 1 158 ? -5.221  0.070   0.151   1.00 15.36 ? 153 SER A OG  1 
ATOM   1199 N  N   . LEU A 1 159 ? -4.573  3.383   -2.065  1.00 18.25 ? 154 LEU A N   1 
ATOM   1200 C  CA  . LEU A 1 159 ? -3.700  3.751   -3.190  1.00 17.70 ? 154 LEU A CA  1 
ATOM   1201 C  C   . LEU A 1 159 ? -2.295  3.558   -2.640  1.00 17.50 ? 154 LEU A C   1 
ATOM   1202 O  O   . LEU A 1 159 ? -1.969  4.085   -1.574  1.00 17.58 ? 154 LEU A O   1 
ATOM   1203 C  CB  . LEU A 1 159 ? -3.936  5.232   -3.601  1.00 15.93 ? 154 LEU A CB  1 
ATOM   1204 C  CG  . LEU A 1 159 ? -3.113  5.899   -4.732  1.00 16.84 ? 154 LEU A CG  1 
ATOM   1205 C  CD1 . LEU A 1 159 ? -3.345  5.255   -6.142  1.00 15.80 ? 154 LEU A CD1 1 
ATOM   1206 C  CD2 . LEU A 1 159 ? -3.498  7.379   -4.767  1.00 16.10 ? 154 LEU A CD2 1 
ATOM   1207 N  N   . HIS A 1 160 ? -1.468  2.813   -3.355  1.00 16.16 ? 155 HIS A N   1 
ATOM   1208 C  CA  . HIS A 1 160 ? -0.154  2.524   -2.856  1.00 16.24 ? 155 HIS A CA  1 
ATOM   1209 C  C   . HIS A 1 160 ? 0.963   2.956   -3.778  1.00 18.15 ? 155 HIS A C   1 
ATOM   1210 O  O   . HIS A 1 160 ? 0.853   2.742   -4.981  1.00 19.49 ? 155 HIS A O   1 
ATOM   1211 C  CB  . HIS A 1 160 ? -0.026  1.030   -2.630  1.00 15.07 ? 155 HIS A CB  1 
ATOM   1212 C  CG  . HIS A 1 160 ? -0.960  0.481   -1.596  1.00 15.79 ? 155 HIS A CG  1 
ATOM   1213 N  ND1 . HIS A 1 160 ? -0.520  -0.133  -0.449  1.00 16.38 ? 155 HIS A ND1 1 
ATOM   1214 C  CD2 . HIS A 1 160 ? -2.317  0.450   -1.549  1.00 15.39 ? 155 HIS A CD2 1 
ATOM   1215 C  CE1 . HIS A 1 160 ? -1.564  -0.516  0.269   1.00 16.19 ? 155 HIS A CE1 1 
ATOM   1216 N  NE2 . HIS A 1 160 ? -2.661  -0.169  -0.382  1.00 15.92 ? 155 HIS A NE2 1 
ATOM   1217 N  N   . LEU A 1 161 ? 2.033   3.539   -3.209  1.00 18.66 ? 156 LEU A N   1 
ATOM   1218 C  CA  . LEU A 1 161 ? 3.203   3.983   -3.951  1.00 18.69 ? 156 LEU A CA  1 
ATOM   1219 C  C   . LEU A 1 161 ? 4.516   3.384   -3.383  1.00 19.14 ? 156 LEU A C   1 
ATOM   1220 O  O   . LEU A 1 161 ? 4.765   3.471   -2.156  1.00 18.73 ? 156 LEU A O   1 
ATOM   1221 C  CB  . LEU A 1 161 ? 3.281   5.505   -3.911  1.00 20.36 ? 156 LEU A CB  1 
ATOM   1222 C  CG  . LEU A 1 161 ? 4.271   6.127   -4.942  1.00 23.43 ? 156 LEU A CG  1 
ATOM   1223 C  CD1 . LEU A 1 161 ? 3.742   7.452   -5.498  1.00 23.24 ? 156 LEU A CD1 1 
ATOM   1224 C  CD2 . LEU A 1 161 ? 5.630   6.316   -4.290  1.00 23.46 ? 156 LEU A CD2 1 
ATOM   1225 N  N   . TYR A 1 162 ? 5.327   2.746   -4.257  1.00 19.30 ? 157 TYR A N   1 
ATOM   1226 C  CA  . TYR A 1 162 ? 6.609   2.197   -3.842  1.00 18.66 ? 157 TYR A CA  1 
ATOM   1227 C  C   . TYR A 1 162 ? 7.734   2.739   -4.708  1.00 18.26 ? 157 TYR A C   1 
ATOM   1228 O  O   . TYR A 1 162 ? 7.623   2.788   -5.922  1.00 19.07 ? 157 TYR A O   1 
ATOM   1229 C  CB  . TYR A 1 162 ? 6.575   0.667   -3.920  1.00 18.69 ? 157 TYR A CB  1 
ATOM   1230 C  CG  . TYR A 1 162 ? 5.431   0.049   -3.152  1.00 20.79 ? 157 TYR A CG  1 
ATOM   1231 C  CD1 . TYR A 1 162 ? 5.107   0.520   -1.921  1.00 22.51 ? 157 TYR A CD1 1 
ATOM   1232 C  CD2 . TYR A 1 162 ? 4.696   -1.013  -3.647  1.00 22.61 ? 157 TYR A CD2 1 
ATOM   1233 C  CE1 . TYR A 1 162 ? 4.086   -0.004  -1.142  1.00 24.63 ? 157 TYR A CE1 1 
ATOM   1234 C  CE2 . TYR A 1 162 ? 3.574   -1.509  -2.912  1.00 23.83 ? 157 TYR A CE2 1 
ATOM   1235 C  CZ  . TYR A 1 162 ? 3.284   -0.987  -1.640  1.00 23.90 ? 157 TYR A CZ  1 
ATOM   1236 O  OH  . TYR A 1 162 ? 2.155   -1.444  -0.933  1.00 24.19 ? 157 TYR A OH  1 
ATOM   1237 N  N   . SER A 1 163 ? 8.826   3.067   -4.072  1.00 17.08 ? 158 SER A N   1 
ATOM   1238 C  CA  . SER A 1 163 ? 9.913   3.624   -4.766  1.00 17.33 ? 158 SER A CA  1 
ATOM   1239 C  C   . SER A 1 163 ? 11.211  3.280   -4.032  1.00 18.84 ? 158 SER A C   1 
ATOM   1240 O  O   . SER A 1 163 ? 11.403  3.597   -2.822  1.00 18.83 ? 158 SER A O   1 
ATOM   1241 C  CB  . SER A 1 163 ? 9.671   5.113   -4.841  1.00 16.97 ? 158 SER A CB  1 
ATOM   1242 O  OG  . SER A 1 163 ? 10.790  5.749   -5.358  1.00 17.59 ? 158 SER A OG  1 
ATOM   1243 N  N   . PRO A 1 164 ? 12.104  2.569   -4.732  1.00 18.41 ? 159 PRO A N   1 
ATOM   1244 C  CA  . PRO A 1 164 ? 12.006  2.072   -6.112  1.00 18.86 ? 159 PRO A CA  1 
ATOM   1245 C  C   . PRO A 1 164 ? 10.954  1.032   -6.172  1.00 21.60 ? 159 PRO A C   1 
ATOM   1246 O  O   . PRO A 1 164 ? 10.529  0.509   -5.145  1.00 24.02 ? 159 PRO A O   1 
ATOM   1247 C  CB  . PRO A 1 164 ? 13.337  1.412   -6.348  1.00 17.55 ? 159 PRO A CB  1 
ATOM   1248 C  CG  . PRO A 1 164 ? 14.224  1.980   -5.293  1.00 18.86 ? 159 PRO A CG  1 
ATOM   1249 C  CD  . PRO A 1 164 ? 13.361  2.167   -4.106  1.00 17.50 ? 159 PRO A CD  1 
ATOM   1250 N  N   . PRO A 1 165 ? 10.520  0.672   -7.376  1.00 22.97 ? 160 PRO A N   1 
ATOM   1251 C  CA  . PRO A 1 165 ? 9.489   -0.372  -7.390  1.00 23.58 ? 160 PRO A CA  1 
ATOM   1252 C  C   . PRO A 1 165 ? 10.127  -1.705  -7.087  1.00 24.07 ? 160 PRO A C   1 
ATOM   1253 O  O   . PRO A 1 165 ? 11.335  -1.850  -7.240  1.00 24.23 ? 160 PRO A O   1 
ATOM   1254 C  CB  . PRO A 1 165 ? 8.914   -0.306  -8.808  1.00 22.88 ? 160 PRO A CB  1 
ATOM   1255 C  CG  . PRO A 1 165 ? 9.920   0.436   -9.595  1.00 22.94 ? 160 PRO A CG  1 
ATOM   1256 C  CD  . PRO A 1 165 ? 10.590  1.387   -8.657  1.00 23.42 ? 160 PRO A CD  1 
ATOM   1257 N  N   . PHE A 1 166 ? 9.334   -2.659  -6.613  1.00 26.12 ? 161 PHE A N   1 
ATOM   1258 C  CA  . PHE A 1 166 ? 9.849   -3.991  -6.305  1.00 28.58 ? 161 PHE A CA  1 
ATOM   1259 C  C   . PHE A 1 166 ? 8.851   -5.075  -6.705  1.00 30.12 ? 161 PHE A C   1 
ATOM   1260 O  O   . PHE A 1 166 ? 7.643   -4.876  -6.615  1.00 29.89 ? 161 PHE A O   1 
ATOM   1261 C  CB  . PHE A 1 166 ? 10.229  -4.079  -4.822  1.00 29.59 ? 161 PHE A CB  1 
ATOM   1262 C  CG  . PHE A 1 166 ? 9.100   -3.746  -3.864  1.00 31.81 ? 161 PHE A CG  1 
ATOM   1263 C  CD1 . PHE A 1 166 ? 8.248   -4.749  -3.401  1.00 31.56 ? 161 PHE A CD1 1 
ATOM   1264 C  CD2 . PHE A 1 166 ? 8.880   -2.425  -3.437  1.00 32.00 ? 161 PHE A CD2 1 
ATOM   1265 C  CE1 . PHE A 1 166 ? 7.200   -4.458  -2.544  1.00 31.64 ? 161 PHE A CE1 1 
ATOM   1266 C  CE2 . PHE A 1 166 ? 7.824   -2.126  -2.572  1.00 31.74 ? 161 PHE A CE2 1 
ATOM   1267 C  CZ  . PHE A 1 166 ? 6.980   -3.145  -2.126  1.00 32.27 ? 161 PHE A CZ  1 
ATOM   1268 N  N   . ASP A 1 167 ? 9.385   -6.206  -7.169  1.00 32.76 ? 162 ASP A N   1 
ATOM   1269 C  CA  . ASP A 1 167 ? 8.618   -7.368  -7.655  1.00 35.05 ? 162 ASP A CA  1 
ATOM   1270 C  C   . ASP A 1 167 ? 8.294   -8.424  -6.615  1.00 35.38 ? 162 ASP A C   1 
ATOM   1271 O  O   . ASP A 1 167 ? 7.368   -9.228  -6.807  1.00 35.44 ? 162 ASP A O   1 
ATOM   1272 C  CB  . ASP A 1 167 ? 9.398   -8.116  -8.745  1.00 38.84 ? 162 ASP A CB  1 
ATOM   1273 C  CG  . ASP A 1 167 ? 9.774   -7.244  -9.929  1.00 43.18 ? 162 ASP A CG  1 
ATOM   1274 O  OD1 . ASP A 1 167 ? 10.998  -7.163  -10.243 1.00 44.61 ? 162 ASP A OD1 1 
ATOM   1275 O  OD2 . ASP A 1 167 ? 8.852   -6.650  -10.556 1.00 46.45 ? 162 ASP A OD2 1 
ATOM   1276 N  N   . THR A 1 168 ? 9.107   -8.470  -5.557  1.00 35.16 ? 163 THR A N   1 
ATOM   1277 C  CA  . THR A 1 168 ? 8.957   -9.471  -4.497  1.00 35.03 ? 163 THR A CA  1 
ATOM   1278 C  C   . THR A 1 168 ? 9.007   -8.862  -3.084  1.00 34.63 ? 163 THR A C   1 
ATOM   1279 O  O   . THR A 1 168 ? 9.531   -7.775  -2.899  1.00 35.23 ? 163 THR A O   1 
ATOM   1280 C  CB  . THR A 1 168 ? 10.102  -10.504 -4.576  1.00 35.33 ? 163 THR A CB  1 
ATOM   1281 O  OG1 . THR A 1 168 ? 11.311  -9.890  -4.105  1.00 36.41 ? 163 THR A OG1 1 
ATOM   1282 C  CG2 . THR A 1 168 ? 10.331  -10.970 -6.003  1.00 33.41 ? 163 THR A CG2 1 
ATOM   1283 N  N   . CYS A 1 169 ? 8.473   -9.583  -2.109  1.00 33.32 ? 164 CYS A N   1 
ATOM   1284 C  CA  . CYS A 1 169 ? 8.477   -9.171  -0.726  1.00 33.04 ? 164 CYS A CA  1 
ATOM   1285 C  C   . CYS A 1 169 ? 8.554   -10.464 0.115   1.00 33.04 ? 164 CYS A C   1 
ATOM   1286 O  O   . CYS A 1 169 ? 8.450   -11.566 -0.429  1.00 32.94 ? 164 CYS A O   1 
ATOM   1287 C  CB  . CYS A 1 169 ? 7.178   -8.398  -0.373  1.00 34.00 ? 164 CYS A CB  1 
ATOM   1288 S  SG  . CYS A 1 169 ? 5.530   -9.110  -0.886  1.00 40.38 ? 164 CYS A SG  1 
ATOM   1289 N  N   . HIS A 1 170 ? 8.744   -10.337 1.428   1.00 32.22 ? 165 HIS A N   1 
ATOM   1290 C  CA  . HIS A 1 170 ? 8.743   -11.499 2.299   1.00 31.04 ? 165 HIS A CA  1 
ATOM   1291 C  C   . HIS A 1 170 ? 7.477   -11.523 3.117   1.00 28.89 ? 165 HIS A C   1 
ATOM   1292 O  O   . HIS A 1 170 ? 7.018   -10.485 3.559   1.00 28.42 ? 165 HIS A O   1 
ATOM   1293 C  CB  . HIS A 1 170 ? 9.923   -11.471 3.258   1.00 32.62 ? 165 HIS A CB  1 
ATOM   1294 C  CG  . HIS A 1 170 ? 11.231  -11.685 2.585   1.00 34.39 ? 165 HIS A CG  1 
ATOM   1295 N  ND1 . HIS A 1 170 ? 12.296  -10.819 2.755   1.00 35.55 ? 165 HIS A ND1 1 
ATOM   1296 C  CD2 . HIS A 1 170 ? 11.618  -12.613 1.694   1.00 33.70 ? 165 HIS A CD2 1 
ATOM   1297 C  CE1 . HIS A 1 170 ? 13.285  -11.212 1.975   1.00 36.50 ? 165 HIS A CE1 1 
ATOM   1298 N  NE2 . HIS A 1 170 ? 12.902  -12.293 1.320   1.00 36.70 ? 165 HIS A NE2 1 
ATOM   1299 N  N   . ALA A 1 171 ? 6.941   -12.718 3.308   1.00 27.41 ? 166 ALA A N   1 
ATOM   1300 C  CA  . ALA A 1 171 ? 5.746   -12.931 4.102   1.00 26.99 ? 166 ALA A CA  1 
ATOM   1301 C  C   . ALA A 1 171 ? 6.195   -13.638 5.408   1.00 27.81 ? 166 ALA A C   1 
ATOM   1302 O  O   . ALA A 1 171 ? 6.926   -14.637 5.383   1.00 28.61 ? 166 ALA A O   1 
ATOM   1303 C  CB  . ALA A 1 171 ? 4.808   -13.790 3.363   1.00 24.96 ? 166 ALA A CB  1 
ATOM   1304 N  N   . PHE A 1 172 ? 5.741   -13.118 6.541   1.00 26.84 ? 167 PHE A N   1 
ATOM   1305 C  CA  . PHE A 1 172 ? 6.119   -13.641 7.822   1.00 25.97 ? 167 PHE A CA  1 
ATOM   1306 C  C   . PHE A 1 172 ? 5.037   -14.409 8.518   1.00 26.87 ? 167 PHE A C   1 
ATOM   1307 O  O   . PHE A 1 172 ? 3.880   -14.062 8.421   1.00 27.21 ? 167 PHE A O   1 
ATOM   1308 C  CB  . PHE A 1 172 ? 6.587   -12.484 8.677   1.00 24.82 ? 167 PHE A CB  1 
ATOM   1309 C  CG  . PHE A 1 172 ? 7.839   -11.845 8.162   1.00 23.85 ? 167 PHE A CG  1 
ATOM   1310 C  CD1 . PHE A 1 172 ? 9.069   -12.221 8.675   1.00 24.16 ? 167 PHE A CD1 1 
ATOM   1311 C  CD2 . PHE A 1 172 ? 7.801   -10.900 7.120   1.00 23.52 ? 167 PHE A CD2 1 
ATOM   1312 C  CE1 . PHE A 1 172 ? 10.245  -11.671 8.165   1.00 23.50 ? 167 PHE A CE1 1 
ATOM   1313 C  CE2 . PHE A 1 172 ? 8.971   -10.342 6.594   1.00 21.79 ? 167 PHE A CE2 1 
ATOM   1314 C  CZ  . PHE A 1 172 ? 10.187  -10.727 7.117   1.00 22.73 ? 167 PHE A CZ  1 
ATOM   1315 N  N   . ASP A 1 173 ? 5.424   -15.473 9.226   1.00 28.55 ? 168 ASP A N   1 
ATOM   1316 C  CA  . ASP A 1 173 ? 4.472   -16.300 9.964   1.00 28.29 ? 168 ASP A CA  1 
ATOM   1317 C  C   . ASP A 1 173 ? 4.411   -15.754 11.363  1.00 27.98 ? 168 ASP A C   1 
ATOM   1318 O  O   . ASP A 1 173 ? 5.378   -15.860 12.114  1.00 27.55 ? 168 ASP A O   1 
ATOM   1319 C  CB  . ASP A 1 173 ? 4.949   -17.734 9.981   1.00 30.13 ? 168 ASP A CB  1 
ATOM   1320 C  CG  . ASP A 1 173 ? 4.130   -18.619 10.905  1.00 33.64 ? 168 ASP A CG  1 
ATOM   1321 O  OD1 . ASP A 1 173 ? 2.931   -18.307 11.179  1.00 34.79 ? 168 ASP A OD1 1 
ATOM   1322 O  OD2 . ASP A 1 173 ? 4.698   -19.653 11.358  1.00 34.78 ? 168 ASP A OD2 1 
ATOM   1323 N  N   . GLN A 1 174 ? 3.274   -15.180 11.725  1.00 27.42 ? 169 GLN A N   1 
ATOM   1324 C  CA  . GLN A 1 174 ? 3.159   -14.580 13.055  1.00 28.87 ? 169 GLN A CA  1 
ATOM   1325 C  C   . GLN A 1 174 ? 3.523   -15.464 14.252  1.00 30.99 ? 169 GLN A C   1 
ATOM   1326 O  O   . GLN A 1 174 ? 3.888   -14.944 15.308  1.00 31.59 ? 169 GLN A O   1 
ATOM   1327 C  CB  . GLN A 1 174 ? 1.763   -14.025 13.267  1.00 26.14 ? 169 GLN A CB  1 
ATOM   1328 C  CG  . GLN A 1 174 ? 1.707   -13.148 14.457  1.00 24.87 ? 169 GLN A CG  1 
ATOM   1329 C  CD  . GLN A 1 174 ? 0.388   -12.428 14.562  1.00 24.64 ? 169 GLN A CD  1 
ATOM   1330 O  OE1 . GLN A 1 174 ? -0.417  -12.475 13.629  1.00 25.54 ? 169 GLN A OE1 1 
ATOM   1331 N  NE2 . GLN A 1 174 ? 0.156   -11.748 15.686  1.00 22.24 ? 169 GLN A NE2 1 
ATOM   1332 N  N   . ARG A 1 175 ? 3.441   -16.785 14.082  1.00 33.24 ? 170 ARG A N   1 
ATOM   1333 C  CA  . ARG A 1 175 ? 3.746   -17.729 15.153  1.00 34.41 ? 170 ARG A CA  1 
ATOM   1334 C  C   . ARG A 1 175 ? 5.224   -18.036 15.358  1.00 34.22 ? 170 ARG A C   1 
ATOM   1335 O  O   . ARG A 1 175 ? 5.632   -18.387 16.453  1.00 34.77 ? 170 ARG A O   1 
ATOM   1336 C  CB  . ARG A 1 175 ? 3.032   -19.047 14.891  1.00 36.56 ? 170 ARG A CB  1 
ATOM   1337 C  CG  . ARG A 1 175 ? 1.542   -18.882 14.769  1.00 40.21 ? 170 ARG A CG  1 
ATOM   1338 C  CD  . ARG A 1 175 ? 0.909   -18.622 16.119  1.00 43.21 ? 170 ARG A CD  1 
ATOM   1339 N  NE  . ARG A 1 175 ? -0.410  -18.056 15.916  1.00 47.01 ? 170 ARG A NE  1 
ATOM   1340 C  CZ  . ARG A 1 175 ? -0.666  -16.752 15.882  1.00 48.94 ? 170 ARG A CZ  1 
ATOM   1341 N  NH1 . ARG A 1 175 ? 0.320   -15.878 16.058  1.00 49.01 ? 170 ARG A NH1 1 
ATOM   1342 N  NH2 . ARG A 1 175 ? -1.906  -16.325 15.629  1.00 49.78 ? 170 ARG A NH2 1 
ATOM   1343 N  N   . THR A 1 176 ? 6.040   -17.894 14.327  1.00 33.79 ? 171 THR A N   1 
ATOM   1344 C  CA  . THR A 1 176 ? 7.430   -18.247 14.479  1.00 33.11 ? 171 THR A CA  1 
ATOM   1345 C  C   . THR A 1 176 ? 8.391   -17.188 13.987  1.00 33.82 ? 171 THR A C   1 
ATOM   1346 O  O   . THR A 1 176 ? 9.536   -17.117 14.437  1.00 33.09 ? 171 THR A O   1 
ATOM   1347 C  CB  . THR A 1 176 ? 7.694   -19.499 13.688  1.00 33.11 ? 171 THR A CB  1 
ATOM   1348 O  OG1 . THR A 1 176 ? 7.576   -19.206 12.281  1.00 34.45 ? 171 THR A OG1 1 
ATOM   1349 C  CG2 . THR A 1 176 ? 6.676   -20.556 14.052  1.00 30.84 ? 171 THR A CG2 1 
ATOM   1350 N  N   . GLY A 1 177 ? 7.912   -16.368 13.054  1.00 34.59 ? 172 GLY A N   1 
ATOM   1351 C  CA  . GLY A 1 177 ? 8.732   -15.328 12.480  1.00 34.59 ? 172 GLY A CA  1 
ATOM   1352 C  C   . GLY A 1 177 ? 9.418   -15.864 11.235  1.00 35.01 ? 172 GLY A C   1 
ATOM   1353 O  O   . GLY A 1 177 ? 10.206  -15.154 10.614  1.00 34.82 ? 172 GLY A O   1 
ATOM   1354 N  N   . HIS A 1 178 ? 9.141   -17.117 10.878  1.00 35.52 ? 173 HIS A N   1 
ATOM   1355 C  CA  . HIS A 1 178 ? 9.717   -17.721 9.680   1.00 36.15 ? 173 HIS A CA  1 
ATOM   1356 C  C   . HIS A 1 178 ? 9.225   -16.962 8.457   1.00 35.47 ? 173 HIS A C   1 
ATOM   1357 O  O   . HIS A 1 178 ? 8.060   -16.567 8.392   1.00 34.86 ? 173 HIS A O   1 
ATOM   1358 C  CB  . HIS A 1 178 ? 9.261   -19.152 9.565   1.00 39.22 ? 173 HIS A CB  1 
ATOM   1359 C  CG  . HIS A 1 178 ? 9.608   -19.782 8.252   1.00 44.70 ? 173 HIS A CG  1 
ATOM   1360 N  ND1 . HIS A 1 178 ? 10.907  -20.097 7.892   1.00 46.59 ? 173 HIS A ND1 1 
ATOM   1361 C  CD2 . HIS A 1 178 ? 8.827   -20.145 7.202   1.00 45.49 ? 173 HIS A CD2 1 
ATOM   1362 C  CE1 . HIS A 1 178 ? 10.911  -20.628 6.678   1.00 46.23 ? 173 HIS A CE1 1 
ATOM   1363 N  NE2 . HIS A 1 178 ? 9.666   -20.668 6.239   1.00 46.64 ? 173 HIS A NE2 1 
ATOM   1364 N  N   . LYS A 1 179 ? 10.076  -16.762 7.468   1.00 34.50 ? 174 LYS A N   1 
ATOM   1365 C  CA  . LYS A 1 179 ? 9.587   -16.030 6.312   1.00 35.71 ? 174 LYS A CA  1 
ATOM   1366 C  C   . LYS A 1 179 ? 9.743   -16.788 5.019   1.00 36.17 ? 174 LYS A C   1 
ATOM   1367 O  O   . LYS A 1 179 ? 10.392  -17.818 4.991   1.00 37.87 ? 174 LYS A O   1 
ATOM   1368 C  CB  . LYS A 1 179 ? 10.303  -14.676 6.188   1.00 35.51 ? 174 LYS A CB  1 
ATOM   1369 C  CG  . LYS A 1 179 ? 11.799  -14.750 5.991   1.00 33.64 ? 174 LYS A CG  1 
ATOM   1370 C  CD  . LYS A 1 179 ? 12.307  -13.448 5.474   1.00 33.38 ? 174 LYS A CD  1 
ATOM   1371 C  CE  . LYS A 1 179 ? 13.558  -13.065 6.150   1.00 33.79 ? 174 LYS A CE  1 
ATOM   1372 N  NZ  . LYS A 1 179 ? 14.633  -13.995 5.815   1.00 35.90 ? 174 LYS A NZ  1 
ATOM   1373 N  N   . ASN A 1 180 ? 9.096   -16.314 3.964   1.00 36.58 ? 175 ASN A N   1 
ATOM   1374 C  CA  . ASN A 1 180 ? 9.258   -16.915 2.651   1.00 38.33 ? 175 ASN A CA  1 
ATOM   1375 C  C   . ASN A 1 180 ? 9.025   -15.848 1.623   1.00 38.01 ? 175 ASN A C   1 
ATOM   1376 O  O   . ASN A 1 180 ? 8.226   -14.933 1.843   1.00 37.31 ? 175 ASN A O   1 
ATOM   1377 C  CB  . ASN A 1 180 ? 8.367   -18.135 2.390   1.00 41.50 ? 175 ASN A CB  1 
ATOM   1378 C  CG  . ASN A 1 180 ? 6.982   -17.981 2.919   1.00 45.66 ? 175 ASN A CG  1 
ATOM   1379 O  OD1 . ASN A 1 180 ? 6.757   -18.042 4.139   1.00 48.11 ? 175 ASN A OD1 1 
ATOM   1380 N  ND2 . ASN A 1 180 ? 6.017   -17.785 2.009   1.00 48.12 ? 175 ASN A ND2 1 
ATOM   1381 N  N   . LYS A 1 181 ? 9.789   -15.943 0.535   1.00 37.88 ? 176 LYS A N   1 
ATOM   1382 C  CA  . LYS A 1 181 ? 9.759   -14.986 -0.555  1.00 37.71 ? 176 LYS A CA  1 
ATOM   1383 C  C   . LYS A 1 181 ? 8.460   -15.116 -1.311  1.00 36.99 ? 176 LYS A C   1 
ATOM   1384 O  O   . LYS A 1 181 ? 7.940   -16.201 -1.487  1.00 36.76 ? 176 LYS A O   1 
ATOM   1385 C  CB  . LYS A 1 181 ? 10.955  -15.231 -1.468  1.00 39.77 ? 176 LYS A CB  1 
ATOM   1386 C  CG  . LYS A 1 181 ? 11.266  -14.102 -2.417  1.00 42.21 ? 176 LYS A CG  1 
ATOM   1387 C  CD  . LYS A 1 181 ? 12.703  -14.156 -2.897  1.00 43.75 ? 176 LYS A CD  1 
ATOM   1388 C  CE  . LYS A 1 181 ? 12.955  -13.038 -3.898  1.00 45.24 ? 176 LYS A CE  1 
ATOM   1389 N  NZ  . LYS A 1 181 ? 14.395  -12.919 -4.314  1.00 47.62 ? 176 LYS A NZ  1 
ATOM   1390 N  N   . VAL A 1 182 ? 7.924   -13.995 -1.749  1.00 37.07 ? 177 VAL A N   1 
ATOM   1391 C  CA  . VAL A 1 182 ? 6.662   -14.004 -2.453  1.00 37.55 ? 177 VAL A CA  1 
ATOM   1392 C  C   . VAL A 1 182 ? 6.778   -13.101 -3.685  1.00 38.77 ? 177 VAL A C   1 
ATOM   1393 O  O   . VAL A 1 182 ? 7.289   -11.968 -3.591  1.00 38.74 ? 177 VAL A O   1 
ATOM   1394 C  CB  . VAL A 1 182 ? 5.549   -13.449 -1.530  1.00 37.48 ? 177 VAL A CB  1 
ATOM   1395 C  CG1 . VAL A 1 182 ? 4.310   -13.107 -2.322  1.00 36.40 ? 177 VAL A CG1 1 
ATOM   1396 C  CG2 . VAL A 1 182 ? 5.238   -14.438 -0.452  1.00 36.84 ? 177 VAL A CG2 1 
ATOM   1397 N  N   . THR A 1 183 ? 6.342   -13.599 -4.844  1.00 39.07 ? 178 THR A N   1 
ATOM   1398 C  CA  . THR A 1 183 ? 6.365   -12.755 -6.026  1.00 39.45 ? 178 THR A CA  1 
ATOM   1399 C  C   . THR A 1 183 ? 5.060   -11.979 -6.039  1.00 39.57 ? 178 THR A C   1 
ATOM   1400 O  O   . THR A 1 183 ? 3.990   -12.564 -5.903  1.00 39.84 ? 178 THR A O   1 
ATOM   1401 C  CB  . THR A 1 183 ? 6.466   -13.543 -7.326  1.00 38.47 ? 178 THR A CB  1 
ATOM   1402 O  OG1 . THR A 1 183 ? 7.758   -14.133 -7.406  1.00 38.80 ? 178 THR A OG1 1 
ATOM   1403 C  CG2 . THR A 1 183 ? 6.313   -12.602 -8.519  1.00 38.08 ? 178 THR A CG2 1 
ATOM   1404 N  N   . MET A 1 184 ? 5.137   -10.667 -6.203  1.00 39.63 ? 179 MET A N   1 
ATOM   1405 C  CA  . MET A 1 184 ? 3.916   -9.894  -6.201  1.00 40.97 ? 179 MET A CA  1 
ATOM   1406 C  C   . MET A 1 184 ? 3.315   -9.818  -7.575  1.00 39.04 ? 179 MET A C   1 
ATOM   1407 O  O   . MET A 1 184 ? 3.974   -9.441  -8.531  1.00 39.56 ? 179 MET A O   1 
ATOM   1408 C  CB  . MET A 1 184 ? 4.159   -8.487  -5.618  1.00 45.05 ? 179 MET A CB  1 
ATOM   1409 C  CG  . MET A 1 184 ? 4.299   -7.363  -6.617  1.00 48.56 ? 179 MET A CG  1 
ATOM   1410 S  SD  . MET A 1 184 ? 3.319   -5.882  -6.096  1.00 54.92 ? 179 MET A SD  1 
ATOM   1411 C  CE  . MET A 1 184 ? 4.614   -4.727  -5.392  1.00 50.64 ? 179 MET A CE  1 
ATOM   1412 N  N   . THR A 1 185 ? 2.051   -10.188 -7.667  1.00 36.56 ? 180 THR A N   1 
ATOM   1413 C  CA  . THR A 1 185 ? 1.375   -10.173 -8.949  1.00 33.93 ? 180 THR A CA  1 
ATOM   1414 C  C   . THR A 1 185 ? 0.272   -9.135  -9.074  1.00 31.10 ? 180 THR A C   1 
ATOM   1415 O  O   . THR A 1 185 ? -0.195  -8.570  -8.102  1.00 30.48 ? 180 THR A O   1 
ATOM   1416 C  CB  . THR A 1 185 ? 0.808   -11.558 -9.238  1.00 34.59 ? 180 THR A CB  1 
ATOM   1417 O  OG1 . THR A 1 185 ? 0.101   -12.052 -8.086  1.00 33.58 ? 180 THR A OG1 1 
ATOM   1418 C  CG2 . THR A 1 185 ? 1.950   -12.493 -9.556  1.00 35.68 ? 180 THR A CG2 1 
ATOM   1419 N  N   . PHE A 1 186 ? -0.143  -8.883  -10.297 1.00 28.94 ? 181 PHE A N   1 
ATOM   1420 C  CA  . PHE A 1 186 ? -1.183  -7.917  -10.513 1.00 26.49 ? 181 PHE A CA  1 
ATOM   1421 C  C   . PHE A 1 186 ? -2.459  -8.517  -11.036 1.00 25.40 ? 181 PHE A C   1 
ATOM   1422 O  O   . PHE A 1 186 ? -2.479  -9.383  -11.870 1.00 25.55 ? 181 PHE A O   1 
ATOM   1423 C  CB  . PHE A 1 186 ? -0.685  -6.823  -11.426 1.00 24.60 ? 181 PHE A CB  1 
ATOM   1424 C  CG  . PHE A 1 186 ? 0.272   -5.890  -10.754 1.00 25.18 ? 181 PHE A CG  1 
ATOM   1425 C  CD1 . PHE A 1 186 ? -0.151  -5.070  -9.713  1.00 25.27 ? 181 PHE A CD1 1 
ATOM   1426 C  CD2 . PHE A 1 186 ? 1.598   -5.826  -11.153 1.00 24.83 ? 181 PHE A CD2 1 
ATOM   1427 C  CE1 . PHE A 1 186 ? 0.744   -4.200  -9.087  1.00 26.40 ? 181 PHE A CE1 1 
ATOM   1428 C  CE2 . PHE A 1 186 ? 2.496   -4.960  -10.534 1.00 24.83 ? 181 PHE A CE2 1 
ATOM   1429 C  CZ  . PHE A 1 186 ? 2.080   -4.146  -9.504  1.00 25.20 ? 181 PHE A CZ  1 
ATOM   1430 N  N   . HIS A 1 187 ? -3.546  -8.035  -10.504 1.00 25.03 ? 182 HIS A N   1 
ATOM   1431 C  CA  . HIS A 1 187 ? -4.837  -8.510  -10.887 1.00 24.46 ? 182 HIS A CA  1 
ATOM   1432 C  C   . HIS A 1 187 ? -5.229  -7.825  -12.192 1.00 24.58 ? 182 HIS A C   1 
ATOM   1433 O  O   . HIS A 1 187 ? -5.961  -8.373  -12.999 1.00 25.22 ? 182 HIS A O   1 
ATOM   1434 C  CB  . HIS A 1 187 ? -5.804  -8.148  -9.770  1.00 23.74 ? 182 HIS A CB  1 
ATOM   1435 C  CG  . HIS A 1 187 ? -7.181  -8.634  -10.001 1.00 23.40 ? 182 HIS A CG  1 
ATOM   1436 N  ND1 . HIS A 1 187 ? -7.487  -9.972  -10.057 1.00 23.98 ? 182 HIS A ND1 1 
ATOM   1437 C  CD2 . HIS A 1 187 ? -8.339  -7.967  -10.207 1.00 24.07 ? 182 HIS A CD2 1 
ATOM   1438 C  CE1 . HIS A 1 187 ? -8.779  -10.112 -10.287 1.00 24.09 ? 182 HIS A CE1 1 
ATOM   1439 N  NE2 . HIS A 1 187 ? -9.319  -8.911  -10.385 1.00 23.60 ? 182 HIS A NE2 1 
ATOM   1440 N  N   . SER A 1 188 ? -4.741  -6.612  -12.371 1.00 24.11 ? 183 SER A N   1 
ATOM   1441 C  CA  . SER A 1 188 ? -5.048  -5.851  -13.546 1.00 24.79 ? 183 SER A CA  1 
ATOM   1442 C  C   . SER A 1 188 ? -4.023  -4.736  -13.677 1.00 26.07 ? 183 SER A C   1 
ATOM   1443 O  O   . SER A 1 188 ? -3.418  -4.314  -12.674 1.00 26.92 ? 183 SER A O   1 
ATOM   1444 C  CB  . SER A 1 188 ? -6.377  -5.196  -13.405 1.00 23.26 ? 183 SER A CB  1 
ATOM   1445 O  OG  . SER A 1 188 ? -6.165  -3.985  -12.734 1.00 23.37 ? 183 SER A OG  1 
ATOM   1446 N  N   . LYS A 1 189 ? -3.824  -4.259  -14.907 1.00 25.50 ? 184 LYS A N   1 
ATOM   1447 C  CA  . LYS A 1 189 ? -2.903  -3.155  -15.139 1.00 24.49 ? 184 LYS A CA  1 
ATOM   1448 C  C   . LYS A 1 189 ? -3.623  -2.119  -15.975 1.00 23.60 ? 184 LYS A C   1 
ATOM   1449 O  O   . LYS A 1 189 ? -4.277  -2.427  -16.937 1.00 22.87 ? 184 LYS A O   1 
ATOM   1450 C  CB  . LYS A 1 189 ? -1.648  -3.640  -15.834 1.00 24.27 ? 184 LYS A CB  1 
ATOM   1451 C  CG  . LYS A 1 189 ? -0.811  -4.528  -14.985 1.00 24.92 ? 184 LYS A CG  1 
ATOM   1452 C  CD  . LYS A 1 189 ? 0.418   -5.030  -15.742 1.00 25.58 ? 184 LYS A CD  1 
ATOM   1453 C  CE  . LYS A 1 189 ? 1.172   -6.074  -14.894 1.00 25.94 ? 184 LYS A CE  1 
ATOM   1454 N  NZ  . LYS A 1 189 ? 2.395   -6.605  -15.539 1.00 26.58 ? 184 LYS A NZ  1 
ATOM   1455 N  N   . PHE A 1 190 ? -3.536  -0.871  -15.564 1.00 23.88 ? 185 PHE A N   1 
ATOM   1456 C  CA  . PHE A 1 190 ? -4.168  0.187   -16.319 1.00 23.06 ? 185 PHE A CA  1 
ATOM   1457 C  C   . PHE A 1 190 ? -5.603  -0.131  -16.620 1.00 23.17 ? 185 PHE A C   1 
ATOM   1458 O  O   . PHE A 1 190 ? -6.077  0.198   -17.686 1.00 24.07 ? 185 PHE A O   1 
ATOM   1459 C  CB  . PHE A 1 190 ? -3.397  0.420   -17.624 1.00 22.81 ? 185 PHE A CB  1 
ATOM   1460 C  CG  . PHE A 1 190 ? -1.907  0.362   -17.450 1.00 22.81 ? 185 PHE A CG  1 
ATOM   1461 C  CD1 . PHE A 1 190 ? -1.275  1.211   -16.538 1.00 22.89 ? 185 PHE A CD1 1 
ATOM   1462 C  CD2 . PHE A 1 190 ? -1.146  -0.604  -18.113 1.00 23.07 ? 185 PHE A CD2 1 
ATOM   1463 C  CE1 . PHE A 1 190 ? 0.095   1.101   -16.270 1.00 23.36 ? 185 PHE A CE1 1 
ATOM   1464 C  CE2 . PHE A 1 190 ? 0.238   -0.729  -17.857 1.00 23.61 ? 185 PHE A CE2 1 
ATOM   1465 C  CZ  . PHE A 1 190 ? 0.855   0.137   -16.923 1.00 24.30 ? 185 PHE A CZ  1 
ATOM   1466 N  N   . GLY A 1 191 ? -6.302  -0.756  -15.676 1.00 23.82 ? 186 GLY A N   1 
ATOM   1467 C  CA  . GLY A 1 191 ? -7.713  -1.064  -15.867 1.00 23.87 ? 186 GLY A CA  1 
ATOM   1468 C  C   . GLY A 1 191 ? -8.004  -2.305  -16.690 1.00 24.40 ? 186 GLY A C   1 
ATOM   1469 O  O   . GLY A 1 191 ? -9.163  -2.649  -16.983 1.00 24.90 ? 186 GLY A O   1 
ATOM   1470 N  N   . ILE A 1 192 ? -6.942  -3.001  -17.038 1.00 24.36 ? 187 ILE A N   1 
ATOM   1471 C  CA  . ILE A 1 192 ? -7.052  -4.175  -17.858 1.00 24.91 ? 187 ILE A CA  1 
ATOM   1472 C  C   . ILE A 1 192 ? -6.669  -5.393  -17.068 1.00 26.36 ? 187 ILE A C   1 
ATOM   1473 O  O   . ILE A 1 192 ? -5.575  -5.489  -16.518 1.00 25.63 ? 187 ILE A O   1 
ATOM   1474 C  CB  . ILE A 1 192 ? -6.155  -4.002  -19.110 1.00 23.69 ? 187 ILE A CB  1 
ATOM   1475 C  CG1 . ILE A 1 192 ? -6.717  -2.873  -19.950 1.00 21.95 ? 187 ILE A CG1 1 
ATOM   1476 C  CG2 . ILE A 1 192 ? -6.012  -5.299  -19.881 1.00 21.14 ? 187 ILE A CG2 1 
ATOM   1477 C  CD1 . ILE A 1 192 ? -5.653  -2.200  -20.741 1.00 25.56 ? 187 ILE A CD1 1 
ATOM   1478 N  N   . ARG A 1 193 ? -7.605  -6.323  -17.012 1.00 29.49 ? 188 ARG A N   1 
ATOM   1479 C  CA  . ARG A 1 193 ? -7.415  -7.559  -16.281 1.00 32.34 ? 188 ARG A CA  1 
ATOM   1480 C  C   . ARG A 1 193 ? -6.284  -8.300  -16.953 1.00 32.56 ? 188 ARG A C   1 
ATOM   1481 O  O   . ARG A 1 193 ? -6.193  -8.352  -18.176 1.00 33.09 ? 188 ARG A O   1 
ATOM   1482 C  CB  . ARG A 1 193 ? -8.727  -8.344  -16.293 1.00 34.40 ? 188 ARG A CB  1 
ATOM   1483 C  CG  . ARG A 1 193 ? -8.710  -9.697  -15.620 1.00 39.39 ? 188 ARG A CG  1 
ATOM   1484 C  CD  . ARG A 1 193 ? -8.862  -9.676  -14.070 1.00 42.37 ? 188 ARG A CD  1 
ATOM   1485 N  NE  . ARG A 1 193 ? -8.761  -11.059 -13.569 1.00 44.55 ? 188 ARG A NE  1 
ATOM   1486 C  CZ  . ARG A 1 193 ? -7.612  -11.711 -13.315 1.00 46.38 ? 188 ARG A CZ  1 
ATOM   1487 N  NH1 . ARG A 1 193 ? -6.417  -11.123 -13.479 1.00 44.52 ? 188 ARG A NH1 1 
ATOM   1488 N  NH2 . ARG A 1 193 ? -7.659  -12.995 -12.945 1.00 47.36 ? 188 ARG A NH2 1 
ATOM   1489 N  N   . THR A 1 194 ? -5.389  -8.817  -16.141 1.00 33.37 ? 189 THR A N   1 
ATOM   1490 C  CA  . THR A 1 194 ? -4.248  -9.564  -16.624 1.00 35.31 ? 189 THR A CA  1 
ATOM   1491 C  C   . THR A 1 194 ? -4.531  -11.063 -16.823 1.00 37.46 ? 189 THR A C   1 
ATOM   1492 O  O   . THR A 1 194 ? -5.616  -11.564 -16.520 1.00 36.66 ? 189 THR A O   1 
ATOM   1493 C  CB  . THR A 1 194 ? -3.106  -9.497  -15.634 1.00 35.33 ? 189 THR A CB  1 
ATOM   1494 O  OG1 . THR A 1 194 ? -3.496  -10.214 -14.459 1.00 34.21 ? 189 THR A OG1 1 
ATOM   1495 C  CG2 . THR A 1 194 ? -2.769  -8.064  -15.290 1.00 34.98 ? 189 THR A CG2 1 
ATOM   1496 N  N   . PRO A 1 195 ? -3.521  -11.798 -17.342 1.00 40.58 ? 190 PRO A N   1 
ATOM   1497 C  CA  . PRO A 1 195 ? -3.550  -13.248 -17.617 1.00 42.44 ? 190 PRO A CA  1 
ATOM   1498 C  C   . PRO A 1 195 ? -3.732  -14.092 -16.364 1.00 44.07 ? 190 PRO A C   1 
ATOM   1499 O  O   . PRO A 1 195 ? -4.178  -13.550 -15.338 1.00 45.75 ? 190 PRO A O   1 
ATOM   1500 C  CB  . PRO A 1 195 ? -2.196  -13.494 -18.268 1.00 41.88 ? 190 PRO A CB  1 
ATOM   1501 C  CG  . PRO A 1 195 ? -1.962  -12.205 -19.019 1.00 41.39 ? 190 PRO A CG  1 
ATOM   1502 C  CD  . PRO A 1 195 ? -2.331  -11.183 -17.986 1.00 41.42 ? 190 PRO A CD  1 
HETATM 1503 FE FE  . FE2 B 2 .   ? 2.729   -3.234  3.284   1.00 19.61 ? 201 FE2 A FE  1 
HETATM 1504 N  N   . CYS C 3 .   ? 2.902   -3.655  1.305   1.00 40.92 ? 202 CYS A N   1 
HETATM 1505 C  CA  . CYS C 3 .   ? 1.526   -4.191  1.172   1.00 41.93 ? 202 CYS A CA  1 
HETATM 1506 C  C   . CYS C 3 .   ? 1.482   -4.687  -0.243  1.00 41.12 ? 202 CYS A C   1 
HETATM 1507 O  O   . CYS C 3 .   ? 2.318   -4.185  -1.011  1.00 39.72 ? 202 CYS A O   1 
HETATM 1508 C  CB  . CYS C 3 .   ? 0.530   -3.077  1.400   1.00 42.28 ? 202 CYS A CB  1 
HETATM 1509 S  SG  . CYS C 3 .   ? 1.173   -2.093  2.686   1.00 45.13 ? 202 CYS A SG  1 
HETATM 1510 O  OXT . CYS C 3 .   ? 0.649   -5.568  -0.528  1.00 40.18 ? 202 CYS A OXT 1 
HETATM 1511 N  N   . CYS D 3 .   ? 1.909   9.461   10.732  1.00 51.51 ? 203 CYS A N   1 
HETATM 1512 C  CA  . CYS D 3 .   ? 1.272   8.997   9.442   1.00 51.62 ? 203 CYS A CA  1 
HETATM 1513 C  C   . CYS D 3 .   ? -0.196  9.353   9.103   1.00 52.57 ? 203 CYS A C   1 
HETATM 1514 O  O   . CYS D 3 .   ? -0.549  10.563  8.959   1.00 52.96 ? 203 CYS A O   1 
HETATM 1515 C  CB  . CYS D 3 .   ? 1.422   7.491   9.301   1.00 49.70 ? 203 CYS A CB  1 
HETATM 1516 S  SG  . CYS D 3 .   ? 3.004   7.028   8.749   1.00 45.93 ? 203 CYS A SG  1 
HETATM 1517 O  OXT . CYS D 3 .   ? -0.973  8.385   8.927   1.00 53.57 ? 203 CYS A OXT 1 
HETATM 1518 O  O   . HOH E 4 .   ? -12.138 15.480  -7.394  1.00 35.02 ? 301 HOH A O   1 
HETATM 1519 O  O   . HOH E 4 .   ? -10.588 -8.020  -3.723  1.00 16.75 ? 302 HOH A O   1 
HETATM 1520 O  O   . HOH E 4 .   ? -16.384 0.985   1.931   1.00 21.63 ? 303 HOH A O   1 
HETATM 1521 O  O   . HOH E 4 .   ? 2.276   -8.713  20.323  1.00 20.66 ? 304 HOH A O   1 
HETATM 1522 O  O   . HOH E 4 .   ? -13.634 -0.740  5.017   1.00 16.46 ? 305 HOH A O   1 
HETATM 1523 O  O   . HOH E 4 .   ? -3.756  -5.505  10.601  1.00 23.22 ? 306 HOH A O   1 
HETATM 1524 O  O   . HOH E 4 .   ? -18.732 7.806   -9.300  1.00 27.99 ? 307 HOH A O   1 
HETATM 1525 O  O   . HOH E 4 .   ? 8.424   -3.394  5.761   1.00 20.29 ? 308 HOH A O   1 
HETATM 1526 O  O   . HOH E 4 .   ? 6.546   -2.281  -6.167  1.00 32.26 ? 309 HOH A O   1 
HETATM 1527 O  O   . HOH E 4 .   ? 12.582  -14.195 9.706   1.00 22.99 ? 310 HOH A O   1 
HETATM 1528 O  O   . HOH E 4 .   ? -16.454 -8.386  -0.752  1.00 33.40 ? 311 HOH A O   1 
HETATM 1529 O  O   . HOH E 4 .   ? -10.784 7.747   1.508   1.00 34.58 ? 312 HOH A O   1 
HETATM 1530 O  O   . HOH E 4 .   ? 8.280   -9.646  15.931  1.00 27.59 ? 313 HOH A O   1 
HETATM 1531 O  O   . HOH E 4 .   ? 0.640   -15.350 10.221  1.00 26.45 ? 314 HOH A O   1 
HETATM 1532 O  O   . HOH E 4 .   ? -2.768  17.123  3.545   1.00 23.39 ? 315 HOH A O   1 
HETATM 1533 O  O   . HOH E 4 .   ? 5.749   9.745   8.423   1.00 45.12 ? 316 HOH A O   1 
HETATM 1534 O  O   . HOH E 4 .   ? -3.789  -9.597  -7.054  1.00 34.12 ? 317 HOH A O   1 
HETATM 1535 O  O   . HOH E 4 .   ? -7.028  12.740  5.982   1.00 24.59 ? 318 HOH A O   1 
HETATM 1536 O  O   . HOH E 4 .   ? -5.355  -1.535  -13.154 1.00 30.92 ? 319 HOH A O   1 
HETATM 1537 O  O   . HOH E 4 .   ? -6.626  23.097  -6.647  1.00 43.53 ? 320 HOH A O   1 
HETATM 1538 O  O   . HOH E 4 .   ? -3.570  3.778   -15.731 1.00 26.20 ? 321 HOH A O   1 
HETATM 1539 O  O   . HOH E 4 .   ? -6.838  -10.928 1.071   1.00 33.64 ? 322 HOH A O   1 
HETATM 1540 O  O   . HOH E 4 .   ? -2.687  -10.517 16.182  1.00 33.69 ? 323 HOH A O   1 
HETATM 1541 O  O   . HOH E 4 .   ? -8.036  -13.803 1.818   1.00 43.03 ? 324 HOH A O   1 
HETATM 1542 O  O   . HOH E 4 .   ? 16.587  -8.472  15.295  1.00 41.85 ? 325 HOH A O   1 
HETATM 1543 O  O   . HOH E 4 .   ? -14.972 1.053   7.199   1.00 13.76 ? 326 HOH A O   1 
HETATM 1544 O  O   . HOH E 4 .   ? 9.829   -13.758 15.867  1.00 53.45 ? 327 HOH A O   1 
HETATM 1545 O  O   . HOH E 4 .   ? 3.506   2.830   9.024   1.00 32.89 ? 328 HOH A O   1 
HETATM 1546 O  O   . HOH E 4 .   ? 13.143  -17.314 8.207   1.00 44.51 ? 329 HOH A O   1 
HETATM 1547 O  O   . HOH E 4 .   ? -7.899  -10.553 7.704   1.00 40.59 ? 330 HOH A O   1 
HETATM 1548 O  O   . HOH E 4 .   ? 10.263  18.926  -10.411 1.00 44.82 ? 331 HOH A O   1 
HETATM 1549 O  O   . HOH E 4 .   ? -18.245 5.298   7.280   1.00 62.43 ? 332 HOH A O   1 
HETATM 1550 O  O   . HOH E 4 .   ? 1.239   -13.226 7.938   1.00 31.02 ? 333 HOH A O   1 
HETATM 1551 O  O   . HOH E 4 .   ? 1.572   -9.702  -12.507 1.00 22.54 ? 334 HOH A O   1 
HETATM 1552 O  O   . HOH E 4 .   ? 13.774  19.250  3.061   1.00 61.08 ? 335 HOH A O   1 
HETATM 1553 O  O   . HOH E 4 .   ? -4.291  -9.628  -19.950 1.00 36.26 ? 336 HOH A O   1 
HETATM 1554 O  O   . HOH E 4 .   ? -8.437  12.012  -12.187 1.00 34.85 ? 337 HOH A O   1 
HETATM 1555 O  O   . HOH E 4 .   ? -14.888 6.970   4.954   1.00 42.30 ? 338 HOH A O   1 
HETATM 1556 O  O   . HOH E 4 .   ? 12.956  4.771   10.327  1.00 49.61 ? 339 HOH A O   1 
HETATM 1557 O  O   . HOH E 4 .   ? 13.485  18.579  -0.037  1.00 52.52 ? 340 HOH A O   1 
HETATM 1558 O  O   . HOH E 4 .   ? -8.737  16.418  -4.381  1.00 33.56 ? 341 HOH A O   1 
HETATM 1559 O  O   . HOH E 4 .   ? -11.404 -11.717 7.944   1.00 36.64 ? 342 HOH A O   1 
HETATM 1560 O  O   . HOH E 4 .   ? 15.313  16.919  -2.510  1.00 54.56 ? 343 HOH A O   1 
HETATM 1561 O  O   . HOH E 4 .   ? 17.091  15.386  -5.592  1.00 55.40 ? 344 HOH A O   1 
HETATM 1562 O  O   . HOH E 4 .   ? 13.276  18.199  -5.492  1.00 45.92 ? 345 HOH A O   1 
HETATM 1563 O  O   . HOH E 4 .   ? 4.211   -7.926  -13.079 1.00 47.03 ? 346 HOH A O   1 
HETATM 1564 O  O   . HOH E 4 .   ? -9.690  12.134  7.134   1.00 50.46 ? 347 HOH A O   1 
HETATM 1565 O  O   . HOH E 4 .   ? -6.223  11.792  8.609   1.00 62.80 ? 348 HOH A O   1 
HETATM 1566 O  O   . HOH E 4 .   ? -4.159  12.859  10.795  1.00 65.00 ? 349 HOH A O   1 
HETATM 1567 O  O   . HOH E 4 .   ? -4.894  8.383   -14.798 1.00 29.63 ? 350 HOH A O   1 
HETATM 1568 O  O   . HOH E 4 .   ? -2.204  7.096   -15.479 1.00 34.50 ? 351 HOH A O   1 
HETATM 1569 O  O   . HOH E 4 .   ? -15.831 3.064   -14.348 1.00 35.74 ? 352 HOH A O   1 
HETATM 1570 O  O   . HOH E 4 .   ? -16.621 -20.375 -1.656  1.00 45.83 ? 353 HOH A O   1 
HETATM 1571 O  O   . HOH E 4 .   ? -15.335 -10.947 0.310   1.00 44.91 ? 354 HOH A O   1 
HETATM 1572 O  O   . HOH E 4 .   ? -15.142 -8.929  -3.046  1.00 34.33 ? 355 HOH A O   1 
HETATM 1573 O  O   . HOH E 4 .   ? -15.974 -9.650  -5.518  1.00 38.49 ? 356 HOH A O   1 
HETATM 1574 O  O   . HOH E 4 .   ? -18.777 -6.258  -0.700  1.00 60.89 ? 357 HOH A O   1 
HETATM 1575 O  O   . HOH E 4 .   ? 0.056   -9.885  1.476   1.00 15.77 ? 358 HOH A O   1 
HETATM 1576 O  O   . HOH E 4 .   ? -7.960  -12.537 4.380   1.00 41.01 ? 359 HOH A O   1 
HETATM 1577 O  O   . HOH E 4 .   ? -5.155  -11.060 8.138   1.00 34.68 ? 360 HOH A O   1 
HETATM 1578 O  O   . HOH E 4 .   ? -5.220  -12.226 5.639   1.00 42.54 ? 361 HOH A O   1 
HETATM 1579 O  O   . HOH E 4 .   ? 13.880  -1.867  -3.525  1.00 43.51 ? 362 HOH A O   1 
HETATM 1580 O  O   . HOH E 4 .   ? -15.412 4.064   6.586   1.00 36.86 ? 363 HOH A O   1 
HETATM 1581 O  O   . HOH E 4 .   ? -12.614 8.107   9.541   1.00 41.46 ? 364 HOH A O   1 
HETATM 1582 O  O   . HOH E 4 .   ? 10.492  -10.887 17.517  1.00 49.67 ? 365 HOH A O   1 
HETATM 1583 O  O   . HOH E 4 .   ? -6.920  -3.856  16.927  1.00 49.31 ? 366 HOH A O   1 
HETATM 1584 O  O   . HOH E 4 .   ? -5.789  -7.435  18.131  1.00 55.59 ? 367 HOH A O   1 
HETATM 1585 O  O   . HOH E 4 .   ? -6.496  4.464   15.283  1.00 27.97 ? 368 HOH A O   1 
HETATM 1586 O  O   . HOH E 4 .   ? -5.205  6.744   12.286  1.00 38.19 ? 369 HOH A O   1 
HETATM 1587 O  O   . HOH E 4 .   ? 15.074  -14.189 0.075   1.00 43.65 ? 370 HOH A O   1 
HETATM 1588 O  O   . HOH E 4 .   ? 5.439   -15.965 -5.135  1.00 47.40 ? 371 HOH A O   1 
HETATM 1589 O  O   . HOH E 4 .   ? -5.418  -13.939 -12.938 1.00 51.34 ? 372 HOH A O   1 
HETATM 1590 O  O   . HOH E 4 .   ? -8.926  -12.738 -17.079 1.00 57.27 ? 373 HOH A O   1 
HETATM 1591 O  O   . HOH E 4 .   ? -1.047  -12.207 9.609   1.00 31.22 ? 374 HOH A O   1 
HETATM 1592 O  O   . HOH E 4 .   ? -14.752 7.964   0.363   1.00 44.53 ? 375 HOH A O   1 
HETATM 1593 O  O   . HOH E 4 .   ? 6.234   21.224  -3.503  1.00 40.30 ? 376 HOH A O   1 
HETATM 1594 O  O   . HOH E 4 .   ? -13.599 6.814   7.486   1.00 35.94 ? 377 HOH A O   1 
HETATM 1595 O  O   . HOH E 4 .   ? 14.730  4.035   1.522   1.00 51.97 ? 378 HOH A O   1 
HETATM 1596 O  O   . HOH E 4 .   ? -5.336  7.063   15.509  1.00 59.27 ? 379 HOH A O   1 
HETATM 1597 O  O   . HOH E 4 .   ? -4.889  -17.201 -15.214 1.00 56.73 ? 380 HOH A O   1 
HETATM 1598 O  O   . HOH E 4 .   ? -2.022  12.589  8.848   1.00 48.99 ? 381 HOH A O   1 
HETATM 1599 O  O   . HOH E 4 .   ? -5.454  20.723  -13.385 1.00 54.00 ? 382 HOH A O   1 
HETATM 1600 O  O   . HOH E 4 .   ? 15.799  -4.578  4.520   1.00 40.52 ? 383 HOH A O   1 
HETATM 1601 O  O   . HOH E 4 .   ? -17.452 1.804   -5.285  1.00 39.23 ? 384 HOH A O   1 
HETATM 1602 O  O   . HOH E 4 .   ? 1.980   -11.764 17.528  1.00 39.88 ? 385 HOH A O   1 
HETATM 1603 O  O   . HOH E 4 .   ? -14.463 -12.639 -7.859  1.00 39.18 ? 386 HOH A O   1 
HETATM 1604 O  O   . HOH E 4 .   ? -3.670  -13.521 3.582   1.00 52.59 ? 387 HOH A O   1 
HETATM 1605 O  O   . HOH E 4 .   ? 16.475  1.238   1.814   1.00 48.14 ? 388 HOH A O   1 
HETATM 1606 O  O   . HOH E 4 .   ? 14.355  1.234   5.067   1.00 32.32 ? 389 HOH A O   1 
HETATM 1607 O  O   . HOH E 4 .   ? -12.632 18.489  -7.393  1.00 42.67 ? 390 HOH A O   1 
HETATM 1608 O  O   . HOH E 4 .   ? -2.163  7.368   12.305  1.00 49.88 ? 391 HOH A O   1 
HETATM 1609 O  O   . HOH E 4 .   ? 2.393   -11.381 0.644   1.00 45.17 ? 392 HOH A O   1 
HETATM 1610 O  O   . HOH E 4 .   ? 3.826   3.532   11.852  1.00 48.88 ? 393 HOH A O   1 
HETATM 1611 O  O   . HOH E 4 .   ? 12.142  -0.174  3.022   1.00 44.92 ? 394 HOH A O   1 
HETATM 1612 O  O   . HOH E 4 .   ? 13.158  6.885   4.734   1.00 47.20 ? 395 HOH A O   1 
HETATM 1613 O  O   . HOH E 4 .   ? -11.874 20.303  1.710   1.00 48.73 ? 396 HOH A O   1 
HETATM 1614 O  O   . HOH E 4 .   ? 14.551  -3.957  -6.322  1.00 55.76 ? 397 HOH A O   1 
HETATM 1615 O  O   . HOH E 4 .   ? -16.006 -15.452 -8.210  1.00 47.98 ? 398 HOH A O   1 
HETATM 1616 O  O   . HOH E 4 .   ? 5.759   6.192   9.184   1.00 40.72 ? 399 HOH A O   1 
HETATM 1617 O  O   . HOH E 4 .   ? -1.962  -19.188 14.259  1.00 47.09 ? 400 HOH A O   1 
HETATM 1618 O  O   . HOH E 4 .   ? 10.507  13.601  5.675   1.00 30.36 ? 401 HOH A O   1 
HETATM 1619 O  O   . HOH E 4 .   ? -15.274 -0.502  -5.953  1.00 56.00 ? 402 HOH A O   1 
HETATM 1620 O  O   . HOH E 4 .   ? -5.177  -12.864 10.878  1.00 44.99 ? 403 HOH A O   1 
HETATM 1621 O  O   . HOH E 4 .   ? 0.100   29.324  5.043   1.00 38.71 ? 404 HOH A O   1 
HETATM 1622 O  O   . HOH E 4 .   ? 11.398  -18.523 0.832   1.00 38.51 ? 405 HOH A O   1 
HETATM 1623 O  O   . HOH E 4 .   ? 20.087  10.821  -4.372  1.00 36.62 ? 406 HOH A O   1 
HETATM 1624 O  O   . HOH E 4 .   ? 11.830  -16.755 13.200  1.00 55.55 ? 407 HOH A O   1 
HETATM 1625 O  O   . HOH E 4 .   ? -15.948 5.816   -12.688 1.00 53.23 ? 408 HOH A O   1 
HETATM 1626 O  O   . HOH E 4 .   ? 1.115   -13.433 -5.668  1.00 54.02 ? 409 HOH A O   1 
HETATM 1627 O  O   . HOH E 4 .   ? 13.519  -6.627  3.122   1.00 52.26 ? 410 HOH A O   1 
HETATM 1628 O  O   . HOH E 4 .   ? -9.678  -4.707  16.122  1.00 55.93 ? 411 HOH A O   1 
HETATM 1629 O  O   . HOH E 4 .   ? -17.462 5.255   -9.133  1.00 46.00 ? 412 HOH A O   1 
HETATM 1630 O  O   . HOH E 4 .   ? 5.395   -3.061  -12.890 1.00 44.01 ? 413 HOH A O   1 
HETATM 1631 O  O   . HOH E 4 .   ? -6.947  17.027  -13.606 1.00 57.11 ? 414 HOH A O   1 
HETATM 1632 O  O   . HOH E 4 .   ? 4.936   15.816  -14.528 1.00 50.43 ? 415 HOH A O   1 
HETATM 1633 O  O   . HOH E 4 .   ? 2.127   3.734   18.522  1.00 54.96 ? 416 HOH A O   1 
HETATM 1634 O  O   . HOH E 4 .   ? -16.186 12.327  -3.276  1.00 42.97 ? 417 HOH A O   1 
HETATM 1635 O  O   . HOH E 4 .   ? 20.438  -11.963 14.636  1.00 57.33 ? 418 HOH A O   1 
HETATM 1636 O  O   . HOH E 4 .   ? -15.733 5.305   2.730   1.00 35.53 ? 419 HOH A O   1 
HETATM 1637 O  O   . HOH E 4 .   ? 10.784  -20.472 11.880  1.00 58.06 ? 420 HOH A O   1 
HETATM 1638 O  O   . HOH E 4 .   ? 3.585   13.707  6.131   1.00 56.25 ? 421 HOH A O   1 
HETATM 1639 O  O   . HOH E 4 .   ? -11.006 13.647  4.323   1.00 31.70 ? 422 HOH A O   1 
HETATM 1640 O  O   . HOH E 4 .   ? 16.211  0.422   -2.651  1.00 48.35 ? 423 HOH A O   1 
HETATM 1641 O  O   . HOH E 4 .   ? 11.560  -23.899 15.520  1.00 55.16 ? 424 HOH A O   1 
HETATM 1642 O  O   . HOH E 4 .   ? -12.974 -16.580 8.955   1.00 44.29 ? 425 HOH A O   1 
HETATM 1643 O  O   . HOH E 4 .   ? 21.473  -18.120 14.642  1.00 54.83 ? 426 HOH A O   1 
HETATM 1644 O  O   . HOH E 4 .   ? 0.983   -9.152  -17.149 1.00 37.72 ? 427 HOH A O   1 
HETATM 1645 O  O   . HOH E 4 .   ? 7.359   -17.343 21.610  1.00 47.75 ? 428 HOH A O   1 
HETATM 1646 O  O   . HOH E 4 .   ? 20.370  18.588  -0.797  1.00 51.19 ? 429 HOH A O   1 
HETATM 1647 O  O   . HOH E 4 .   ? 8.018   1.613   -12.271 1.00 44.35 ? 430 HOH A O   1 
HETATM 1648 O  O   . HOH E 4 .   ? 6.920   -8.351  -9.868  1.00 53.68 ? 431 HOH A O   1 
# 
